data_2A2P
#
_entry.id   2A2P
#
_entity_poly.entity_id   1
_entity_poly.type   'polypeptide(L)'
_entity_poly.pdbx_seq_one_letter_code
;MTNYRPDWNRLRGLARGRVETCGGCQLNRLKEVKAFVTEDIQLYHNLVMKHLPGADPELVLLSRNYQELERIPLSQMTRD
EINALVQELGFYRKSAPEAQVPPEYLWAPAKPPEEASEHDDLEHHHHHH
;
_entity_poly.pdbx_strand_id   A
#
# COMPACT_ATOMS: atom_id res chain seq x y z
N MET A 1 13.77 3.77 19.66
CA MET A 1 13.62 4.78 18.57
C MET A 1 13.23 4.10 17.26
N THR A 2 13.10 2.78 17.31
CA THR A 2 12.73 2.00 16.12
C THR A 2 13.78 2.14 15.01
N ASN A 3 13.66 3.20 14.23
CA ASN A 3 14.59 3.45 13.13
C ASN A 3 14.65 2.25 12.18
N TYR A 4 13.49 1.85 11.68
CA TYR A 4 13.39 0.71 10.77
C TYR A 4 13.34 1.18 9.32
N ARG A 5 13.85 0.33 8.43
CA ARG A 5 13.86 0.61 6.99
C ARG A 5 13.63 -0.67 6.20
N PRO A 6 12.76 -0.62 5.17
CA PRO A 6 12.44 -1.77 4.33
C PRO A 6 13.57 -2.12 3.38
N ASP A 7 13.34 -3.14 2.56
CA ASP A 7 14.32 -3.57 1.57
C ASP A 7 13.91 -3.06 0.20
N TRP A 8 13.99 -1.75 0.02
CA TRP A 8 13.61 -1.11 -1.24
C TRP A 8 14.24 -1.81 -2.44
N ASN A 9 15.42 -2.39 -2.24
CA ASN A 9 16.11 -3.10 -3.32
C ASN A 9 15.37 -4.39 -3.63
N ARG A 10 14.81 -4.99 -2.60
CA ARG A 10 14.05 -6.23 -2.72
C ARG A 10 12.59 -5.94 -3.04
N LEU A 11 12.18 -4.71 -2.76
CA LEU A 11 10.80 -4.27 -2.99
C LEU A 11 10.62 -3.68 -4.39
N ARG A 12 11.72 -3.30 -5.00
CA ARG A 12 11.70 -2.71 -6.35
C ARG A 12 10.61 -3.33 -7.22
N GLY A 13 9.68 -2.49 -7.65
CA GLY A 13 8.58 -2.95 -8.49
C GLY A 13 7.23 -2.83 -7.83
N LEU A 14 7.24 -2.66 -6.51
CA LEU A 14 6.02 -2.53 -5.73
C LEU A 14 5.15 -1.40 -6.28
N ALA A 15 4.03 -1.76 -6.88
CA ALA A 15 3.10 -0.77 -7.43
C ALA A 15 1.74 -0.89 -6.75
N ARG A 16 1.55 -1.95 -5.97
CA ARG A 16 0.28 -2.17 -5.27
C ARG A 16 0.46 -3.11 -4.09
N GLY A 17 -0.57 -3.15 -3.23
CA GLY A 17 -0.51 -4.02 -2.06
C GLY A 17 -1.86 -4.67 -1.75
N ARG A 18 -1.81 -5.92 -1.28
CA ARG A 18 -3.02 -6.65 -0.94
C ARG A 18 -2.81 -7.41 0.38
N VAL A 19 -3.79 -7.33 1.26
CA VAL A 19 -3.72 -8.00 2.55
C VAL A 19 -4.46 -9.33 2.56
N GLU A 20 -3.74 -10.40 2.86
CA GLU A 20 -4.32 -11.73 2.92
C GLU A 20 -4.63 -12.13 4.36
N THR A 21 -5.83 -12.65 4.58
CA THR A 21 -6.25 -13.07 5.91
C THR A 21 -7.46 -13.98 5.87
N CYS A 22 -7.54 -14.92 6.81
CA CYS A 22 -8.65 -15.86 6.89
C CYS A 22 -9.98 -15.12 6.99
N GLY A 23 -10.81 -15.28 5.97
CA GLY A 23 -12.11 -14.63 5.95
C GLY A 23 -13.04 -15.16 7.01
N GLY A 24 -13.01 -16.48 7.22
CA GLY A 24 -13.88 -17.10 8.21
C GLY A 24 -13.31 -16.98 9.62
N CYS A 25 -12.26 -16.18 9.76
CA CYS A 25 -11.61 -15.99 11.06
C CYS A 25 -11.69 -14.53 11.48
N GLN A 26 -11.38 -14.27 12.75
CA GLN A 26 -11.41 -12.91 13.28
C GLN A 26 -10.09 -12.58 14.00
N LEU A 27 -9.75 -11.30 14.02
CA LEU A 27 -8.53 -10.84 14.66
C LEU A 27 -8.83 -10.14 15.98
N ASN A 28 -9.78 -10.70 16.74
CA ASN A 28 -10.15 -10.13 18.03
C ASN A 28 -8.90 -9.88 18.88
N ARG A 29 -8.06 -10.91 18.98
CA ARG A 29 -6.82 -10.82 19.73
C ARG A 29 -5.94 -9.70 19.20
N LEU A 30 -5.98 -9.51 17.89
CA LEU A 30 -5.19 -8.47 17.24
C LEU A 30 -6.04 -7.23 16.95
N LYS A 31 -6.81 -6.80 17.97
CA LYS A 31 -7.69 -5.65 17.85
C LYS A 31 -7.12 -4.59 16.92
N GLU A 32 -5.85 -4.29 17.10
CA GLU A 32 -5.18 -3.30 16.25
C GLU A 32 -5.27 -3.76 14.80
N VAL A 33 -4.56 -4.84 14.47
CA VAL A 33 -4.58 -5.41 13.12
C VAL A 33 -5.97 -5.35 12.49
N LYS A 34 -6.95 -5.98 13.14
CA LYS A 34 -8.32 -5.99 12.64
C LYS A 34 -8.75 -4.62 12.13
N ALA A 35 -8.39 -3.58 12.88
CA ALA A 35 -8.74 -2.22 12.50
C ALA A 35 -8.23 -1.90 11.10
N PHE A 36 -6.90 -1.90 10.95
CA PHE A 36 -6.26 -1.65 9.66
C PHE A 36 -6.95 -2.40 8.53
N VAL A 37 -7.35 -3.62 8.82
CA VAL A 37 -8.00 -4.47 7.83
C VAL A 37 -9.52 -4.47 7.99
N THR A 38 -10.10 -3.27 8.06
CA THR A 38 -11.55 -3.13 8.22
C THR A 38 -12.01 -1.72 7.90
N GLU A 39 -11.23 -0.73 8.32
CA GLU A 39 -11.60 0.66 8.11
C GLU A 39 -10.70 1.34 7.07
N ASP A 40 -9.43 1.51 7.40
CA ASP A 40 -8.50 2.18 6.51
C ASP A 40 -8.19 1.38 5.25
N ILE A 41 -8.12 0.07 5.38
CA ILE A 41 -7.82 -0.80 4.25
C ILE A 41 -8.68 -0.50 3.02
N GLN A 42 -9.84 0.14 3.23
CA GLN A 42 -10.73 0.46 2.12
C GLN A 42 -10.44 1.87 1.62
N LEU A 43 -9.91 2.68 2.52
CA LEU A 43 -9.57 4.07 2.21
C LEU A 43 -8.23 4.16 1.49
N TYR A 44 -7.38 3.16 1.71
CA TYR A 44 -6.07 3.12 1.08
C TYR A 44 -6.17 2.60 -0.35
N HIS A 45 -5.89 3.47 -1.31
CA HIS A 45 -5.94 3.09 -2.72
C HIS A 45 -4.99 1.92 -3.01
N ASN A 46 -5.27 1.20 -4.09
CA ASN A 46 -4.45 0.06 -4.50
C ASN A 46 -4.13 -0.87 -3.33
N LEU A 47 -4.94 -0.79 -2.28
CA LEU A 47 -4.77 -1.63 -1.10
C LEU A 47 -6.10 -2.30 -0.77
N VAL A 48 -6.24 -3.55 -1.19
CA VAL A 48 -7.48 -4.29 -0.97
C VAL A 48 -7.30 -5.43 0.02
N MET A 49 -8.40 -5.83 0.65
CA MET A 49 -8.37 -6.93 1.62
C MET A 49 -8.74 -8.25 0.93
N LYS A 50 -8.26 -9.35 1.50
CA LYS A 50 -8.55 -10.66 0.93
C LYS A 50 -9.03 -11.64 1.99
N HIS A 51 -9.92 -12.54 1.59
CA HIS A 51 -10.48 -13.54 2.49
C HIS A 51 -10.03 -14.94 2.08
N LEU A 52 -8.93 -15.42 2.67
CA LEU A 52 -8.41 -16.75 2.36
C LEU A 52 -9.04 -17.80 3.25
N PRO A 53 -9.02 -19.09 2.83
CA PRO A 53 -9.59 -20.19 3.62
C PRO A 53 -9.13 -20.15 5.07
N GLY A 54 -7.82 -20.02 5.27
CA GLY A 54 -7.27 -19.98 6.61
C GLY A 54 -5.80 -19.57 6.62
N ALA A 55 -5.55 -18.28 6.46
CA ALA A 55 -4.19 -17.76 6.45
C ALA A 55 -4.00 -16.66 7.49
N ASP A 56 -2.78 -16.16 7.60
CA ASP A 56 -2.46 -15.10 8.55
C ASP A 56 -2.57 -13.73 7.90
N PRO A 57 -2.91 -12.68 8.69
CA PRO A 57 -3.05 -11.32 8.17
C PRO A 57 -1.71 -10.70 7.80
N GLU A 58 -1.28 -10.91 6.56
CA GLU A 58 -0.02 -10.36 6.09
C GLU A 58 -0.21 -9.53 4.84
N LEU A 59 0.54 -8.43 4.74
CA LEU A 59 0.45 -7.55 3.58
C LEU A 59 1.20 -8.18 2.41
N VAL A 60 0.74 -7.90 1.19
CA VAL A 60 1.37 -8.44 -0.01
C VAL A 60 1.68 -7.35 -1.02
N LEU A 61 2.88 -6.79 -0.94
CA LEU A 61 3.28 -5.75 -1.88
C LEU A 61 3.59 -6.36 -3.23
N LEU A 62 2.60 -6.38 -4.10
CA LEU A 62 2.74 -6.95 -5.44
C LEU A 62 3.34 -5.94 -6.42
N SER A 63 3.51 -6.38 -7.67
CA SER A 63 4.07 -5.52 -8.71
C SER A 63 3.06 -5.33 -9.84
N ARG A 64 2.13 -4.41 -9.62
CA ARG A 64 1.08 -4.09 -10.60
C ARG A 64 0.30 -5.32 -11.08
N ASN A 65 0.92 -6.12 -11.93
CA ASN A 65 0.30 -7.33 -12.48
C ASN A 65 0.09 -8.41 -11.41
N TYR A 66 -0.04 -8.00 -10.16
CA TYR A 66 -0.25 -8.93 -9.06
C TYR A 66 0.96 -9.84 -8.88
N GLN A 67 2.12 -9.33 -9.24
CA GLN A 67 3.37 -10.09 -9.10
C GLN A 67 3.91 -9.95 -7.68
N GLU A 68 3.27 -10.66 -6.75
CA GLU A 68 3.68 -10.64 -5.34
C GLU A 68 5.20 -10.57 -5.20
N LEU A 69 5.66 -9.42 -4.74
CA LEU A 69 7.09 -9.18 -4.56
C LEU A 69 7.56 -9.52 -3.15
N GLU A 70 6.74 -9.17 -2.17
CA GLU A 70 7.09 -9.41 -0.78
C GLU A 70 5.85 -9.44 0.11
N ARG A 71 5.94 -10.21 1.20
CA ARG A 71 4.85 -10.32 2.15
C ARG A 71 5.38 -10.17 3.58
N ILE A 72 4.76 -9.28 4.35
CA ILE A 72 5.18 -9.02 5.72
C ILE A 72 4.01 -9.16 6.69
N PRO A 73 4.24 -9.81 7.86
CA PRO A 73 3.19 -9.99 8.86
C PRO A 73 2.76 -8.68 9.51
N LEU A 74 1.48 -8.62 9.88
CA LEU A 74 0.93 -7.42 10.51
C LEU A 74 0.40 -7.74 11.91
N SER A 75 0.22 -9.03 12.17
CA SER A 75 -0.29 -9.49 13.47
C SER A 75 0.65 -9.11 14.60
N GLN A 76 1.92 -8.92 14.28
CA GLN A 76 2.91 -8.57 15.27
C GLN A 76 2.91 -7.08 15.59
N MET A 77 2.76 -6.26 14.55
CA MET A 77 2.74 -4.81 14.71
C MET A 77 1.34 -4.33 15.06
N THR A 78 1.22 -3.03 15.37
CA THR A 78 -0.07 -2.46 15.73
C THR A 78 -0.58 -1.58 14.59
N ARG A 79 -1.89 -1.39 14.53
CA ARG A 79 -2.51 -0.58 13.48
C ARG A 79 -1.73 0.71 13.23
N ASP A 80 -1.42 1.42 14.31
CA ASP A 80 -0.68 2.68 14.20
C ASP A 80 0.64 2.49 13.46
N GLU A 81 1.33 1.38 13.74
CA GLU A 81 2.60 1.08 13.10
C GLU A 81 2.39 0.60 11.67
N ILE A 82 1.41 -0.27 11.48
CA ILE A 82 1.11 -0.82 10.16
C ILE A 82 0.72 0.28 9.19
N ASN A 83 0.10 1.34 9.71
CA ASN A 83 -0.33 2.46 8.86
C ASN A 83 0.88 3.29 8.45
N ALA A 84 1.83 3.39 9.38
CA ALA A 84 3.05 4.15 9.14
C ALA A 84 3.78 3.58 7.93
N LEU A 85 3.89 2.25 7.90
CA LEU A 85 4.55 1.56 6.79
C LEU A 85 3.90 1.89 5.46
N VAL A 86 2.58 1.72 5.39
CA VAL A 86 1.83 1.99 4.15
C VAL A 86 2.15 3.39 3.64
N GLN A 87 2.20 4.35 4.56
CA GLN A 87 2.49 5.73 4.20
C GLN A 87 3.94 5.87 3.74
N GLU A 88 4.81 5.13 4.42
CA GLU A 88 6.23 5.13 4.09
C GLU A 88 6.45 4.76 2.63
N LEU A 89 5.67 3.79 2.15
CA LEU A 89 5.78 3.34 0.77
C LEU A 89 5.33 4.42 -0.19
N GLY A 90 4.11 4.91 0.01
CA GLY A 90 3.57 5.96 -0.85
C GLY A 90 2.08 5.79 -1.11
N PHE A 91 1.47 4.79 -0.48
CA PHE A 91 0.05 4.54 -0.66
C PHE A 91 -0.77 5.79 -0.35
N TYR A 92 -1.91 5.92 -1.01
CA TYR A 92 -2.79 7.07 -0.80
C TYR A 92 -3.92 6.72 0.15
N ARG A 93 -4.38 7.71 0.91
CA ARG A 93 -5.46 7.50 1.86
C ARG A 93 -6.54 8.58 1.70
N LYS A 94 -7.79 8.14 1.56
CA LYS A 94 -8.91 9.07 1.40
C LYS A 94 -9.84 9.00 2.61
N SER A 95 -10.92 9.78 2.55
CA SER A 95 -11.89 9.81 3.64
C SER A 95 -13.02 8.83 3.38
N ALA A 96 -13.20 8.47 2.11
CA ALA A 96 -14.25 7.53 1.72
C ALA A 96 -13.82 6.72 0.51
N PRO A 97 -14.44 5.54 0.30
CA PRO A 97 -14.12 4.66 -0.83
C PRO A 97 -14.55 5.28 -2.15
N GLU A 98 -15.63 6.04 -2.13
CA GLU A 98 -16.14 6.69 -3.33
C GLU A 98 -15.39 7.99 -3.62
N ALA A 99 -14.43 8.32 -2.76
CA ALA A 99 -13.64 9.54 -2.93
C ALA A 99 -12.68 9.41 -4.10
N GLN A 100 -12.17 10.54 -4.57
CA GLN A 100 -11.24 10.55 -5.69
C GLN A 100 -9.80 10.68 -5.21
N VAL A 101 -8.88 10.82 -6.16
CA VAL A 101 -7.47 10.94 -5.85
C VAL A 101 -6.80 11.99 -6.75
N PRO A 102 -6.11 12.99 -6.17
CA PRO A 102 -5.44 14.04 -6.94
C PRO A 102 -4.40 13.47 -7.91
N PRO A 103 -4.02 14.24 -8.95
CA PRO A 103 -3.03 13.80 -9.93
C PRO A 103 -1.70 13.44 -9.30
N GLU A 104 -1.40 14.10 -8.18
CA GLU A 104 -0.15 13.85 -7.45
C GLU A 104 0.00 12.37 -7.14
N TYR A 105 -1.05 11.77 -6.59
CA TYR A 105 -1.04 10.36 -6.24
C TYR A 105 -2.01 9.57 -7.10
N LEU A 106 -2.25 10.07 -8.31
CA LEU A 106 -3.16 9.42 -9.25
C LEU A 106 -2.74 7.98 -9.54
N TRP A 107 -1.46 7.78 -9.82
CA TRP A 107 -0.94 6.45 -10.13
C TRP A 107 -0.23 5.85 -8.92
N ALA A 108 -0.12 6.64 -7.85
CA ALA A 108 0.52 6.17 -6.63
C ALA A 108 0.05 4.77 -6.25
N PRO A 109 0.93 3.95 -5.63
CA PRO A 109 2.30 4.33 -5.27
C PRO A 109 3.25 4.21 -6.46
N ALA A 110 2.69 4.00 -7.65
CA ALA A 110 3.49 3.88 -8.86
C ALA A 110 3.82 5.24 -9.45
N LYS A 111 4.81 5.27 -10.34
CA LYS A 111 5.23 6.51 -10.98
C LYS A 111 4.50 6.73 -12.30
N PRO A 112 4.25 7.99 -12.67
CA PRO A 112 3.54 8.32 -13.92
C PRO A 112 4.32 7.89 -15.16
N PRO A 113 3.62 7.60 -16.27
CA PRO A 113 4.26 7.18 -17.52
C PRO A 113 5.28 8.19 -18.04
N GLU A 114 6.30 7.70 -18.72
CA GLU A 114 7.33 8.56 -19.28
C GLU A 114 6.74 9.58 -20.23
N GLU A 115 6.09 9.08 -21.28
CA GLU A 115 5.46 9.94 -22.28
C GLU A 115 4.26 10.67 -21.69
N ALA A 116 4.51 11.75 -20.97
CA ALA A 116 3.45 12.54 -20.36
C ALA A 116 3.98 13.88 -19.84
N SER A 117 5.16 13.83 -19.24
CA SER A 117 5.79 15.04 -18.71
C SER A 117 7.00 15.45 -19.54
N GLU A 118 7.20 14.74 -20.65
CA GLU A 118 8.33 15.02 -21.54
C GLU A 118 7.86 15.76 -22.79
N HIS A 119 8.56 16.84 -23.12
CA HIS A 119 8.21 17.64 -24.29
C HIS A 119 9.46 18.26 -24.91
N ASP A 120 9.51 18.28 -26.23
CA ASP A 120 10.66 18.84 -26.94
C ASP A 120 10.22 19.52 -28.24
N ASP A 121 9.06 19.12 -28.74
CA ASP A 121 8.53 19.69 -29.97
C ASP A 121 7.45 20.73 -29.68
N LEU A 122 7.71 21.58 -28.69
CA LEU A 122 6.76 22.62 -28.31
C LEU A 122 6.82 23.79 -29.28
N GLU A 123 5.92 23.82 -30.25
CA GLU A 123 5.86 24.88 -31.24
C GLU A 123 7.20 25.00 -31.97
N HIS A 124 7.86 23.87 -32.19
CA HIS A 124 9.15 23.82 -32.88
C HIS A 124 10.24 24.52 -32.07
N HIS A 125 9.86 25.20 -30.99
CA HIS A 125 10.82 25.90 -30.14
C HIS A 125 11.75 26.76 -30.97
N HIS A 126 11.27 27.94 -31.37
CA HIS A 126 12.07 28.86 -32.17
C HIS A 126 11.79 30.31 -31.75
N HIS A 127 10.64 30.82 -32.14
CA HIS A 127 10.26 32.19 -31.80
C HIS A 127 8.74 32.32 -31.66
N HIS A 128 8.30 33.10 -30.69
CA HIS A 128 6.88 33.31 -30.44
C HIS A 128 6.59 34.75 -30.04
N HIS A 129 5.61 35.35 -30.70
CA HIS A 129 5.24 36.74 -30.42
C HIS A 129 4.48 36.84 -29.10
N MET A 1 18.75 8.06 16.80
CA MET A 1 19.48 6.77 16.70
C MET A 1 18.65 5.72 15.98
N THR A 2 19.14 5.28 14.81
CA THR A 2 18.45 4.28 14.02
C THR A 2 17.05 4.77 13.62
N ASN A 3 16.95 5.33 12.42
CA ASN A 3 15.68 5.83 11.92
C ASN A 3 14.94 4.77 11.13
N TYR A 4 15.55 3.59 11.02
CA TYR A 4 14.97 2.46 10.29
C TYR A 4 14.84 2.78 8.80
N ARG A 5 14.94 1.74 7.98
CA ARG A 5 14.83 1.86 6.55
C ARG A 5 14.40 0.51 5.95
N PRO A 6 13.45 0.52 4.99
CA PRO A 6 12.93 -0.71 4.38
C PRO A 6 13.94 -1.39 3.45
N ASP A 7 13.46 -2.38 2.72
CA ASP A 7 14.30 -3.11 1.78
C ASP A 7 13.92 -2.73 0.36
N TRP A 8 14.21 -1.49 -0.02
CA TRP A 8 13.90 -0.99 -1.36
C TRP A 8 14.54 -1.86 -2.44
N ASN A 9 15.68 -2.47 -2.11
CA ASN A 9 16.37 -3.33 -3.05
C ASN A 9 15.61 -4.65 -3.20
N ARG A 10 14.53 -4.76 -2.42
CA ARG A 10 13.68 -5.93 -2.43
C ARG A 10 12.22 -5.53 -2.66
N LEU A 11 11.94 -4.24 -2.46
CA LEU A 11 10.60 -3.70 -2.64
C LEU A 11 10.41 -3.11 -4.04
N ARG A 12 11.52 -2.74 -4.66
CA ARG A 12 11.50 -2.14 -5.99
C ARG A 12 10.48 -2.82 -6.90
N GLY A 13 9.65 -2.01 -7.55
CA GLY A 13 8.63 -2.54 -8.45
C GLY A 13 7.26 -2.53 -7.82
N LEU A 14 7.20 -2.48 -6.50
CA LEU A 14 5.94 -2.47 -5.77
C LEU A 14 5.04 -1.34 -6.26
N ALA A 15 3.92 -1.72 -6.88
CA ALA A 15 2.97 -0.74 -7.39
C ALA A 15 1.64 -0.83 -6.62
N ARG A 16 1.48 -1.87 -5.81
CA ARG A 16 0.26 -2.04 -5.02
C ARG A 16 0.45 -3.07 -3.90
N GLY A 17 -0.55 -3.16 -3.02
CA GLY A 17 -0.48 -4.08 -1.91
C GLY A 17 -1.83 -4.73 -1.61
N ARG A 18 -1.79 -5.98 -1.16
CA ARG A 18 -3.00 -6.70 -0.81
C ARG A 18 -2.82 -7.45 0.52
N VAL A 19 -3.82 -7.37 1.37
CA VAL A 19 -3.77 -8.01 2.67
C VAL A 19 -4.52 -9.34 2.68
N GLU A 20 -3.80 -10.42 2.95
CA GLU A 20 -4.39 -11.76 2.97
C GLU A 20 -4.54 -12.28 4.41
N THR A 21 -5.74 -12.68 4.77
CA THR A 21 -6.00 -13.22 6.11
C THR A 21 -7.23 -14.12 6.16
N CYS A 22 -7.22 -15.06 7.10
CA CYS A 22 -8.32 -16.00 7.26
C CYS A 22 -9.66 -15.27 7.45
N GLY A 23 -10.70 -15.82 6.84
CA GLY A 23 -12.02 -15.23 6.94
C GLY A 23 -12.84 -15.84 8.05
N GLY A 24 -13.51 -15.00 8.83
CA GLY A 24 -14.32 -15.48 9.93
C GLY A 24 -13.62 -15.36 11.26
N CYS A 25 -12.29 -15.28 11.22
CA CYS A 25 -11.49 -15.16 12.43
C CYS A 25 -11.85 -13.89 13.18
N GLN A 26 -12.32 -12.89 12.44
CA GLN A 26 -12.71 -11.59 13.00
C GLN A 26 -11.51 -10.79 13.48
N LEU A 27 -10.39 -11.46 13.70
CA LEU A 27 -9.16 -10.81 14.18
C LEU A 27 -9.42 -10.05 15.47
N ASN A 28 -10.48 -10.44 16.18
CA ASN A 28 -10.84 -9.80 17.44
C ASN A 28 -9.65 -9.76 18.39
N ARG A 29 -8.98 -10.90 18.52
CA ARG A 29 -7.81 -11.02 19.38
C ARG A 29 -6.77 -9.97 19.04
N LEU A 30 -6.64 -9.66 17.75
CA LEU A 30 -5.68 -8.67 17.29
C LEU A 30 -6.37 -7.35 17.00
N LYS A 31 -7.01 -6.77 18.03
CA LYS A 31 -7.73 -5.51 17.93
C LYS A 31 -7.10 -4.58 16.91
N GLU A 32 -5.79 -4.46 16.96
CA GLU A 32 -5.08 -3.63 16.02
C GLU A 32 -5.34 -4.11 14.59
N VAL A 33 -4.79 -5.27 14.26
CA VAL A 33 -4.98 -5.88 12.94
C VAL A 33 -6.40 -5.65 12.41
N LYS A 34 -7.38 -6.26 13.07
CA LYS A 34 -8.78 -6.12 12.68
C LYS A 34 -9.10 -4.71 12.19
N ALA A 35 -8.60 -3.71 12.91
CA ALA A 35 -8.84 -2.32 12.55
C ALA A 35 -8.33 -2.01 11.15
N PHE A 36 -7.01 -2.06 10.97
CA PHE A 36 -6.39 -1.78 9.67
C PHE A 36 -7.14 -2.46 8.54
N VAL A 37 -7.61 -3.68 8.80
CA VAL A 37 -8.33 -4.45 7.80
C VAL A 37 -9.84 -4.40 8.01
N THR A 38 -10.38 -3.18 8.06
CA THR A 38 -11.82 -2.99 8.24
C THR A 38 -12.24 -1.58 7.81
N GLU A 39 -11.46 -0.59 8.20
CA GLU A 39 -11.77 0.79 7.87
C GLU A 39 -10.69 1.42 6.99
N ASP A 40 -9.44 1.36 7.45
CA ASP A 40 -8.32 1.96 6.73
C ASP A 40 -8.03 1.25 5.40
N ILE A 41 -8.06 -0.08 5.41
CA ILE A 41 -7.78 -0.85 4.20
C ILE A 41 -8.67 -0.46 3.01
N GLN A 42 -9.82 0.13 3.28
CA GLN A 42 -10.74 0.53 2.22
C GLN A 42 -10.43 1.95 1.75
N LEU A 43 -9.70 2.68 2.57
CA LEU A 43 -9.34 4.06 2.27
C LEU A 43 -7.97 4.11 1.62
N TYR A 44 -7.15 3.11 1.91
CA TYR A 44 -5.81 3.04 1.35
C TYR A 44 -5.85 2.58 -0.10
N HIS A 45 -5.54 3.49 -1.01
CA HIS A 45 -5.53 3.18 -2.45
C HIS A 45 -4.56 2.05 -2.76
N ASN A 46 -4.92 1.24 -3.75
CA ASN A 46 -4.09 0.10 -4.17
C ASN A 46 -3.92 -0.89 -3.03
N LEU A 47 -4.82 -0.84 -2.05
CA LEU A 47 -4.77 -1.76 -0.92
C LEU A 47 -6.11 -2.44 -0.74
N VAL A 48 -6.22 -3.66 -1.25
CA VAL A 48 -7.46 -4.42 -1.17
C VAL A 48 -7.38 -5.53 -0.12
N MET A 49 -8.54 -5.85 0.46
CA MET A 49 -8.64 -6.90 1.46
C MET A 49 -9.11 -8.20 0.82
N LYS A 50 -8.64 -9.33 1.35
CA LYS A 50 -8.99 -10.64 0.81
C LYS A 50 -8.88 -11.71 1.88
N HIS A 51 -9.90 -12.55 1.94
CA HIS A 51 -9.95 -13.62 2.93
C HIS A 51 -9.48 -14.95 2.35
N LEU A 52 -8.51 -15.57 3.03
CA LEU A 52 -7.98 -16.86 2.60
C LEU A 52 -8.61 -17.98 3.43
N PRO A 53 -8.65 -19.21 2.90
CA PRO A 53 -9.23 -20.36 3.60
C PRO A 53 -8.73 -20.46 5.04
N GLY A 54 -7.41 -20.39 5.22
CA GLY A 54 -6.83 -20.47 6.54
C GLY A 54 -5.37 -20.05 6.56
N ALA A 55 -5.14 -18.75 6.50
CA ALA A 55 -3.77 -18.21 6.51
C ALA A 55 -3.62 -17.10 7.54
N ASP A 56 -2.42 -16.52 7.60
CA ASP A 56 -2.14 -15.45 8.54
C ASP A 56 -2.27 -14.08 7.86
N PRO A 57 -2.67 -13.05 8.62
CA PRO A 57 -2.84 -11.69 8.07
C PRO A 57 -1.52 -11.03 7.72
N GLU A 58 -1.13 -11.11 6.45
CA GLU A 58 0.13 -10.51 6.01
C GLU A 58 -0.09 -9.62 4.79
N LEU A 59 0.65 -8.52 4.74
CA LEU A 59 0.55 -7.59 3.62
C LEU A 59 1.26 -8.18 2.42
N VAL A 60 0.78 -7.88 1.22
CA VAL A 60 1.39 -8.40 0.01
C VAL A 60 1.70 -7.28 -0.98
N LEU A 61 2.87 -6.68 -0.87
CA LEU A 61 3.27 -5.61 -1.78
C LEU A 61 3.60 -6.20 -3.14
N LEU A 62 2.59 -6.25 -4.01
CA LEU A 62 2.77 -6.81 -5.34
C LEU A 62 3.35 -5.78 -6.30
N SER A 63 3.51 -6.18 -7.56
CA SER A 63 4.03 -5.31 -8.60
C SER A 63 3.00 -5.20 -9.72
N ARG A 64 1.97 -4.41 -9.47
CA ARG A 64 0.87 -4.26 -10.42
C ARG A 64 0.23 -5.61 -10.73
N ASN A 65 -1.07 -5.60 -10.98
CA ASN A 65 -1.80 -6.83 -11.28
C ASN A 65 -1.79 -7.77 -10.07
N TYR A 66 -0.68 -8.47 -9.86
CA TYR A 66 -0.57 -9.40 -8.73
C TYR A 66 0.82 -10.04 -8.61
N GLN A 67 1.86 -9.35 -9.05
CA GLN A 67 3.23 -9.88 -8.96
C GLN A 67 3.80 -9.71 -7.56
N GLU A 68 3.17 -10.38 -6.59
CA GLU A 68 3.60 -10.34 -5.19
C GLU A 68 5.13 -10.30 -5.07
N LEU A 69 5.65 -9.18 -4.62
CA LEU A 69 7.10 -8.99 -4.48
C LEU A 69 7.57 -9.30 -3.06
N GLU A 70 6.78 -8.89 -2.07
CA GLU A 70 7.15 -9.10 -0.67
C GLU A 70 5.91 -9.19 0.21
N ARG A 71 6.00 -10.01 1.25
CA ARG A 71 4.90 -10.19 2.18
C ARG A 71 5.41 -10.18 3.63
N ILE A 72 4.74 -9.42 4.49
CA ILE A 72 5.13 -9.33 5.89
C ILE A 72 3.91 -9.38 6.81
N PRO A 73 3.99 -10.13 7.93
CA PRO A 73 2.89 -10.25 8.87
C PRO A 73 2.46 -8.89 9.45
N LEU A 74 1.20 -8.80 9.83
CA LEU A 74 0.66 -7.56 10.39
C LEU A 74 0.20 -7.79 11.83
N SER A 75 0.21 -9.05 12.24
CA SER A 75 -0.20 -9.43 13.60
C SER A 75 0.93 -9.17 14.60
N GLN A 76 1.86 -8.31 14.24
CA GLN A 76 2.97 -7.97 15.11
C GLN A 76 2.93 -6.52 15.54
N MET A 77 2.81 -5.63 14.55
CA MET A 77 2.74 -4.19 14.82
C MET A 77 1.29 -3.75 15.02
N THR A 78 1.11 -2.52 15.48
CA THR A 78 -0.23 -1.98 15.71
C THR A 78 -0.74 -1.23 14.48
N ARG A 79 -2.04 -0.98 14.42
CA ARG A 79 -2.64 -0.29 13.29
C ARG A 79 -1.87 0.99 12.96
N ASP A 80 -1.48 1.74 13.99
CA ASP A 80 -0.75 2.98 13.80
C ASP A 80 0.62 2.72 13.16
N GLU A 81 1.26 1.62 13.56
CA GLU A 81 2.57 1.28 13.03
C GLU A 81 2.46 0.75 11.60
N ILE A 82 1.51 -0.15 11.37
CA ILE A 82 1.31 -0.72 10.06
C ILE A 82 0.97 0.37 9.04
N ASN A 83 0.35 1.45 9.53
CA ASN A 83 -0.03 2.56 8.66
C ASN A 83 1.21 3.36 8.26
N ALA A 84 2.15 3.44 9.18
CA ALA A 84 3.40 4.15 8.94
C ALA A 84 4.09 3.61 7.71
N LEU A 85 4.19 2.28 7.65
CA LEU A 85 4.81 1.60 6.53
C LEU A 85 4.11 1.91 5.20
N VAL A 86 2.79 1.68 5.17
CA VAL A 86 2.01 1.93 3.95
C VAL A 86 2.25 3.35 3.42
N GLN A 87 2.27 4.31 4.33
CA GLN A 87 2.49 5.71 3.95
C GLN A 87 3.91 5.91 3.47
N GLU A 88 4.84 5.24 4.15
CA GLU A 88 6.26 5.33 3.82
C GLU A 88 6.51 4.93 2.37
N LEU A 89 5.75 3.93 1.90
CA LEU A 89 5.89 3.46 0.53
C LEU A 89 5.36 4.47 -0.46
N GLY A 90 4.10 4.88 -0.29
CA GLY A 90 3.51 5.85 -1.19
C GLY A 90 2.00 5.71 -1.30
N PHE A 91 1.44 4.70 -0.65
CA PHE A 91 0.00 4.46 -0.69
C PHE A 91 -0.76 5.72 -0.26
N TYR A 92 -1.93 5.92 -0.86
CA TYR A 92 -2.76 7.09 -0.54
C TYR A 92 -3.79 6.75 0.53
N ARG A 93 -4.22 7.77 1.26
CA ARG A 93 -5.22 7.59 2.32
C ARG A 93 -6.30 8.65 2.23
N LYS A 94 -7.56 8.21 2.19
CA LYS A 94 -8.70 9.13 2.10
C LYS A 94 -9.56 9.03 3.34
N SER A 95 -10.60 9.88 3.39
CA SER A 95 -11.51 9.89 4.53
C SER A 95 -12.72 9.01 4.25
N ALA A 96 -12.97 8.78 2.97
CA ALA A 96 -14.10 7.95 2.55
C ALA A 96 -13.83 7.33 1.18
N PRO A 97 -14.51 6.21 0.87
CA PRO A 97 -14.34 5.51 -0.40
C PRO A 97 -14.71 6.38 -1.59
N GLU A 98 -15.66 7.28 -1.38
CA GLU A 98 -16.11 8.18 -2.44
C GLU A 98 -15.03 9.22 -2.74
N ALA A 99 -14.26 9.58 -1.71
CA ALA A 99 -13.19 10.56 -1.85
C ALA A 99 -12.28 10.22 -3.02
N GLN A 100 -11.94 11.24 -3.81
CA GLN A 100 -11.07 11.06 -4.96
C GLN A 100 -9.61 11.12 -4.55
N VAL A 101 -8.73 11.09 -5.54
CA VAL A 101 -7.29 11.13 -5.30
C VAL A 101 -6.60 12.15 -6.20
N PRO A 102 -5.83 13.10 -5.63
CA PRO A 102 -5.12 14.12 -6.41
C PRO A 102 -4.20 13.52 -7.47
N PRO A 103 -3.86 14.30 -8.51
CA PRO A 103 -2.99 13.84 -9.60
C PRO A 103 -1.63 13.38 -9.08
N GLU A 104 -1.19 13.99 -7.99
CA GLU A 104 0.10 13.65 -7.39
C GLU A 104 0.13 12.19 -6.96
N TYR A 105 -0.94 11.77 -6.30
CA TYR A 105 -1.05 10.38 -5.81
C TYR A 105 -1.93 9.54 -6.73
N LEU A 106 -2.27 10.08 -7.89
CA LEU A 106 -3.11 9.38 -8.84
C LEU A 106 -2.45 8.10 -9.34
N TRP A 107 -1.13 8.01 -9.16
CA TRP A 107 -0.37 6.84 -9.59
C TRP A 107 0.27 6.14 -8.41
N ALA A 108 0.08 6.72 -7.22
CA ALA A 108 0.63 6.15 -6.00
C ALA A 108 0.27 4.67 -5.85
N PRO A 109 1.08 3.88 -5.11
CA PRO A 109 2.31 4.34 -4.45
C PRO A 109 3.41 4.72 -5.43
N ALA A 110 3.15 4.53 -6.72
CA ALA A 110 4.12 4.86 -7.77
C ALA A 110 4.10 6.36 -8.05
N LYS A 111 5.28 6.92 -8.33
CA LYS A 111 5.39 8.35 -8.62
C LYS A 111 5.05 8.64 -10.08
N PRO A 112 4.47 9.82 -10.35
CA PRO A 112 4.10 10.25 -11.71
C PRO A 112 5.32 10.49 -12.59
N PRO A 113 5.13 10.49 -13.92
CA PRO A 113 6.22 10.73 -14.87
C PRO A 113 6.92 12.07 -14.64
N GLU A 114 7.97 12.33 -15.42
CA GLU A 114 8.72 13.57 -15.29
C GLU A 114 7.83 14.78 -15.54
N GLU A 115 7.54 15.03 -16.81
CA GLU A 115 6.69 16.16 -17.19
C GLU A 115 5.30 16.04 -16.61
N ALA A 116 5.08 16.70 -15.48
CA ALA A 116 3.78 16.67 -14.81
C ALA A 116 3.53 17.95 -14.03
N SER A 117 2.25 18.29 -13.86
CA SER A 117 1.86 19.49 -13.11
C SER A 117 2.38 20.75 -13.81
N GLU A 118 3.64 21.10 -13.53
CA GLU A 118 4.26 22.28 -14.12
C GLU A 118 3.49 23.55 -13.75
N HIS A 119 3.96 24.22 -12.70
CA HIS A 119 3.32 25.46 -12.25
C HIS A 119 3.72 26.63 -13.13
N ASP A 120 2.76 27.52 -13.39
CA ASP A 120 3.00 28.69 -14.22
C ASP A 120 2.75 29.98 -13.45
N ASP A 121 1.49 30.25 -13.14
CA ASP A 121 1.12 31.45 -12.40
C ASP A 121 -0.31 31.35 -11.87
N LEU A 122 -0.59 32.10 -10.81
CA LEU A 122 -1.93 32.09 -10.21
C LEU A 122 -2.77 33.23 -10.79
N GLU A 123 -3.84 32.86 -11.50
CA GLU A 123 -4.72 33.84 -12.10
C GLU A 123 -6.12 33.79 -11.48
N HIS A 124 -6.52 32.59 -11.05
CA HIS A 124 -7.84 32.42 -10.44
C HIS A 124 -7.81 32.79 -8.96
N HIS A 125 -6.61 33.00 -8.43
CA HIS A 125 -6.45 33.37 -7.02
C HIS A 125 -7.08 32.32 -6.11
N HIS A 126 -7.14 32.63 -4.82
CA HIS A 126 -7.72 31.72 -3.83
C HIS A 126 -7.07 30.35 -3.90
N HIS A 127 -5.74 30.32 -3.83
CA HIS A 127 -5.00 29.06 -3.88
C HIS A 127 -3.63 29.21 -3.22
N HIS A 128 -3.61 29.14 -1.89
CA HIS A 128 -2.36 29.26 -1.14
C HIS A 128 -2.50 28.60 0.24
N HIS A 129 -1.41 28.01 0.72
CA HIS A 129 -1.42 27.36 2.02
C HIS A 129 -0.66 28.19 3.05
N MET A 1 12.31 8.71 16.75
CA MET A 1 12.74 9.48 15.55
C MET A 1 12.95 8.55 14.36
N THR A 2 12.10 7.53 14.27
CA THR A 2 12.18 6.57 13.17
C THR A 2 13.48 5.76 13.24
N ASN A 3 13.35 4.44 13.29
CA ASN A 3 14.51 3.56 13.36
C ASN A 3 14.31 2.33 12.48
N TYR A 4 13.16 2.26 11.82
CA TYR A 4 12.84 1.14 10.94
C TYR A 4 13.01 1.53 9.47
N ARG A 5 13.42 0.56 8.66
CA ARG A 5 13.60 0.78 7.24
C ARG A 5 13.38 -0.53 6.48
N PRO A 6 12.53 -0.50 5.42
CA PRO A 6 12.19 -1.69 4.64
C PRO A 6 13.31 -2.16 3.72
N ASP A 7 13.03 -3.20 2.94
CA ASP A 7 14.01 -3.74 2.01
C ASP A 7 13.74 -3.20 0.61
N TRP A 8 13.92 -1.89 0.45
CA TRP A 8 13.67 -1.24 -0.83
C TRP A 8 14.34 -1.96 -1.99
N ASN A 9 15.47 -2.60 -1.73
CA ASN A 9 16.19 -3.34 -2.77
C ASN A 9 15.40 -4.57 -3.17
N ARG A 10 14.73 -5.16 -2.18
CA ARG A 10 13.90 -6.34 -2.39
C ARG A 10 12.47 -5.96 -2.73
N LEU A 11 12.12 -4.69 -2.48
CA LEU A 11 10.78 -4.18 -2.74
C LEU A 11 10.66 -3.59 -4.13
N ARG A 12 11.81 -3.22 -4.71
CA ARG A 12 11.86 -2.63 -6.05
C ARG A 12 10.78 -3.19 -6.97
N GLY A 13 9.82 -2.34 -7.34
CA GLY A 13 8.75 -2.77 -8.22
C GLY A 13 7.37 -2.66 -7.57
N LEU A 14 7.35 -2.55 -6.24
CA LEU A 14 6.10 -2.44 -5.50
C LEU A 14 5.25 -1.30 -6.02
N ALA A 15 4.13 -1.65 -6.67
CA ALA A 15 3.22 -0.65 -7.20
C ALA A 15 1.86 -0.74 -6.52
N ARG A 16 1.64 -1.81 -5.76
CA ARG A 16 0.37 -2.01 -5.06
C ARG A 16 0.53 -3.02 -3.92
N GLY A 17 -0.51 -3.14 -3.11
CA GLY A 17 -0.48 -4.08 -1.98
C GLY A 17 -1.82 -4.71 -1.68
N ARG A 18 -1.77 -5.97 -1.26
CA ARG A 18 -2.99 -6.70 -0.91
C ARG A 18 -2.78 -7.44 0.41
N VAL A 19 -3.76 -7.34 1.29
CA VAL A 19 -3.67 -7.98 2.59
C VAL A 19 -4.44 -9.29 2.62
N GLU A 20 -3.73 -10.37 2.92
CA GLU A 20 -4.33 -11.69 2.99
C GLU A 20 -4.69 -12.02 4.44
N THR A 21 -5.94 -12.41 4.67
CA THR A 21 -6.39 -12.74 6.03
C THR A 21 -7.65 -13.60 6.00
N CYS A 22 -8.00 -14.13 7.17
CA CYS A 22 -9.18 -14.97 7.31
C CYS A 22 -10.41 -14.14 7.66
N GLY A 23 -11.54 -14.50 7.06
CA GLY A 23 -12.77 -13.79 7.30
C GLY A 23 -13.59 -14.39 8.42
N GLY A 24 -13.78 -15.71 8.38
CA GLY A 24 -14.54 -16.38 9.41
C GLY A 24 -13.65 -16.91 10.52
N CYS A 25 -12.93 -16.00 11.18
CA CYS A 25 -12.03 -16.36 12.26
C CYS A 25 -12.14 -15.38 13.42
N GLN A 26 -11.28 -15.55 14.42
CA GLN A 26 -11.27 -14.68 15.59
C GLN A 26 -10.04 -13.77 15.58
N LEU A 27 -10.22 -12.56 15.04
CA LEU A 27 -9.12 -11.60 14.96
C LEU A 27 -9.28 -10.54 16.05
N ASN A 28 -10.12 -10.82 17.04
CA ASN A 28 -10.36 -9.90 18.14
C ASN A 28 -9.09 -9.69 18.95
N ARG A 29 -8.38 -10.79 19.20
CA ARG A 29 -7.13 -10.75 19.97
C ARG A 29 -6.20 -9.65 19.47
N LEU A 30 -6.20 -9.41 18.16
CA LEU A 30 -5.35 -8.38 17.57
C LEU A 30 -6.18 -7.20 17.09
N LYS A 31 -7.02 -6.68 17.99
CA LYS A 31 -7.91 -5.55 17.69
C LYS A 31 -7.27 -4.57 16.72
N GLU A 32 -5.99 -4.26 16.95
CA GLU A 32 -5.28 -3.34 16.08
C GLU A 32 -5.30 -3.87 14.64
N VAL A 33 -4.59 -4.97 14.42
CA VAL A 33 -4.54 -5.61 13.10
C VAL A 33 -5.89 -5.57 12.40
N LYS A 34 -6.89 -6.20 13.02
CA LYS A 34 -8.23 -6.25 12.45
C LYS A 34 -8.69 -4.87 11.98
N ALA A 35 -8.36 -3.84 12.76
CA ALA A 35 -8.75 -2.47 12.41
C ALA A 35 -8.23 -2.11 11.03
N PHE A 36 -6.90 -2.10 10.87
CA PHE A 36 -6.27 -1.79 9.60
C PHE A 36 -6.96 -2.50 8.44
N VAL A 37 -7.37 -3.74 8.69
CA VAL A 37 -8.02 -4.55 7.68
C VAL A 37 -9.53 -4.56 7.87
N THR A 38 -10.12 -3.37 7.96
CA THR A 38 -11.57 -3.25 8.13
C THR A 38 -12.06 -1.87 7.70
N GLU A 39 -11.34 -0.84 8.10
CA GLU A 39 -11.72 0.53 7.77
C GLU A 39 -10.67 1.20 6.89
N ASP A 40 -9.43 1.24 7.39
CA ASP A 40 -8.34 1.88 6.66
C ASP A 40 -8.05 1.19 5.32
N ILE A 41 -8.05 -0.14 5.32
CA ILE A 41 -7.78 -0.91 4.12
C ILE A 41 -8.72 -0.56 2.96
N GLN A 42 -9.85 0.08 3.27
CA GLN A 42 -10.81 0.44 2.22
C GLN A 42 -10.55 1.86 1.75
N LEU A 43 -9.87 2.62 2.60
CA LEU A 43 -9.55 4.01 2.31
C LEU A 43 -8.16 4.12 1.68
N TYR A 44 -7.38 3.06 1.83
CA TYR A 44 -6.03 3.03 1.27
C TYR A 44 -6.07 2.54 -0.17
N HIS A 45 -5.83 3.46 -1.11
CA HIS A 45 -5.84 3.12 -2.53
C HIS A 45 -4.83 2.03 -2.84
N ASN A 46 -5.16 1.20 -3.82
CA ASN A 46 -4.29 0.09 -4.23
C ASN A 46 -4.05 -0.89 -3.10
N LEU A 47 -4.92 -0.85 -2.09
CA LEU A 47 -4.81 -1.76 -0.95
C LEU A 47 -6.13 -2.47 -0.72
N VAL A 48 -6.22 -3.70 -1.21
CA VAL A 48 -7.44 -4.49 -1.06
C VAL A 48 -7.30 -5.60 -0.02
N MET A 49 -8.43 -5.92 0.63
CA MET A 49 -8.45 -6.98 1.64
C MET A 49 -8.83 -8.32 1.01
N LYS A 50 -8.35 -9.39 1.60
CA LYS A 50 -8.65 -10.73 1.10
C LYS A 50 -9.10 -11.66 2.22
N HIS A 51 -10.06 -12.51 1.91
CA HIS A 51 -10.60 -13.47 2.87
C HIS A 51 -10.22 -14.90 2.52
N LEU A 52 -8.92 -15.18 2.50
CA LEU A 52 -8.42 -16.51 2.18
C LEU A 52 -8.94 -17.55 3.18
N PRO A 53 -9.24 -18.76 2.70
CA PRO A 53 -9.75 -19.84 3.55
C PRO A 53 -8.85 -20.11 4.76
N GLY A 54 -9.20 -19.49 5.88
CA GLY A 54 -8.44 -19.68 7.11
C GLY A 54 -6.97 -19.33 6.95
N ALA A 55 -6.69 -18.06 6.68
CA ALA A 55 -5.31 -17.60 6.51
C ALA A 55 -4.95 -16.56 7.57
N ASP A 56 -3.68 -16.20 7.62
CA ASP A 56 -3.20 -15.21 8.60
C ASP A 56 -3.05 -13.84 7.96
N PRO A 57 -3.29 -12.75 8.73
CA PRO A 57 -3.18 -11.39 8.21
C PRO A 57 -1.74 -11.01 7.85
N GLU A 58 -1.49 -10.80 6.56
CA GLU A 58 -0.17 -10.44 6.08
C GLU A 58 -0.28 -9.56 4.84
N LEU A 59 0.54 -8.51 4.78
CA LEU A 59 0.52 -7.60 3.64
C LEU A 59 1.26 -8.22 2.45
N VAL A 60 0.80 -7.93 1.24
CA VAL A 60 1.42 -8.47 0.03
C VAL A 60 1.76 -7.36 -0.95
N LEU A 61 2.96 -6.80 -0.84
CA LEU A 61 3.39 -5.75 -1.74
C LEU A 61 3.69 -6.31 -3.12
N LEU A 62 2.71 -6.26 -4.00
CA LEU A 62 2.86 -6.79 -5.35
C LEU A 62 3.43 -5.73 -6.30
N SER A 63 3.58 -6.11 -7.57
CA SER A 63 4.11 -5.21 -8.59
C SER A 63 3.07 -5.05 -9.69
N ARG A 64 2.06 -4.24 -9.42
CA ARG A 64 0.97 -4.02 -10.37
C ARG A 64 0.30 -5.35 -10.71
N ASN A 65 -1.01 -5.30 -10.98
CA ASN A 65 -1.77 -6.50 -11.32
C ASN A 65 -1.78 -7.48 -10.13
N TYR A 66 -0.68 -8.21 -9.91
CA TYR A 66 -0.58 -9.15 -8.79
C TYR A 66 0.79 -9.83 -8.72
N GLN A 67 1.84 -9.16 -9.15
CA GLN A 67 3.19 -9.74 -9.11
C GLN A 67 3.77 -9.69 -7.69
N GLU A 68 3.17 -10.44 -6.79
CA GLU A 68 3.61 -10.52 -5.39
C GLU A 68 5.13 -10.47 -5.28
N LEU A 69 5.65 -9.36 -4.76
CA LEU A 69 7.08 -9.17 -4.60
C LEU A 69 7.56 -9.54 -3.19
N GLU A 70 6.75 -9.22 -2.19
CA GLU A 70 7.11 -9.49 -0.81
C GLU A 70 5.88 -9.52 0.09
N ARG A 71 5.97 -10.27 1.18
CA ARG A 71 4.87 -10.38 2.13
C ARG A 71 5.40 -10.25 3.55
N ILE A 72 4.78 -9.37 4.33
CA ILE A 72 5.19 -9.13 5.71
C ILE A 72 3.99 -9.23 6.65
N PRO A 73 4.16 -9.91 7.81
CA PRO A 73 3.07 -10.07 8.78
C PRO A 73 2.63 -8.75 9.39
N LEU A 74 1.38 -8.70 9.84
CA LEU A 74 0.81 -7.51 10.44
C LEU A 74 0.42 -7.77 11.89
N SER A 75 0.34 -9.05 12.25
CA SER A 75 -0.03 -9.45 13.61
C SER A 75 1.03 -9.03 14.62
N GLN A 76 2.17 -8.54 14.11
CA GLN A 76 3.26 -8.10 14.98
C GLN A 76 3.07 -6.66 15.43
N MET A 77 3.08 -5.73 14.48
CA MET A 77 2.92 -4.32 14.80
C MET A 77 1.45 -3.96 15.02
N THR A 78 1.21 -2.72 15.45
CA THR A 78 -0.15 -2.25 15.71
C THR A 78 -0.65 -1.42 14.52
N ARG A 79 -1.96 -1.24 14.44
CA ARG A 79 -2.57 -0.48 13.34
C ARG A 79 -1.78 0.80 13.05
N ASP A 80 -1.49 1.56 14.09
CA ASP A 80 -0.75 2.81 13.94
C ASP A 80 0.60 2.58 13.27
N GLU A 81 1.32 1.54 13.69
CA GLU A 81 2.62 1.21 13.13
C GLU A 81 2.49 0.71 11.69
N ILE A 82 1.49 -0.13 11.45
CA ILE A 82 1.27 -0.68 10.12
C ILE A 82 0.90 0.42 9.13
N ASN A 83 0.28 1.48 9.63
CA ASN A 83 -0.13 2.60 8.79
C ASN A 83 1.09 3.41 8.38
N ALA A 84 2.07 3.46 9.28
CA ALA A 84 3.31 4.18 9.03
C ALA A 84 4.00 3.64 7.80
N LEU A 85 4.09 2.31 7.72
CA LEU A 85 4.71 1.64 6.60
C LEU A 85 4.02 1.98 5.28
N VAL A 86 2.69 1.75 5.23
CA VAL A 86 1.92 2.03 4.02
C VAL A 86 2.21 3.42 3.49
N GLN A 87 2.24 4.40 4.40
CA GLN A 87 2.51 5.78 4.03
C GLN A 87 3.95 5.92 3.53
N GLU A 88 4.84 5.20 4.20
CA GLU A 88 6.25 5.21 3.85
C GLU A 88 6.46 4.77 2.40
N LEU A 89 5.66 3.80 1.96
CA LEU A 89 5.74 3.29 0.60
C LEU A 89 5.29 4.34 -0.41
N GLY A 90 4.07 4.84 -0.22
CA GLY A 90 3.54 5.85 -1.12
C GLY A 90 2.04 5.69 -1.34
N PHE A 91 1.43 4.75 -0.64
CA PHE A 91 -0.01 4.52 -0.77
C PHE A 91 -0.80 5.78 -0.44
N TYR A 92 -2.04 5.83 -0.93
CA TYR A 92 -2.90 6.98 -0.71
C TYR A 92 -4.01 6.63 0.28
N ARG A 93 -4.40 7.62 1.08
CA ARG A 93 -5.47 7.42 2.06
C ARG A 93 -6.54 8.50 1.91
N LYS A 94 -7.79 8.06 1.78
CA LYS A 94 -8.90 9.00 1.59
C LYS A 94 -9.85 8.94 2.78
N SER A 95 -10.92 9.73 2.72
CA SER A 95 -11.91 9.77 3.79
C SER A 95 -13.03 8.78 3.54
N ALA A 96 -13.31 8.54 2.26
CA ALA A 96 -14.36 7.63 1.86
C ALA A 96 -13.97 6.86 0.60
N PRO A 97 -14.57 5.69 0.38
CA PRO A 97 -14.26 4.85 -0.79
C PRO A 97 -14.60 5.55 -2.10
N GLU A 98 -15.58 6.43 -2.06
CA GLU A 98 -16.00 7.18 -3.25
C GLU A 98 -15.07 8.36 -3.50
N ALA A 99 -14.16 8.62 -2.57
CA ALA A 99 -13.22 9.73 -2.69
C ALA A 99 -12.28 9.52 -3.88
N GLN A 100 -11.81 10.62 -4.45
CA GLN A 100 -10.91 10.58 -5.60
C GLN A 100 -9.45 10.69 -5.14
N VAL A 101 -8.54 10.74 -6.11
CA VAL A 101 -7.11 10.86 -5.83
C VAL A 101 -6.45 11.91 -6.72
N PRO A 102 -5.63 12.81 -6.13
CA PRO A 102 -4.95 13.86 -6.89
C PRO A 102 -4.07 13.30 -8.01
N PRO A 103 -3.80 14.11 -9.06
CA PRO A 103 -2.99 13.70 -10.20
C PRO A 103 -1.60 13.20 -9.78
N GLU A 104 -1.10 13.74 -8.68
CA GLU A 104 0.21 13.37 -8.18
C GLU A 104 0.18 11.97 -7.60
N TYR A 105 -0.85 11.70 -6.79
CA TYR A 105 -1.01 10.39 -6.16
C TYR A 105 -1.90 9.50 -7.03
N LEU A 106 -2.18 9.96 -8.24
CA LEU A 106 -3.03 9.23 -9.17
C LEU A 106 -2.47 7.85 -9.49
N TRP A 107 -1.15 7.74 -9.59
CA TRP A 107 -0.51 6.47 -9.91
C TRP A 107 0.19 5.88 -8.69
N ALA A 108 0.18 6.62 -7.59
CA ALA A 108 0.82 6.15 -6.37
C ALA A 108 0.26 4.80 -5.93
N PRO A 109 1.07 3.96 -5.25
CA PRO A 109 2.46 4.28 -4.90
C PRO A 109 3.39 4.26 -6.12
N ALA A 110 2.88 3.76 -7.23
CA ALA A 110 3.66 3.69 -8.46
C ALA A 110 3.96 5.10 -8.99
N LYS A 111 5.17 5.56 -8.73
CA LYS A 111 5.59 6.89 -9.17
C LYS A 111 5.36 7.07 -10.66
N PRO A 112 5.07 8.31 -11.11
CA PRO A 112 4.83 8.61 -12.54
C PRO A 112 6.08 8.36 -13.39
N PRO A 113 5.94 8.43 -14.73
CA PRO A 113 7.04 8.22 -15.67
C PRO A 113 8.36 8.82 -15.22
N GLU A 114 8.39 10.14 -15.15
CA GLU A 114 9.59 10.87 -14.72
C GLU A 114 10.17 10.27 -13.45
N GLU A 115 9.28 9.83 -12.58
CA GLU A 115 9.66 9.21 -11.32
C GLU A 115 10.52 10.14 -10.46
N ALA A 116 10.70 11.38 -10.92
CA ALA A 116 11.50 12.35 -10.19
C ALA A 116 12.92 11.83 -9.95
N SER A 117 13.72 12.62 -9.24
CA SER A 117 15.10 12.24 -8.93
C SER A 117 15.87 11.88 -10.20
N GLU A 118 16.44 12.87 -10.86
CA GLU A 118 17.19 12.65 -12.08
C GLU A 118 18.62 13.20 -11.93
N HIS A 119 19.03 13.41 -10.69
CA HIS A 119 20.37 13.92 -10.42
C HIS A 119 21.33 12.79 -10.06
N ASP A 120 21.11 11.62 -10.67
CA ASP A 120 21.94 10.45 -10.42
C ASP A 120 21.78 9.96 -8.98
N ASP A 121 21.93 8.64 -8.79
CA ASP A 121 21.80 8.04 -7.48
C ASP A 121 23.16 7.63 -6.93
N LEU A 122 23.57 8.26 -5.83
CA LEU A 122 24.85 7.96 -5.20
C LEU A 122 24.78 6.62 -4.47
N GLU A 123 25.91 5.93 -4.38
CA GLU A 123 25.98 4.63 -3.71
C GLU A 123 25.87 4.79 -2.19
N HIS A 124 25.51 5.99 -1.74
CA HIS A 124 25.36 6.28 -0.32
C HIS A 124 26.66 6.07 0.44
N HIS A 125 27.77 5.94 -0.31
CA HIS A 125 29.09 5.75 0.29
C HIS A 125 29.13 4.50 1.16
N HIS A 126 28.75 4.67 2.43
CA HIS A 126 28.76 3.57 3.41
C HIS A 126 30.03 2.72 3.30
N HIS A 127 31.10 3.35 2.84
CA HIS A 127 32.38 2.66 2.68
C HIS A 127 33.10 2.48 4.01
N HIS A 128 33.27 3.56 4.76
CA HIS A 128 33.94 3.51 6.05
C HIS A 128 32.94 3.36 7.18
N HIS A 129 33.46 3.27 8.41
CA HIS A 129 32.62 3.12 9.59
C HIS A 129 31.72 1.89 9.49
N MET A 1 12.54 8.99 16.82
CA MET A 1 13.35 9.17 15.60
C MET A 1 13.04 8.07 14.58
N THR A 2 13.44 6.84 14.91
CA THR A 2 13.20 5.69 14.04
C THR A 2 13.91 5.85 12.69
N ASN A 3 14.95 5.05 12.49
CA ASN A 3 15.71 5.09 11.24
C ASN A 3 15.52 3.81 10.44
N TYR A 4 14.36 3.18 10.61
CA TYR A 4 14.06 1.94 9.92
C TYR A 4 13.96 2.17 8.41
N ARG A 5 14.32 1.14 7.65
CA ARG A 5 14.27 1.19 6.20
C ARG A 5 13.91 -0.18 5.63
N PRO A 6 12.99 -0.23 4.65
CA PRO A 6 12.56 -1.48 4.02
C PRO A 6 13.62 -2.03 3.07
N ASP A 7 13.28 -3.13 2.42
CA ASP A 7 14.20 -3.76 1.47
C ASP A 7 13.84 -3.31 0.06
N TRP A 8 14.07 -2.03 -0.22
CA TRP A 8 13.77 -1.46 -1.53
C TRP A 8 14.41 -2.27 -2.66
N ASN A 9 15.58 -2.82 -2.41
CA ASN A 9 16.28 -3.62 -3.41
C ASN A 9 15.48 -4.90 -3.70
N ARG A 10 14.64 -5.26 -2.73
CA ARG A 10 13.81 -6.45 -2.83
C ARG A 10 12.35 -6.06 -3.08
N LEU A 11 12.04 -4.78 -2.88
CA LEU A 11 10.69 -4.27 -3.06
C LEU A 11 10.46 -3.70 -4.46
N ARG A 12 11.56 -3.36 -5.13
CA ARG A 12 11.51 -2.79 -6.49
C ARG A 12 10.35 -3.34 -7.30
N GLY A 13 9.53 -2.45 -7.82
CA GLY A 13 8.39 -2.85 -8.62
C GLY A 13 7.08 -2.72 -7.87
N LEU A 14 7.16 -2.60 -6.55
CA LEU A 14 5.98 -2.48 -5.71
C LEU A 14 5.11 -1.31 -6.16
N ALA A 15 3.95 -1.63 -6.71
CA ALA A 15 3.01 -0.62 -7.16
C ALA A 15 1.67 -0.76 -6.45
N ARG A 16 1.49 -1.87 -5.73
CA ARG A 16 0.25 -2.10 -5.01
C ARG A 16 0.44 -3.12 -3.89
N GLY A 17 -0.56 -3.24 -3.03
CA GLY A 17 -0.49 -4.18 -1.92
C GLY A 17 -1.83 -4.83 -1.61
N ARG A 18 -1.78 -6.10 -1.21
CA ARG A 18 -2.99 -6.85 -0.86
C ARG A 18 -2.80 -7.56 0.46
N VAL A 19 -3.80 -7.48 1.32
CA VAL A 19 -3.73 -8.12 2.64
C VAL A 19 -4.48 -9.44 2.66
N GLU A 20 -3.74 -10.52 2.94
CA GLU A 20 -4.33 -11.85 3.02
C GLU A 20 -4.65 -12.22 4.46
N THR A 21 -5.83 -12.82 4.67
CA THR A 21 -6.25 -13.21 6.00
C THR A 21 -7.48 -14.10 5.96
N CYS A 22 -7.56 -15.05 6.90
CA CYS A 22 -8.68 -15.97 6.97
C CYS A 22 -9.98 -15.23 7.25
N GLY A 23 -9.90 -14.20 8.07
CA GLY A 23 -11.08 -13.42 8.41
C GLY A 23 -12.07 -14.20 9.25
N GLY A 24 -11.57 -14.77 10.35
CA GLY A 24 -12.44 -15.54 11.23
C GLY A 24 -11.75 -16.76 11.79
N CYS A 25 -10.50 -16.60 12.23
CA CYS A 25 -9.74 -17.72 12.79
C CYS A 25 -8.65 -17.20 13.72
N GLN A 26 -8.09 -16.03 13.40
CA GLN A 26 -7.04 -15.44 14.21
C GLN A 26 -7.33 -13.97 14.50
N LEU A 27 -8.60 -13.61 14.47
CA LEU A 27 -9.02 -12.23 14.75
C LEU A 27 -9.74 -12.14 16.09
N ASN A 28 -10.32 -10.97 16.38
CA ASN A 28 -11.04 -10.74 17.63
C ASN A 28 -10.07 -10.73 18.80
N ARG A 29 -8.78 -10.84 18.49
CA ARG A 29 -7.73 -10.84 19.50
C ARG A 29 -6.70 -9.76 19.20
N LEU A 30 -6.66 -9.35 17.93
CA LEU A 30 -5.73 -8.32 17.49
C LEU A 30 -6.50 -7.09 17.02
N LYS A 31 -7.26 -6.49 17.93
CA LYS A 31 -8.08 -5.32 17.65
C LYS A 31 -7.44 -4.42 16.60
N GLU A 32 -6.14 -4.22 16.73
CA GLU A 32 -5.41 -3.40 15.78
C GLU A 32 -5.56 -3.97 14.37
N VAL A 33 -4.93 -5.10 14.13
CA VAL A 33 -4.99 -5.77 12.83
C VAL A 33 -6.38 -5.67 12.21
N LYS A 34 -7.38 -6.25 12.87
CA LYS A 34 -8.75 -6.22 12.36
C LYS A 34 -9.14 -4.83 11.88
N ALA A 35 -8.68 -3.80 12.60
CA ALA A 35 -8.99 -2.42 12.23
C ALA A 35 -8.42 -2.13 10.85
N PHE A 36 -7.09 -2.09 10.74
CA PHE A 36 -6.42 -1.83 9.47
C PHE A 36 -7.05 -2.63 8.33
N VAL A 37 -7.46 -3.85 8.62
CA VAL A 37 -8.05 -4.74 7.62
C VAL A 37 -9.49 -4.36 7.26
N THR A 38 -10.25 -3.79 8.19
CA THR A 38 -11.63 -3.41 7.89
C THR A 38 -11.76 -1.95 7.51
N GLU A 39 -11.26 -1.07 8.36
CA GLU A 39 -11.35 0.37 8.15
C GLU A 39 -10.31 0.90 7.17
N ASP A 40 -9.07 1.01 7.64
CA ASP A 40 -7.97 1.55 6.84
C ASP A 40 -7.83 0.90 5.46
N ILE A 41 -8.01 -0.41 5.39
CA ILE A 41 -7.85 -1.12 4.13
C ILE A 41 -8.76 -0.57 3.01
N GLN A 42 -9.84 0.10 3.39
CA GLN A 42 -10.77 0.65 2.40
C GLN A 42 -10.47 2.12 2.14
N LEU A 43 -9.68 2.69 3.04
CA LEU A 43 -9.30 4.09 2.95
C LEU A 43 -7.94 4.23 2.26
N TYR A 44 -7.26 3.11 2.12
CA TYR A 44 -5.96 3.09 1.48
C TYR A 44 -6.06 2.61 0.03
N HIS A 45 -5.76 3.50 -0.90
CA HIS A 45 -5.82 3.17 -2.33
C HIS A 45 -4.80 2.11 -2.68
N ASN A 46 -5.12 1.32 -3.72
CA ASN A 46 -4.23 0.25 -4.17
C ASN A 46 -3.96 -0.74 -3.05
N LEU A 47 -4.81 -0.71 -2.03
CA LEU A 47 -4.68 -1.61 -0.89
C LEU A 47 -6.02 -2.31 -0.63
N VAL A 48 -6.16 -3.50 -1.19
CA VAL A 48 -7.40 -4.26 -1.05
C VAL A 48 -7.29 -5.40 -0.04
N MET A 49 -8.42 -5.78 0.52
CA MET A 49 -8.47 -6.87 1.49
C MET A 49 -8.74 -8.19 0.79
N LYS A 50 -8.14 -9.24 1.31
CA LYS A 50 -8.29 -10.57 0.73
C LYS A 50 -8.56 -11.62 1.80
N HIS A 51 -9.44 -12.56 1.47
CA HIS A 51 -9.80 -13.63 2.39
C HIS A 51 -9.28 -14.97 1.87
N LEU A 52 -8.52 -15.66 2.71
CA LEU A 52 -7.97 -16.96 2.34
C LEU A 52 -8.55 -18.07 3.22
N PRO A 53 -8.60 -19.31 2.68
CA PRO A 53 -9.12 -20.46 3.42
C PRO A 53 -8.67 -20.48 4.87
N GLY A 54 -7.37 -20.35 5.08
CA GLY A 54 -6.82 -20.34 6.43
C GLY A 54 -5.39 -19.83 6.48
N ALA A 55 -5.24 -18.52 6.51
CA ALA A 55 -3.92 -17.90 6.55
C ALA A 55 -3.85 -16.80 7.60
N ASP A 56 -2.68 -16.21 7.77
CA ASP A 56 -2.47 -15.15 8.74
C ASP A 56 -2.57 -13.78 8.07
N PRO A 57 -2.94 -12.73 8.84
CA PRO A 57 -3.08 -11.37 8.30
C PRO A 57 -1.73 -10.76 7.93
N GLU A 58 -1.31 -10.97 6.69
CA GLU A 58 -0.04 -10.44 6.21
C GLU A 58 -0.23 -9.61 4.94
N LEU A 59 0.54 -8.54 4.83
CA LEU A 59 0.46 -7.66 3.66
C LEU A 59 1.22 -8.28 2.49
N VAL A 60 0.79 -7.99 1.27
CA VAL A 60 1.43 -8.52 0.09
C VAL A 60 1.73 -7.42 -0.93
N LEU A 61 2.93 -6.84 -0.84
CA LEU A 61 3.33 -5.77 -1.74
C LEU A 61 3.61 -6.35 -3.12
N LEU A 62 2.60 -6.36 -3.97
CA LEU A 62 2.73 -6.90 -5.32
C LEU A 62 3.29 -5.85 -6.29
N SER A 63 3.43 -6.25 -7.56
CA SER A 63 3.93 -5.35 -8.58
C SER A 63 2.86 -5.13 -9.66
N ARG A 64 1.90 -4.27 -9.34
CA ARG A 64 0.79 -3.94 -10.25
C ARG A 64 0.03 -5.17 -10.73
N ASN A 65 0.64 -5.92 -11.66
CA ASN A 65 0.03 -7.12 -12.23
C ASN A 65 -0.10 -8.26 -11.22
N TYR A 66 -0.21 -7.92 -9.93
CA TYR A 66 -0.36 -8.91 -8.87
C TYR A 66 0.89 -9.77 -8.74
N GLN A 67 2.03 -9.21 -9.13
CA GLN A 67 3.29 -9.93 -9.03
C GLN A 67 3.86 -9.81 -7.62
N GLU A 68 3.24 -10.52 -6.69
CA GLU A 68 3.67 -10.52 -5.28
C GLU A 68 5.19 -10.46 -5.17
N LEU A 69 5.68 -9.31 -4.68
CA LEU A 69 7.12 -9.10 -4.53
C LEU A 69 7.59 -9.42 -3.12
N GLU A 70 6.77 -9.09 -2.13
CA GLU A 70 7.12 -9.32 -0.73
C GLU A 70 5.89 -9.36 0.15
N ARG A 71 5.98 -10.13 1.24
CA ARG A 71 4.89 -10.24 2.19
C ARG A 71 5.41 -10.09 3.62
N ILE A 72 4.78 -9.20 4.38
CA ILE A 72 5.21 -8.95 5.76
C ILE A 72 4.02 -9.03 6.73
N PRO A 73 4.20 -9.69 7.89
CA PRO A 73 3.14 -9.83 8.88
C PRO A 73 2.65 -8.48 9.40
N LEU A 74 1.41 -8.46 9.90
CA LEU A 74 0.83 -7.23 10.42
C LEU A 74 0.43 -7.39 11.88
N SER A 75 0.40 -8.64 12.35
CA SER A 75 0.04 -8.93 13.73
C SER A 75 1.15 -8.55 14.70
N GLN A 76 2.40 -8.69 14.25
CA GLN A 76 3.55 -8.36 15.08
C GLN A 76 3.61 -6.86 15.37
N MET A 77 2.91 -6.08 14.55
CA MET A 77 2.88 -4.63 14.72
C MET A 77 1.47 -4.15 15.05
N THR A 78 1.37 -2.88 15.43
CA THR A 78 0.08 -2.28 15.77
C THR A 78 -0.44 -1.44 14.61
N ARG A 79 -1.74 -1.18 14.60
CA ARG A 79 -2.35 -0.39 13.52
C ARG A 79 -1.51 0.82 13.17
N ASP A 80 -1.25 1.65 14.17
CA ASP A 80 -0.45 2.86 13.98
C ASP A 80 0.87 2.57 13.26
N GLU A 81 1.50 1.46 13.61
CA GLU A 81 2.76 1.06 12.99
C GLU A 81 2.55 0.57 11.57
N ILE A 82 1.51 -0.23 11.36
CA ILE A 82 1.22 -0.78 10.05
C ILE A 82 0.87 0.33 9.05
N ASN A 83 0.26 1.41 9.54
CA ASN A 83 -0.13 2.52 8.69
C ASN A 83 1.09 3.32 8.27
N ALA A 84 2.07 3.37 9.16
CA ALA A 84 3.31 4.10 8.92
C ALA A 84 3.98 3.57 7.65
N LEU A 85 4.10 2.25 7.57
CA LEU A 85 4.71 1.59 6.44
C LEU A 85 3.97 1.90 5.13
N VAL A 86 2.66 1.68 5.12
CA VAL A 86 1.86 1.92 3.92
C VAL A 86 2.13 3.31 3.35
N GLN A 87 2.25 4.29 4.25
CA GLN A 87 2.50 5.66 3.84
C GLN A 87 3.94 5.80 3.38
N GLU A 88 4.84 5.10 4.06
CA GLU A 88 6.26 5.11 3.74
C GLU A 88 6.47 4.72 2.28
N LEU A 89 5.70 3.75 1.82
CA LEU A 89 5.80 3.28 0.44
C LEU A 89 5.32 4.34 -0.55
N GLY A 90 4.11 4.85 -0.30
CA GLY A 90 3.56 5.87 -1.18
C GLY A 90 2.05 5.75 -1.35
N PHE A 91 1.45 4.80 -0.64
CA PHE A 91 0.01 4.58 -0.71
C PHE A 91 -0.75 5.86 -0.37
N TYR A 92 -2.01 5.93 -0.80
CA TYR A 92 -2.86 7.09 -0.54
C TYR A 92 -3.87 6.80 0.56
N ARG A 93 -4.22 7.82 1.33
CA ARG A 93 -5.19 7.68 2.41
C ARG A 93 -6.27 8.75 2.31
N LYS A 94 -7.52 8.32 2.32
CA LYS A 94 -8.66 9.24 2.22
C LYS A 94 -9.43 9.30 3.54
N SER A 95 -10.51 10.07 3.55
CA SER A 95 -11.34 10.22 4.75
C SER A 95 -12.53 9.28 4.70
N ALA A 96 -12.91 8.90 3.48
CA ALA A 96 -14.04 8.00 3.27
C ALA A 96 -13.90 7.28 1.94
N PRO A 97 -14.55 6.11 1.80
CA PRO A 97 -14.49 5.30 0.58
C PRO A 97 -15.02 6.06 -0.63
N GLU A 98 -15.93 6.98 -0.38
CA GLU A 98 -16.53 7.79 -1.43
C GLU A 98 -15.57 8.89 -1.85
N ALA A 99 -14.68 9.26 -0.94
CA ALA A 99 -13.71 10.33 -1.20
C ALA A 99 -12.81 9.97 -2.37
N GLN A 100 -12.87 10.77 -3.43
CA GLN A 100 -12.04 10.55 -4.61
C GLN A 100 -10.57 10.79 -4.31
N VAL A 101 -9.72 10.51 -5.30
CA VAL A 101 -8.28 10.69 -5.13
C VAL A 101 -7.71 11.62 -6.22
N PRO A 102 -6.89 12.62 -5.83
CA PRO A 102 -6.29 13.56 -6.78
C PRO A 102 -5.55 12.84 -7.91
N PRO A 103 -5.43 13.50 -9.08
CA PRO A 103 -4.74 12.93 -10.25
C PRO A 103 -3.30 12.54 -9.92
N GLU A 104 -2.69 13.27 -9.00
CA GLU A 104 -1.31 13.01 -8.60
C GLU A 104 -1.18 11.62 -7.97
N TYR A 105 -2.07 11.33 -7.02
CA TYR A 105 -2.06 10.04 -6.34
C TYR A 105 -3.08 9.08 -6.93
N LEU A 106 -3.55 9.38 -8.15
CA LEU A 106 -4.53 8.55 -8.81
C LEU A 106 -3.97 7.16 -9.10
N TRP A 107 -2.65 7.00 -8.98
CA TRP A 107 -2.00 5.73 -9.24
C TRP A 107 -1.16 5.29 -8.06
N ALA A 108 -0.97 6.19 -7.09
CA ALA A 108 -0.19 5.87 -5.89
C ALA A 108 -0.52 4.49 -5.35
N PRO A 109 0.48 3.74 -4.82
CA PRO A 109 1.88 4.21 -4.71
C PRO A 109 2.57 4.32 -6.06
N ALA A 110 1.98 3.71 -7.08
CA ALA A 110 2.55 3.75 -8.43
C ALA A 110 2.62 5.17 -8.95
N LYS A 111 3.48 5.39 -9.95
CA LYS A 111 3.64 6.72 -10.53
C LYS A 111 2.85 6.86 -11.83
N PRO A 112 2.27 8.05 -12.09
CA PRO A 112 1.48 8.30 -13.30
C PRO A 112 2.31 8.14 -14.58
N PRO A 113 1.66 7.83 -15.70
CA PRO A 113 2.34 7.65 -17.00
C PRO A 113 3.08 8.90 -17.44
N GLU A 114 4.12 8.72 -18.25
CA GLU A 114 4.90 9.83 -18.73
C GLU A 114 4.21 10.48 -19.92
N GLU A 115 4.06 11.79 -19.82
CA GLU A 115 3.42 12.57 -20.88
C GLU A 115 4.19 12.47 -22.19
N ALA A 116 3.77 11.53 -23.05
CA ALA A 116 4.42 11.32 -24.33
C ALA A 116 3.52 10.50 -25.27
N SER A 117 2.28 10.95 -25.41
CA SER A 117 1.32 10.26 -26.27
C SER A 117 1.47 10.69 -27.73
N GLU A 118 2.10 9.84 -28.53
CA GLU A 118 2.31 10.11 -29.95
C GLU A 118 3.14 11.38 -30.16
N HIS A 119 4.43 11.20 -30.45
CA HIS A 119 5.32 12.32 -30.68
C HIS A 119 5.45 12.61 -32.18
N ASP A 120 5.30 13.87 -32.55
CA ASP A 120 5.40 14.27 -33.96
C ASP A 120 4.42 13.49 -34.82
N ASP A 121 3.16 13.93 -34.81
CA ASP A 121 2.11 13.28 -35.59
C ASP A 121 1.94 13.96 -36.95
N LEU A 122 3.04 14.02 -37.72
CA LEU A 122 3.01 14.64 -39.04
C LEU A 122 2.97 13.57 -40.13
N GLU A 123 3.11 14.00 -41.38
CA GLU A 123 3.09 13.08 -42.51
C GLU A 123 4.25 12.09 -42.44
N HIS A 124 5.47 12.61 -42.35
CA HIS A 124 6.66 11.77 -42.27
C HIS A 124 7.89 12.59 -41.88
N HIS A 125 7.70 13.90 -41.73
CA HIS A 125 8.79 14.80 -41.36
C HIS A 125 9.92 14.73 -42.38
N HIS A 126 9.88 15.64 -43.36
CA HIS A 126 10.89 15.69 -44.40
C HIS A 126 11.84 16.87 -44.20
N HIS A 127 11.80 17.47 -43.02
CA HIS A 127 12.66 18.60 -42.70
C HIS A 127 14.10 18.15 -42.47
N HIS A 128 14.25 17.05 -41.75
CA HIS A 128 15.58 16.51 -41.46
C HIS A 128 15.79 15.17 -42.17
N HIS A 129 17.01 14.66 -42.11
CA HIS A 129 17.34 13.39 -42.74
C HIS A 129 18.24 12.55 -41.85
N MET A 1 10.71 9.25 16.08
CA MET A 1 11.53 9.37 14.85
C MET A 1 11.77 8.01 14.21
N THR A 2 12.38 7.11 14.98
CA THR A 2 12.66 5.75 14.49
C THR A 2 13.60 5.77 13.30
N ASN A 3 14.83 5.31 13.52
CA ASN A 3 15.83 5.27 12.47
C ASN A 3 15.75 3.97 11.68
N TYR A 4 14.52 3.52 11.42
CA TYR A 4 14.31 2.28 10.68
C TYR A 4 14.15 2.55 9.18
N ARG A 5 14.55 1.57 8.38
CA ARG A 5 14.45 1.68 6.93
C ARG A 5 14.19 0.30 6.33
N PRO A 6 13.28 0.21 5.34
CA PRO A 6 12.94 -1.05 4.69
C PRO A 6 14.01 -1.49 3.69
N ASP A 7 13.75 -2.62 3.04
CA ASP A 7 14.67 -3.15 2.05
C ASP A 7 14.24 -2.71 0.66
N TRP A 8 14.40 -1.42 0.37
CA TRP A 8 14.03 -0.86 -0.92
C TRP A 8 14.70 -1.61 -2.06
N ASN A 9 15.87 -2.19 -1.80
CA ASN A 9 16.58 -2.95 -2.82
C ASN A 9 15.84 -4.27 -3.09
N ARG A 10 15.09 -4.70 -2.09
CA ARG A 10 14.32 -5.94 -2.18
C ARG A 10 12.84 -5.63 -2.42
N LEU A 11 12.46 -4.37 -2.22
CA LEU A 11 11.09 -3.93 -2.39
C LEU A 11 10.88 -3.25 -3.75
N ARG A 12 11.97 -2.79 -4.33
CA ARG A 12 11.93 -2.11 -5.63
C ARG A 12 10.95 -2.80 -6.59
N GLY A 13 10.02 -2.02 -7.14
CA GLY A 13 9.05 -2.56 -8.06
C GLY A 13 7.64 -2.56 -7.50
N LEU A 14 7.53 -2.47 -6.18
CA LEU A 14 6.23 -2.45 -5.52
C LEU A 14 5.39 -1.26 -5.98
N ALA A 15 4.21 -1.55 -6.50
CA ALA A 15 3.30 -0.52 -6.97
C ALA A 15 1.89 -0.72 -6.39
N ARG A 16 1.66 -1.88 -5.76
CA ARG A 16 0.36 -2.17 -5.16
C ARG A 16 0.49 -3.13 -3.99
N GLY A 17 -0.54 -3.18 -3.14
CA GLY A 17 -0.53 -4.05 -1.97
C GLY A 17 -1.87 -4.70 -1.69
N ARG A 18 -1.84 -5.96 -1.26
CA ARG A 18 -3.06 -6.71 -0.94
C ARG A 18 -2.86 -7.47 0.38
N VAL A 19 -3.85 -7.37 1.26
CA VAL A 19 -3.79 -8.01 2.56
C VAL A 19 -4.55 -9.33 2.60
N GLU A 20 -3.83 -10.39 2.96
CA GLU A 20 -4.42 -11.73 3.04
C GLU A 20 -4.71 -12.10 4.49
N THR A 21 -5.88 -12.71 4.71
CA THR A 21 -6.28 -13.11 6.06
C THR A 21 -7.48 -14.06 6.04
N CYS A 22 -7.65 -14.79 7.14
CA CYS A 22 -8.75 -15.74 7.28
C CYS A 22 -10.08 -15.01 7.35
N GLY A 23 -11.10 -15.59 6.71
CA GLY A 23 -12.42 -14.98 6.71
C GLY A 23 -13.41 -15.75 7.55
N GLY A 24 -13.47 -15.43 8.84
CA GLY A 24 -14.39 -16.10 9.73
C GLY A 24 -13.70 -16.63 10.98
N CYS A 25 -12.37 -16.69 10.95
CA CYS A 25 -11.60 -17.18 12.09
C CYS A 25 -10.52 -16.18 12.47
N GLN A 26 -9.79 -16.48 13.54
CA GLN A 26 -8.73 -15.61 14.02
C GLN A 26 -9.27 -14.23 14.38
N LEU A 27 -8.38 -13.25 14.49
CA LEU A 27 -8.76 -11.88 14.83
C LEU A 27 -9.46 -11.84 16.19
N ASN A 28 -10.03 -10.68 16.52
CA ASN A 28 -10.72 -10.48 17.79
C ASN A 28 -9.73 -10.47 18.94
N ARG A 29 -8.46 -10.72 18.63
CA ARG A 29 -7.41 -10.75 19.63
C ARG A 29 -6.39 -9.66 19.36
N LEU A 30 -6.35 -9.20 18.11
CA LEU A 30 -5.43 -8.15 17.70
C LEU A 30 -6.19 -6.92 17.21
N LYS A 31 -6.94 -6.31 18.14
CA LYS A 31 -7.74 -5.12 17.85
C LYS A 31 -7.09 -4.23 16.80
N GLU A 32 -5.78 -4.09 16.89
CA GLU A 32 -5.03 -3.29 15.92
C GLU A 32 -5.23 -3.85 14.52
N VAL A 33 -4.62 -5.01 14.26
CA VAL A 33 -4.73 -5.67 12.96
C VAL A 33 -6.13 -5.54 12.36
N LYS A 34 -7.13 -6.12 13.02
CA LYS A 34 -8.51 -6.04 12.54
C LYS A 34 -8.87 -4.65 12.06
N ALA A 35 -8.41 -3.64 12.78
CA ALA A 35 -8.69 -2.25 12.41
C ALA A 35 -8.16 -1.94 11.01
N PHE A 36 -6.83 -1.98 10.87
CA PHE A 36 -6.19 -1.72 9.58
C PHE A 36 -6.89 -2.44 8.44
N VAL A 37 -7.28 -3.69 8.71
CA VAL A 37 -7.93 -4.52 7.71
C VAL A 37 -9.46 -4.48 7.85
N THR A 38 -10.02 -3.28 7.88
CA THR A 38 -11.46 -3.12 8.00
C THR A 38 -11.88 -1.70 7.63
N GLU A 39 -11.24 -0.72 8.26
CA GLU A 39 -11.55 0.69 8.01
C GLU A 39 -10.56 1.32 7.04
N ASP A 40 -9.29 1.38 7.46
CA ASP A 40 -8.24 1.98 6.64
C ASP A 40 -8.03 1.25 5.32
N ILE A 41 -8.06 -0.07 5.35
CA ILE A 41 -7.84 -0.87 4.14
C ILE A 41 -8.82 -0.53 3.02
N GLN A 42 -9.98 0.03 3.37
CA GLN A 42 -10.98 0.38 2.36
C GLN A 42 -10.74 1.79 1.84
N LEU A 43 -9.97 2.55 2.60
CA LEU A 43 -9.65 3.92 2.26
C LEU A 43 -8.30 4.00 1.56
N TYR A 44 -7.46 3.01 1.83
CA TYR A 44 -6.13 2.96 1.24
C TYR A 44 -6.18 2.52 -0.22
N HIS A 45 -5.85 3.44 -1.11
CA HIS A 45 -5.86 3.17 -2.55
C HIS A 45 -4.86 2.05 -2.88
N ASN A 46 -5.22 1.22 -3.86
CA ASN A 46 -4.38 0.11 -4.28
C ASN A 46 -4.13 -0.88 -3.13
N LEU A 47 -4.99 -0.82 -2.11
CA LEU A 47 -4.88 -1.72 -0.98
C LEU A 47 -6.20 -2.44 -0.75
N VAL A 48 -6.29 -3.67 -1.23
CA VAL A 48 -7.50 -4.46 -1.10
C VAL A 48 -7.34 -5.61 -0.11
N MET A 49 -8.46 -5.98 0.54
CA MET A 49 -8.45 -7.08 1.49
C MET A 49 -8.95 -8.36 0.84
N LYS A 50 -8.52 -9.49 1.39
CA LYS A 50 -8.93 -10.79 0.84
C LYS A 50 -9.08 -11.83 1.94
N HIS A 51 -9.88 -12.85 1.67
CA HIS A 51 -10.13 -13.92 2.62
C HIS A 51 -9.56 -15.25 2.14
N LEU A 52 -8.41 -15.64 2.70
CA LEU A 52 -7.76 -16.89 2.33
C LEU A 52 -8.21 -18.02 3.27
N PRO A 53 -8.27 -19.26 2.74
CA PRO A 53 -8.68 -20.43 3.53
C PRO A 53 -7.81 -20.63 4.77
N GLY A 54 -8.18 -19.97 5.86
CA GLY A 54 -7.42 -20.09 7.10
C GLY A 54 -5.98 -19.65 6.95
N ALA A 55 -5.78 -18.35 6.74
CA ALA A 55 -4.44 -17.79 6.58
C ALA A 55 -4.18 -16.70 7.61
N ASP A 56 -2.94 -16.23 7.67
CA ASP A 56 -2.56 -15.20 8.62
C ASP A 56 -2.65 -13.81 7.98
N PRO A 57 -3.02 -12.78 8.77
CA PRO A 57 -3.14 -11.41 8.26
C PRO A 57 -1.79 -10.81 7.87
N GLU A 58 -1.37 -11.07 6.63
CA GLU A 58 -0.10 -10.57 6.13
C GLU A 58 -0.30 -9.72 4.88
N LEU A 59 0.47 -8.65 4.78
CA LEU A 59 0.39 -7.75 3.63
C LEU A 59 1.14 -8.36 2.44
N VAL A 60 0.67 -8.05 1.23
CA VAL A 60 1.31 -8.56 0.02
C VAL A 60 1.63 -7.42 -0.94
N LEU A 61 2.83 -6.87 -0.82
CA LEU A 61 3.24 -5.78 -1.69
C LEU A 61 3.57 -6.33 -3.08
N LEU A 62 2.55 -6.44 -3.93
CA LEU A 62 2.75 -6.94 -5.28
C LEU A 62 3.41 -5.89 -6.15
N SER A 63 3.69 -6.24 -7.39
CA SER A 63 4.30 -5.30 -8.31
C SER A 63 3.27 -4.27 -8.74
N ARG A 64 2.58 -4.54 -9.83
CA ARG A 64 1.59 -3.65 -10.35
C ARG A 64 0.51 -4.45 -11.06
N ASN A 65 0.87 -5.68 -11.44
CA ASN A 65 -0.05 -6.57 -12.14
C ASN A 65 -0.21 -7.89 -11.38
N TYR A 66 -0.20 -7.81 -10.05
CA TYR A 66 -0.37 -8.97 -9.17
C TYR A 66 0.94 -9.78 -9.01
N GLN A 67 2.05 -9.23 -9.48
CA GLN A 67 3.34 -9.92 -9.37
C GLN A 67 3.89 -9.82 -7.95
N GLU A 68 3.24 -10.52 -7.02
CA GLU A 68 3.64 -10.54 -5.61
C GLU A 68 5.16 -10.48 -5.46
N LEU A 69 5.65 -9.36 -4.92
CA LEU A 69 7.09 -9.17 -4.72
C LEU A 69 7.54 -9.49 -3.31
N GLU A 70 6.71 -9.14 -2.32
CA GLU A 70 7.06 -9.38 -0.92
C GLU A 70 5.82 -9.41 -0.03
N ARG A 71 5.92 -10.18 1.05
CA ARG A 71 4.82 -10.30 2.01
C ARG A 71 5.36 -10.18 3.44
N ILE A 72 4.75 -9.30 4.23
CA ILE A 72 5.17 -9.08 5.60
C ILE A 72 3.99 -9.18 6.58
N PRO A 73 4.19 -9.85 7.73
CA PRO A 73 3.13 -10.02 8.73
C PRO A 73 2.65 -8.69 9.28
N LEU A 74 1.45 -8.69 9.86
CA LEU A 74 0.86 -7.49 10.43
C LEU A 74 0.42 -7.72 11.86
N SER A 75 0.40 -8.99 12.28
CA SER A 75 -0.01 -9.37 13.63
C SER A 75 1.06 -9.02 14.65
N GLN A 76 2.19 -8.50 14.18
CA GLN A 76 3.29 -8.14 15.07
C GLN A 76 3.18 -6.70 15.54
N MET A 77 2.97 -5.78 14.59
CA MET A 77 2.85 -4.37 14.91
C MET A 77 1.39 -3.98 15.12
N THR A 78 1.16 -2.73 15.51
CA THR A 78 -0.20 -2.23 15.73
C THR A 78 -0.68 -1.38 14.56
N ARG A 79 -1.97 -1.07 14.54
CA ARG A 79 -2.55 -0.29 13.45
C ARG A 79 -1.73 0.96 13.16
N ASP A 80 -1.42 1.72 14.21
CA ASP A 80 -0.64 2.94 14.07
C ASP A 80 0.70 2.68 13.38
N GLU A 81 1.31 1.55 13.71
CA GLU A 81 2.61 1.19 13.13
C GLU A 81 2.46 0.70 11.70
N ILE A 82 1.53 -0.23 11.48
CA ILE A 82 1.30 -0.77 10.15
C ILE A 82 0.91 0.32 9.16
N ASN A 83 0.30 1.39 9.66
CA ASN A 83 -0.13 2.50 8.82
C ASN A 83 1.08 3.32 8.39
N ALA A 84 2.02 3.47 9.32
CA ALA A 84 3.24 4.23 9.07
C ALA A 84 3.96 3.66 7.86
N LEU A 85 4.09 2.33 7.84
CA LEU A 85 4.75 1.63 6.74
C LEU A 85 4.09 1.94 5.40
N VAL A 86 2.77 1.73 5.33
CA VAL A 86 2.03 1.98 4.08
C VAL A 86 2.28 3.39 3.57
N GLN A 87 2.26 4.35 4.49
CA GLN A 87 2.49 5.74 4.12
C GLN A 87 3.92 5.93 3.64
N GLU A 88 4.84 5.20 4.27
CA GLU A 88 6.24 5.26 3.93
C GLU A 88 6.46 4.83 2.47
N LEU A 89 5.68 3.84 2.03
CA LEU A 89 5.79 3.35 0.66
C LEU A 89 5.33 4.39 -0.34
N GLY A 90 4.09 4.86 -0.17
CA GLY A 90 3.54 5.86 -1.07
C GLY A 90 2.04 5.72 -1.26
N PHE A 91 1.45 4.74 -0.59
CA PHE A 91 0.00 4.51 -0.68
C PHE A 91 -0.78 5.76 -0.32
N TYR A 92 -2.07 5.78 -0.68
CA TYR A 92 -2.93 6.92 -0.39
C TYR A 92 -4.04 6.52 0.56
N ARG A 93 -4.44 7.46 1.42
CA ARG A 93 -5.51 7.21 2.38
C ARG A 93 -6.54 8.33 2.35
N LYS A 94 -7.80 7.98 2.19
CA LYS A 94 -8.88 8.97 2.13
C LYS A 94 -9.71 8.96 3.41
N SER A 95 -10.79 9.73 3.41
CA SER A 95 -11.66 9.82 4.57
C SER A 95 -12.88 8.92 4.37
N ALA A 96 -13.24 8.70 3.11
CA ALA A 96 -14.38 7.86 2.77
C ALA A 96 -14.25 7.29 1.37
N PRO A 97 -14.95 6.19 1.08
CA PRO A 97 -14.91 5.53 -0.22
C PRO A 97 -15.35 6.46 -1.35
N GLU A 98 -16.28 7.36 -1.03
CA GLU A 98 -16.79 8.31 -2.01
C GLU A 98 -15.76 9.39 -2.30
N ALA A 99 -14.82 9.56 -1.38
CA ALA A 99 -13.76 10.56 -1.53
C ALA A 99 -12.79 10.18 -2.64
N GLN A 100 -12.69 11.04 -3.65
CA GLN A 100 -11.80 10.80 -4.78
C GLN A 100 -10.34 11.01 -4.39
N VAL A 101 -9.43 10.73 -5.33
CA VAL A 101 -8.00 10.88 -5.08
C VAL A 101 -7.36 11.78 -6.15
N PRO A 102 -6.52 12.76 -5.73
CA PRO A 102 -5.86 13.68 -6.67
C PRO A 102 -5.00 12.93 -7.70
N PRO A 103 -4.71 13.58 -8.85
CA PRO A 103 -3.90 12.97 -9.91
C PRO A 103 -2.53 12.55 -9.41
N GLU A 104 -2.01 13.27 -8.43
CA GLU A 104 -0.70 12.99 -7.85
C GLU A 104 -0.66 11.57 -7.30
N TYR A 105 -1.67 11.23 -6.50
CA TYR A 105 -1.74 9.90 -5.88
C TYR A 105 -2.80 9.03 -6.56
N LEU A 106 -3.22 9.44 -7.75
CA LEU A 106 -4.23 8.71 -8.50
C LEU A 106 -3.74 7.29 -8.81
N TRP A 107 -2.43 7.12 -8.92
CA TRP A 107 -1.84 5.83 -9.22
C TRP A 107 -0.99 5.35 -8.06
N ALA A 108 -0.88 6.18 -7.02
CA ALA A 108 -0.10 5.85 -5.83
C ALA A 108 -0.37 4.42 -5.39
N PRO A 109 0.63 3.72 -4.79
CA PRO A 109 1.98 4.26 -4.54
C PRO A 109 2.78 4.48 -5.82
N ALA A 110 2.26 3.98 -6.93
CA ALA A 110 2.93 4.11 -8.21
C ALA A 110 2.79 5.51 -8.78
N LYS A 111 3.91 6.11 -9.17
CA LYS A 111 3.90 7.47 -9.72
C LYS A 111 3.23 7.47 -11.10
N PRO A 112 2.64 8.61 -11.50
CA PRO A 112 1.95 8.74 -12.79
C PRO A 112 2.86 8.34 -13.96
N PRO A 113 2.28 7.83 -15.06
CA PRO A 113 3.04 7.42 -16.24
C PRO A 113 3.72 8.59 -16.93
N GLU A 114 4.61 8.27 -17.87
CA GLU A 114 5.32 9.28 -18.61
C GLU A 114 4.99 9.19 -20.09
N GLU A 115 4.81 10.36 -20.69
CA GLU A 115 4.48 10.45 -22.11
C GLU A 115 5.75 10.42 -22.96
N ALA A 116 6.57 9.39 -22.77
CA ALA A 116 7.81 9.24 -23.51
C ALA A 116 8.09 7.78 -23.86
N SER A 117 7.35 6.88 -23.21
CA SER A 117 7.50 5.45 -23.45
C SER A 117 8.90 4.98 -23.09
N GLU A 118 9.63 5.82 -22.35
CA GLU A 118 11.00 5.48 -21.95
C GLU A 118 11.06 5.14 -20.47
N HIS A 119 11.04 3.84 -20.17
CA HIS A 119 11.10 3.37 -18.79
C HIS A 119 12.54 3.21 -18.33
N ASP A 120 13.47 3.26 -19.28
CA ASP A 120 14.88 3.12 -18.96
C ASP A 120 15.68 4.30 -19.50
N ASP A 121 16.41 4.97 -18.61
CA ASP A 121 17.22 6.12 -18.98
C ASP A 121 18.69 5.74 -19.11
N LEU A 122 19.21 5.78 -20.33
CA LEU A 122 20.60 5.44 -20.59
C LEU A 122 21.50 6.66 -20.41
N GLU A 123 21.64 7.11 -19.17
CA GLU A 123 22.47 8.27 -18.86
C GLU A 123 22.04 9.48 -19.68
N HIS A 124 22.95 10.43 -19.87
CA HIS A 124 22.67 11.64 -20.64
C HIS A 124 22.52 11.32 -22.13
N HIS A 125 22.81 10.07 -22.50
CA HIS A 125 22.70 9.65 -23.89
C HIS A 125 21.25 9.63 -24.35
N HIS A 126 20.92 10.53 -25.28
CA HIS A 126 19.56 10.63 -25.80
C HIS A 126 19.22 9.41 -26.66
N HIS A 127 18.28 8.61 -26.18
CA HIS A 127 17.86 7.41 -26.90
C HIS A 127 16.41 7.53 -27.35
N HIS A 128 16.19 7.48 -28.66
CA HIS A 128 14.85 7.59 -29.22
C HIS A 128 14.54 6.43 -30.16
N HIS A 129 13.38 6.46 -30.78
CA HIS A 129 12.96 5.41 -31.70
C HIS A 129 12.54 6.01 -33.04
N MET A 1 20.11 9.75 15.26
CA MET A 1 21.36 9.01 14.91
C MET A 1 21.03 7.71 14.17
N THR A 2 19.85 7.15 14.47
CA THR A 2 19.44 5.91 13.84
C THR A 2 18.89 6.16 12.43
N ASN A 3 19.73 5.92 11.44
CA ASN A 3 19.34 6.12 10.04
C ASN A 3 18.96 4.79 9.40
N TYR A 4 17.70 4.37 9.59
CA TYR A 4 17.23 3.12 9.04
C TYR A 4 16.57 3.33 7.68
N ARG A 5 16.70 2.32 6.82
CA ARG A 5 16.11 2.37 5.50
C ARG A 5 15.63 0.98 5.09
N PRO A 6 14.45 0.91 4.44
CA PRO A 6 13.86 -0.36 4.00
C PRO A 6 14.73 -1.05 2.94
N ASP A 7 14.22 -2.16 2.42
CA ASP A 7 14.92 -2.91 1.40
C ASP A 7 14.34 -2.58 0.03
N TRP A 8 14.47 -1.32 -0.37
CA TRP A 8 13.95 -0.86 -1.65
C TRP A 8 14.50 -1.66 -2.82
N ASN A 9 15.74 -2.11 -2.71
CA ASN A 9 16.35 -2.92 -3.76
C ASN A 9 15.66 -4.27 -3.84
N ARG A 10 14.99 -4.62 -2.75
CA ARG A 10 14.26 -5.87 -2.64
C ARG A 10 12.76 -5.63 -2.77
N LEU A 11 12.36 -4.38 -2.57
CA LEU A 11 10.95 -4.00 -2.64
C LEU A 11 10.60 -3.38 -3.99
N ARG A 12 11.62 -3.03 -4.74
CA ARG A 12 11.46 -2.42 -6.06
C ARG A 12 10.33 -3.07 -6.85
N GLY A 13 9.59 -2.25 -7.60
CA GLY A 13 8.50 -2.74 -8.40
C GLY A 13 7.16 -2.65 -7.69
N LEU A 14 7.19 -2.52 -6.37
CA LEU A 14 5.97 -2.42 -5.57
C LEU A 14 5.09 -1.29 -6.08
N ALA A 15 3.96 -1.66 -6.67
CA ALA A 15 3.02 -0.68 -7.18
C ALA A 15 1.67 -0.81 -6.49
N ARG A 16 1.48 -1.92 -5.77
CA ARG A 16 0.22 -2.15 -5.06
C ARG A 16 0.42 -3.14 -3.92
N GLY A 17 -0.60 -3.25 -3.06
CA GLY A 17 -0.53 -4.17 -1.93
C GLY A 17 -1.87 -4.83 -1.64
N ARG A 18 -1.82 -6.08 -1.24
CA ARG A 18 -3.03 -6.83 -0.91
C ARG A 18 -2.83 -7.59 0.40
N VAL A 19 -3.82 -7.51 1.27
CA VAL A 19 -3.75 -8.17 2.58
C VAL A 19 -4.51 -9.48 2.59
N GLU A 20 -3.79 -10.57 2.85
CA GLU A 20 -4.40 -11.89 2.92
C GLU A 20 -4.75 -12.23 4.36
N THR A 21 -5.98 -12.68 4.59
CA THR A 21 -6.42 -13.02 5.94
C THR A 21 -7.63 -13.95 5.92
N CYS A 22 -7.84 -14.66 7.03
CA CYS A 22 -8.97 -15.58 7.16
C CYS A 22 -10.13 -14.92 7.89
N GLY A 23 -11.34 -15.36 7.57
CA GLY A 23 -12.53 -14.80 8.20
C GLY A 23 -13.00 -15.62 9.39
N GLY A 24 -12.72 -16.92 9.36
CA GLY A 24 -13.12 -17.78 10.45
C GLY A 24 -12.30 -17.55 11.70
N CYS A 25 -11.36 -16.62 11.62
CA CYS A 25 -10.50 -16.28 12.74
C CYS A 25 -10.61 -14.80 13.09
N GLN A 26 -11.58 -14.49 13.95
CA GLN A 26 -11.80 -13.11 14.37
C GLN A 26 -10.52 -12.49 14.94
N LEU A 27 -10.13 -11.35 14.40
CA LEU A 27 -8.93 -10.66 14.84
C LEU A 27 -9.20 -9.83 16.09
N ASN A 28 -10.24 -10.23 16.84
CA ASN A 28 -10.60 -9.53 18.06
C ASN A 28 -9.39 -9.38 18.96
N ARG A 29 -8.62 -10.44 19.09
CA ARG A 29 -7.42 -10.44 19.91
C ARG A 29 -6.41 -9.43 19.37
N LEU A 30 -6.36 -9.29 18.05
CA LEU A 30 -5.45 -8.35 17.42
C LEU A 30 -6.17 -7.07 17.01
N LYS A 31 -6.85 -6.45 18.00
CA LYS A 31 -7.62 -5.22 17.78
C LYS A 31 -7.00 -4.36 16.69
N GLU A 32 -5.68 -4.23 16.73
CA GLU A 32 -4.97 -3.45 15.73
C GLU A 32 -5.26 -3.99 14.34
N VAL A 33 -4.68 -5.16 14.05
CA VAL A 33 -4.87 -5.81 12.75
C VAL A 33 -6.29 -5.63 12.21
N LYS A 34 -7.29 -6.15 12.92
CA LYS A 34 -8.69 -6.04 12.50
C LYS A 34 -9.00 -4.64 11.99
N ALA A 35 -8.47 -3.62 12.66
CA ALA A 35 -8.69 -2.25 12.26
C ALA A 35 -8.16 -2.01 10.86
N PHE A 36 -6.83 -2.04 10.71
CA PHE A 36 -6.19 -1.84 9.42
C PHE A 36 -6.85 -2.65 8.30
N VAL A 37 -7.26 -3.86 8.61
CA VAL A 37 -7.87 -4.76 7.63
C VAL A 37 -9.31 -4.39 7.28
N THR A 38 -10.07 -3.85 8.22
CA THR A 38 -11.46 -3.50 7.94
C THR A 38 -11.62 -2.03 7.54
N GLU A 39 -11.15 -1.14 8.40
CA GLU A 39 -11.26 0.30 8.17
C GLU A 39 -10.23 0.86 7.20
N ASP A 40 -9.00 0.99 7.67
CA ASP A 40 -7.91 1.56 6.88
C ASP A 40 -7.75 0.93 5.50
N ILE A 41 -7.90 -0.39 5.41
CA ILE A 41 -7.71 -1.08 4.13
C ILE A 41 -8.64 -0.57 3.03
N GLN A 42 -9.76 0.05 3.40
CA GLN A 42 -10.70 0.56 2.41
C GLN A 42 -10.39 2.01 2.09
N LEU A 43 -9.65 2.64 2.99
CA LEU A 43 -9.26 4.02 2.85
C LEU A 43 -7.92 4.15 2.13
N TYR A 44 -7.18 3.06 2.11
CA TYR A 44 -5.88 3.03 1.45
C TYR A 44 -6.00 2.56 0.00
N HIS A 45 -5.70 3.46 -0.92
CA HIS A 45 -5.77 3.15 -2.35
C HIS A 45 -4.79 2.03 -2.71
N ASN A 46 -5.15 1.26 -3.75
CA ASN A 46 -4.31 0.16 -4.20
C ASN A 46 -4.07 -0.85 -3.08
N LEU A 47 -4.95 -0.83 -2.08
CA LEU A 47 -4.85 -1.75 -0.96
C LEU A 47 -6.17 -2.49 -0.76
N VAL A 48 -6.24 -3.70 -1.29
CA VAL A 48 -7.45 -4.50 -1.19
C VAL A 48 -7.33 -5.63 -0.17
N MET A 49 -8.45 -5.99 0.43
CA MET A 49 -8.49 -7.06 1.43
C MET A 49 -8.84 -8.39 0.77
N LYS A 50 -8.29 -9.46 1.33
CA LYS A 50 -8.53 -10.80 0.79
C LYS A 50 -8.97 -11.78 1.88
N HIS A 51 -9.76 -12.77 1.49
CA HIS A 51 -10.25 -13.78 2.40
C HIS A 51 -9.77 -15.17 1.99
N LEU A 52 -8.65 -15.60 2.56
CA LEU A 52 -8.08 -16.91 2.25
C LEU A 52 -8.42 -17.94 3.33
N PRO A 53 -8.89 -19.13 2.91
CA PRO A 53 -9.25 -20.20 3.83
C PRO A 53 -8.11 -20.56 4.78
N GLY A 54 -8.29 -20.23 6.07
CA GLY A 54 -7.27 -20.53 7.05
C GLY A 54 -5.91 -19.91 6.73
N ALA A 55 -5.88 -18.59 6.69
CA ALA A 55 -4.64 -17.88 6.39
C ALA A 55 -4.31 -16.87 7.49
N ASP A 56 -3.13 -16.26 7.39
CA ASP A 56 -2.69 -15.27 8.38
C ASP A 56 -2.75 -13.86 7.79
N PRO A 57 -3.10 -12.85 8.62
CA PRO A 57 -3.20 -11.46 8.17
C PRO A 57 -1.83 -10.86 7.86
N GLU A 58 -1.43 -10.97 6.59
CA GLU A 58 -0.15 -10.43 6.14
C GLU A 58 -0.32 -9.59 4.89
N LEU A 59 0.47 -8.52 4.79
CA LEU A 59 0.41 -7.64 3.62
C LEU A 59 1.16 -8.27 2.46
N VAL A 60 0.72 -7.98 1.24
CA VAL A 60 1.37 -8.52 0.04
C VAL A 60 1.66 -7.42 -0.97
N LEU A 61 2.85 -6.82 -0.88
CA LEU A 61 3.24 -5.77 -1.79
C LEU A 61 3.54 -6.34 -3.17
N LEU A 62 2.53 -6.38 -4.03
CA LEU A 62 2.68 -6.94 -5.37
C LEU A 62 3.25 -5.90 -6.33
N SER A 63 3.41 -6.31 -7.60
CA SER A 63 3.92 -5.42 -8.64
C SER A 63 2.88 -5.23 -9.73
N ARG A 64 1.92 -4.35 -9.46
CA ARG A 64 0.84 -4.04 -10.41
C ARG A 64 0.11 -5.29 -10.90
N ASN A 65 0.75 -6.04 -11.80
CA ASN A 65 0.17 -7.25 -12.37
C ASN A 65 0.02 -8.37 -11.34
N TYR A 66 -0.11 -8.00 -10.06
CA TYR A 66 -0.30 -8.96 -8.99
C TYR A 66 0.95 -9.82 -8.80
N GLN A 67 2.10 -9.28 -9.18
CA GLN A 67 3.36 -10.00 -9.04
C GLN A 67 3.91 -9.83 -7.62
N GLU A 68 3.29 -10.54 -6.68
CA GLU A 68 3.70 -10.50 -5.27
C GLU A 68 5.23 -10.42 -5.15
N LEU A 69 5.71 -9.27 -4.70
CA LEU A 69 7.14 -9.04 -4.55
C LEU A 69 7.63 -9.35 -3.14
N GLU A 70 6.81 -9.01 -2.16
CA GLU A 70 7.17 -9.23 -0.77
C GLU A 70 5.92 -9.26 0.11
N ARG A 71 5.98 -10.04 1.19
CA ARG A 71 4.87 -10.16 2.11
C ARG A 71 5.37 -10.06 3.55
N ILE A 72 4.72 -9.22 4.33
CA ILE A 72 5.10 -9.01 5.73
C ILE A 72 3.89 -9.14 6.64
N PRO A 73 4.05 -9.77 7.82
CA PRO A 73 2.95 -9.97 8.76
C PRO A 73 2.49 -8.67 9.41
N LEU A 74 1.20 -8.60 9.71
CA LEU A 74 0.62 -7.42 10.32
C LEU A 74 0.20 -7.70 11.75
N SER A 75 0.27 -8.98 12.12
CA SER A 75 -0.09 -9.40 13.47
C SER A 75 1.09 -9.26 14.43
N GLN A 76 1.88 -8.22 14.22
CA GLN A 76 3.05 -7.99 15.07
C GLN A 76 3.07 -6.53 15.55
N MET A 77 2.85 -5.60 14.63
CA MET A 77 2.83 -4.18 14.94
C MET A 77 1.42 -3.72 15.25
N THR A 78 1.26 -2.46 15.64
CA THR A 78 -0.04 -1.91 15.94
C THR A 78 -0.60 -1.17 14.73
N ARG A 79 -1.92 -0.99 14.67
CA ARG A 79 -2.53 -0.31 13.54
C ARG A 79 -1.80 1.00 13.21
N ASP A 80 -1.41 1.72 14.25
CA ASP A 80 -0.70 2.98 14.07
C ASP A 80 0.63 2.78 13.36
N GLU A 81 1.33 1.70 13.72
CA GLU A 81 2.62 1.39 13.11
C GLU A 81 2.45 0.86 11.69
N ILE A 82 1.51 -0.06 11.51
CA ILE A 82 1.26 -0.64 10.20
C ILE A 82 0.85 0.43 9.19
N ASN A 83 0.21 1.49 9.67
CA ASN A 83 -0.23 2.57 8.78
C ASN A 83 0.96 3.42 8.36
N ALA A 84 1.92 3.56 9.27
CA ALA A 84 3.12 4.33 9.02
C ALA A 84 3.85 3.78 7.80
N LEU A 85 4.03 2.47 7.77
CA LEU A 85 4.71 1.81 6.66
C LEU A 85 4.01 2.06 5.33
N VAL A 86 2.69 1.83 5.29
CA VAL A 86 1.93 2.02 4.05
C VAL A 86 2.19 3.40 3.47
N GLN A 87 2.25 4.41 4.33
CA GLN A 87 2.51 5.77 3.90
C GLN A 87 3.96 5.92 3.46
N GLU A 88 4.83 5.23 4.17
CA GLU A 88 6.26 5.24 3.88
C GLU A 88 6.51 4.82 2.44
N LEU A 89 5.77 3.79 2.00
CA LEU A 89 5.92 3.28 0.65
C LEU A 89 5.42 4.29 -0.38
N GLY A 90 4.19 4.76 -0.21
CA GLY A 90 3.64 5.74 -1.13
C GLY A 90 2.13 5.62 -1.29
N PHE A 91 1.53 4.64 -0.61
CA PHE A 91 0.08 4.43 -0.68
C PHE A 91 -0.67 5.72 -0.31
N TYR A 92 -1.89 5.83 -0.80
CA TYR A 92 -2.72 7.02 -0.53
C TYR A 92 -3.82 6.71 0.47
N ARG A 93 -4.00 7.60 1.44
CA ARG A 93 -5.03 7.44 2.45
C ARG A 93 -6.09 8.52 2.30
N LYS A 94 -7.35 8.12 2.29
CA LYS A 94 -8.46 9.07 2.15
C LYS A 94 -9.40 9.00 3.34
N SER A 95 -10.36 9.91 3.36
CA SER A 95 -11.35 9.96 4.45
C SER A 95 -12.53 9.07 4.09
N ALA A 96 -12.68 8.78 2.81
CA ALA A 96 -13.75 7.94 2.33
C ALA A 96 -13.35 7.22 1.04
N PRO A 97 -13.99 6.09 0.74
CA PRO A 97 -13.69 5.30 -0.46
C PRO A 97 -13.99 6.05 -1.75
N GLU A 98 -14.96 6.95 -1.69
CA GLU A 98 -15.36 7.75 -2.84
C GLU A 98 -14.35 8.86 -3.12
N ALA A 99 -13.57 9.21 -2.10
CA ALA A 99 -12.57 10.26 -2.22
C ALA A 99 -11.63 10.02 -3.40
N GLN A 100 -11.29 11.09 -4.10
CA GLN A 100 -10.39 11.00 -5.25
C GLN A 100 -8.94 11.15 -4.82
N VAL A 101 -8.03 11.09 -5.78
CA VAL A 101 -6.60 11.21 -5.49
C VAL A 101 -5.98 12.37 -6.30
N PRO A 102 -5.31 13.32 -5.62
CA PRO A 102 -4.67 14.46 -6.29
C PRO A 102 -3.35 14.07 -6.95
N PRO A 103 -2.76 14.99 -7.75
CA PRO A 103 -1.48 14.72 -8.43
C PRO A 103 -0.41 14.21 -7.49
N GLU A 104 -0.47 14.69 -6.25
CA GLU A 104 0.49 14.31 -5.21
C GLU A 104 0.63 12.80 -5.09
N TYR A 105 -0.46 12.07 -5.30
CA TYR A 105 -0.44 10.62 -5.18
C TYR A 105 -1.18 9.97 -6.35
N LEU A 106 -1.06 10.56 -7.53
CA LEU A 106 -1.69 10.04 -8.72
C LEU A 106 -1.36 8.58 -8.92
N TRP A 107 -2.38 7.77 -8.71
CA TRP A 107 -2.30 6.33 -8.86
C TRP A 107 -1.32 5.72 -7.88
N ALA A 108 -0.76 6.56 -7.02
CA ALA A 108 0.20 6.11 -6.02
C ALA A 108 -0.30 4.86 -5.28
N PRO A 109 0.61 3.95 -4.87
CA PRO A 109 2.07 4.11 -5.07
C PRO A 109 2.47 3.90 -6.53
N ALA A 110 1.54 3.36 -7.32
CA ALA A 110 1.80 3.10 -8.73
C ALA A 110 1.98 4.41 -9.49
N LYS A 111 3.23 4.72 -9.85
CA LYS A 111 3.53 5.94 -10.58
C LYS A 111 2.79 5.97 -11.92
N PRO A 112 2.36 7.16 -12.37
CA PRO A 112 1.64 7.33 -13.63
C PRO A 112 2.56 7.08 -14.84
N PRO A 113 1.97 6.81 -16.01
CA PRO A 113 2.73 6.57 -17.24
C PRO A 113 3.65 7.73 -17.61
N GLU A 114 4.18 7.70 -18.83
CA GLU A 114 5.08 8.74 -19.31
C GLU A 114 4.46 10.12 -19.12
N GLU A 115 3.38 10.37 -19.84
CA GLU A 115 2.69 11.65 -19.76
C GLU A 115 2.12 11.88 -18.37
N ALA A 116 2.88 12.58 -17.52
CA ALA A 116 2.46 12.85 -16.16
C ALA A 116 2.47 14.35 -15.87
N SER A 117 1.44 15.04 -16.36
CA SER A 117 1.32 16.49 -16.15
C SER A 117 -0.15 16.87 -15.92
N GLU A 118 -1.05 16.12 -16.55
CA GLU A 118 -2.49 16.36 -16.43
C GLU A 118 -2.85 17.77 -16.92
N HIS A 119 -2.74 18.75 -16.03
CA HIS A 119 -3.04 20.14 -16.37
C HIS A 119 -2.04 21.09 -15.73
N ASP A 120 -2.03 22.34 -16.18
CA ASP A 120 -1.12 23.35 -15.66
C ASP A 120 -1.56 24.74 -16.07
N ASP A 121 -1.75 25.62 -15.09
CA ASP A 121 -2.16 26.99 -15.35
C ASP A 121 -0.97 27.95 -15.25
N LEU A 122 -0.72 28.68 -16.32
CA LEU A 122 0.37 29.64 -16.36
C LEU A 122 -0.09 31.02 -15.90
N GLU A 123 0.63 31.59 -14.94
CA GLU A 123 0.30 32.90 -14.41
C GLU A 123 1.55 33.78 -14.35
N HIS A 124 2.71 33.14 -14.21
CA HIS A 124 3.97 33.85 -14.13
C HIS A 124 5.15 32.88 -14.22
N HIS A 125 4.96 31.80 -14.97
CA HIS A 125 6.00 30.79 -15.16
C HIS A 125 6.39 30.15 -13.82
N HIS A 126 7.35 29.24 -13.86
CA HIS A 126 7.81 28.55 -12.67
C HIS A 126 9.14 27.85 -12.94
N HIS A 127 10.12 28.08 -12.06
CA HIS A 127 11.43 27.47 -12.20
C HIS A 127 12.21 27.53 -10.89
N HIS A 128 13.07 26.54 -10.67
CA HIS A 128 13.88 26.49 -9.46
C HIS A 128 15.36 26.60 -9.80
N HIS A 129 15.66 26.86 -11.07
CA HIS A 129 17.03 26.99 -11.53
C HIS A 129 17.71 28.19 -10.89
N MET A 1 18.32 6.98 15.95
CA MET A 1 19.18 5.76 15.95
C MET A 1 18.63 4.71 15.00
N THR A 2 17.45 4.19 15.31
CA THR A 2 16.83 3.16 14.47
C THR A 2 15.33 3.44 14.30
N ASN A 3 14.98 4.06 13.17
CA ASN A 3 13.58 4.38 12.89
C ASN A 3 12.98 3.35 11.94
N TYR A 4 13.58 2.16 11.90
CA TYR A 4 13.13 1.08 11.03
C TYR A 4 13.29 1.44 9.55
N ARG A 5 13.56 0.43 8.75
CA ARG A 5 13.73 0.61 7.31
C ARG A 5 13.38 -0.68 6.58
N PRO A 6 12.59 -0.59 5.49
CA PRO A 6 12.18 -1.74 4.70
C PRO A 6 13.30 -2.23 3.78
N ASP A 7 13.02 -3.27 3.02
CA ASP A 7 13.98 -3.82 2.08
C ASP A 7 13.69 -3.30 0.68
N TRP A 8 13.89 -2.01 0.48
CA TRP A 8 13.63 -1.37 -0.80
C TRP A 8 14.26 -2.14 -1.96
N ASN A 9 15.46 -2.67 -1.74
CA ASN A 9 16.16 -3.43 -2.78
C ASN A 9 15.38 -4.71 -3.09
N ARG A 10 14.67 -5.21 -2.08
CA ARG A 10 13.88 -6.41 -2.19
C ARG A 10 12.44 -6.07 -2.59
N LEU A 11 12.06 -4.86 -2.27
CA LEU A 11 10.71 -4.36 -2.55
C LEU A 11 10.59 -3.76 -3.95
N ARG A 12 11.74 -3.45 -4.54
CA ARG A 12 11.80 -2.87 -5.88
C ARG A 12 10.66 -3.37 -6.77
N GLY A 13 9.92 -2.44 -7.35
CA GLY A 13 8.81 -2.80 -8.22
C GLY A 13 7.48 -2.69 -7.53
N LEU A 14 7.50 -2.56 -6.20
CA LEU A 14 6.30 -2.44 -5.41
C LEU A 14 5.45 -1.25 -5.87
N ALA A 15 4.28 -1.53 -6.42
CA ALA A 15 3.38 -0.49 -6.88
C ALA A 15 1.99 -0.64 -6.25
N ARG A 16 1.78 -1.75 -5.54
CA ARG A 16 0.50 -1.99 -4.89
C ARG A 16 0.63 -3.01 -3.76
N GLY A 17 -0.41 -3.13 -2.93
CA GLY A 17 -0.40 -4.07 -1.83
C GLY A 17 -1.76 -4.67 -1.53
N ARG A 18 -1.76 -5.90 -1.02
CA ARG A 18 -3.01 -6.58 -0.68
C ARG A 18 -2.83 -7.37 0.61
N VAL A 19 -3.82 -7.30 1.48
CA VAL A 19 -3.77 -8.00 2.75
C VAL A 19 -4.58 -9.29 2.72
N GLU A 20 -3.90 -10.40 2.97
CA GLU A 20 -4.56 -11.71 2.98
C GLU A 20 -4.91 -12.11 4.41
N THR A 21 -6.16 -12.53 4.62
CA THR A 21 -6.61 -12.92 5.95
C THR A 21 -7.99 -13.58 5.88
N CYS A 22 -8.22 -14.56 6.75
CA CYS A 22 -9.50 -15.26 6.78
C CYS A 22 -10.53 -14.49 7.60
N GLY A 23 -11.75 -15.01 7.66
CA GLY A 23 -12.80 -14.35 8.40
C GLY A 23 -12.77 -14.67 9.88
N GLY A 24 -13.33 -15.82 10.25
CA GLY A 24 -13.36 -16.22 11.64
C GLY A 24 -12.32 -17.28 11.98
N CYS A 25 -11.17 -16.84 12.47
CA CYS A 25 -10.10 -17.76 12.83
C CYS A 25 -9.53 -17.40 14.20
N GLN A 26 -8.79 -16.29 14.25
CA GLN A 26 -8.18 -15.82 15.50
C GLN A 26 -7.51 -14.47 15.28
N LEU A 27 -8.31 -13.44 15.06
CA LEU A 27 -7.78 -12.10 14.83
C LEU A 27 -8.36 -11.12 15.85
N ASN A 28 -9.37 -11.56 16.57
CA ASN A 28 -10.01 -10.73 17.59
C ASN A 28 -8.96 -10.22 18.58
N ARG A 29 -8.07 -11.11 18.97
CA ARG A 29 -7.00 -10.81 19.90
C ARG A 29 -6.11 -9.68 19.40
N LEU A 30 -6.12 -9.47 18.09
CA LEU A 30 -5.31 -8.41 17.48
C LEU A 30 -6.17 -7.24 17.04
N LYS A 31 -7.00 -6.75 17.97
CA LYS A 31 -7.91 -5.64 17.71
C LYS A 31 -7.30 -4.63 16.74
N GLU A 32 -6.01 -4.35 16.94
CA GLU A 32 -5.31 -3.41 16.08
C GLU A 32 -5.35 -3.91 14.63
N VAL A 33 -4.62 -4.99 14.35
CA VAL A 33 -4.60 -5.57 13.01
C VAL A 33 -5.96 -5.56 12.35
N LYS A 34 -6.94 -6.19 12.98
CA LYS A 34 -8.31 -6.24 12.44
C LYS A 34 -8.77 -4.86 11.98
N ALA A 35 -8.44 -3.83 12.75
CA ALA A 35 -8.84 -2.47 12.41
C ALA A 35 -8.29 -2.09 11.03
N PHE A 36 -6.97 -2.03 10.92
CA PHE A 36 -6.32 -1.69 9.64
C PHE A 36 -6.95 -2.44 8.48
N VAL A 37 -7.30 -3.70 8.73
CA VAL A 37 -7.90 -4.54 7.69
C VAL A 37 -9.41 -4.59 7.81
N THR A 38 -10.04 -3.41 7.87
CA THR A 38 -11.49 -3.33 7.97
C THR A 38 -11.99 -1.93 7.60
N GLU A 39 -11.40 -0.92 8.22
CA GLU A 39 -11.79 0.46 7.96
C GLU A 39 -10.75 1.19 7.10
N ASP A 40 -9.49 1.12 7.52
CA ASP A 40 -8.42 1.79 6.80
C ASP A 40 -8.14 1.14 5.44
N ILE A 41 -8.15 -0.19 5.41
CA ILE A 41 -7.88 -0.93 4.18
C ILE A 41 -8.85 -0.57 3.05
N GLN A 42 -9.97 0.06 3.39
CA GLN A 42 -10.96 0.44 2.39
C GLN A 42 -10.70 1.85 1.88
N LEU A 43 -9.93 2.60 2.67
CA LEU A 43 -9.60 3.97 2.33
C LEU A 43 -8.26 4.05 1.59
N TYR A 44 -7.40 3.08 1.83
CA TYR A 44 -6.09 3.04 1.18
C TYR A 44 -6.18 2.48 -0.24
N HIS A 45 -5.87 3.32 -1.22
CA HIS A 45 -5.92 2.92 -2.62
C HIS A 45 -4.85 1.88 -2.92
N ASN A 46 -5.10 1.04 -3.92
CA ASN A 46 -4.17 -0.02 -4.29
C ASN A 46 -3.92 -0.96 -3.12
N LEU A 47 -4.75 -0.85 -2.09
CA LEU A 47 -4.63 -1.69 -0.90
C LEU A 47 -5.97 -2.35 -0.61
N VAL A 48 -6.13 -3.57 -1.11
CA VAL A 48 -7.39 -4.30 -0.93
C VAL A 48 -7.26 -5.45 0.06
N MET A 49 -8.39 -5.84 0.65
CA MET A 49 -8.43 -6.93 1.60
C MET A 49 -8.82 -8.23 0.90
N LYS A 50 -8.30 -9.34 1.40
CA LYS A 50 -8.57 -10.65 0.81
C LYS A 50 -9.02 -11.64 1.88
N HIS A 51 -9.86 -12.59 1.47
CA HIS A 51 -10.38 -13.61 2.38
C HIS A 51 -9.90 -15.00 1.97
N LEU A 52 -8.84 -15.48 2.61
CA LEU A 52 -8.29 -16.80 2.31
C LEU A 52 -8.71 -17.82 3.38
N PRO A 53 -9.17 -19.01 2.96
CA PRO A 53 -9.59 -20.07 3.88
C PRO A 53 -8.57 -20.34 4.99
N GLY A 54 -8.85 -19.82 6.18
CA GLY A 54 -7.96 -20.02 7.31
C GLY A 54 -6.52 -19.61 7.00
N ALA A 55 -6.30 -18.31 6.87
CA ALA A 55 -4.97 -17.79 6.58
C ALA A 55 -4.54 -16.76 7.62
N ASP A 56 -3.30 -16.30 7.53
CA ASP A 56 -2.76 -15.32 8.47
C ASP A 56 -2.83 -13.91 7.87
N PRO A 57 -3.08 -12.88 8.72
CA PRO A 57 -3.17 -11.50 8.26
C PRO A 57 -1.80 -10.91 7.91
N GLU A 58 -1.37 -11.11 6.66
CA GLU A 58 -0.10 -10.58 6.21
C GLU A 58 -0.27 -9.72 4.97
N LEU A 59 0.51 -8.64 4.89
CA LEU A 59 0.45 -7.73 3.76
C LEU A 59 1.18 -8.34 2.56
N VAL A 60 0.69 -8.03 1.36
CA VAL A 60 1.31 -8.56 0.14
C VAL A 60 1.63 -7.44 -0.83
N LEU A 61 2.84 -6.90 -0.73
CA LEU A 61 3.26 -5.82 -1.61
C LEU A 61 3.54 -6.36 -3.01
N LEU A 62 2.52 -6.39 -3.85
CA LEU A 62 2.68 -6.88 -5.22
C LEU A 62 3.37 -5.83 -6.07
N SER A 63 3.65 -6.18 -7.32
CA SER A 63 4.30 -5.23 -8.22
C SER A 63 3.27 -4.22 -8.72
N ARG A 64 2.68 -4.50 -9.88
CA ARG A 64 1.70 -3.64 -10.48
C ARG A 64 0.58 -4.47 -11.07
N ASN A 65 0.97 -5.60 -11.67
CA ASN A 65 0.03 -6.53 -12.27
C ASN A 65 -0.21 -7.73 -11.36
N TYR A 66 -0.16 -7.47 -10.05
CA TYR A 66 -0.37 -8.50 -9.04
C TYR A 66 0.82 -9.46 -8.94
N GLN A 67 2.01 -8.97 -9.29
CA GLN A 67 3.22 -9.79 -9.23
C GLN A 67 3.81 -9.74 -7.82
N GLU A 68 3.16 -10.45 -6.90
CA GLU A 68 3.58 -10.53 -5.50
C GLU A 68 5.10 -10.48 -5.37
N LEU A 69 5.60 -9.38 -4.81
CA LEU A 69 7.03 -9.19 -4.64
C LEU A 69 7.49 -9.54 -3.23
N GLU A 70 6.65 -9.24 -2.24
CA GLU A 70 7.00 -9.51 -0.86
C GLU A 70 5.77 -9.53 0.03
N ARG A 71 5.85 -10.31 1.11
CA ARG A 71 4.77 -10.43 2.08
C ARG A 71 5.31 -10.31 3.49
N ILE A 72 4.72 -9.44 4.29
CA ILE A 72 5.17 -9.22 5.66
C ILE A 72 4.01 -9.29 6.65
N PRO A 73 4.20 -9.99 7.79
CA PRO A 73 3.17 -10.12 8.81
C PRO A 73 2.72 -8.77 9.37
N LEU A 74 1.52 -8.74 9.95
CA LEU A 74 0.96 -7.53 10.53
C LEU A 74 0.54 -7.77 11.97
N SER A 75 0.55 -9.04 12.36
CA SER A 75 0.16 -9.44 13.72
C SER A 75 1.28 -9.13 14.72
N GLN A 76 2.43 -8.69 14.22
CA GLN A 76 3.56 -8.39 15.08
C GLN A 76 3.63 -6.90 15.40
N MET A 77 2.94 -6.08 14.61
CA MET A 77 2.93 -4.64 14.82
C MET A 77 1.53 -4.15 15.15
N THR A 78 1.42 -2.86 15.47
CA THR A 78 0.13 -2.25 15.79
C THR A 78 -0.37 -1.43 14.62
N ARG A 79 -1.66 -1.09 14.65
CA ARG A 79 -2.28 -0.31 13.57
C ARG A 79 -1.41 0.88 13.19
N ASP A 80 -1.24 1.80 14.13
CA ASP A 80 -0.44 3.01 13.91
C ASP A 80 0.87 2.68 13.20
N GLU A 81 1.45 1.53 13.53
CA GLU A 81 2.72 1.11 12.92
C GLU A 81 2.52 0.60 11.50
N ILE A 82 1.49 -0.22 11.30
CA ILE A 82 1.21 -0.78 9.98
C ILE A 82 0.86 0.32 8.97
N ASN A 83 0.20 1.37 9.44
CA ASN A 83 -0.19 2.48 8.55
C ASN A 83 1.02 3.32 8.20
N ALA A 84 1.96 3.39 9.14
CA ALA A 84 3.17 4.15 8.95
C ALA A 84 3.90 3.66 7.71
N LEU A 85 4.04 2.35 7.60
CA LEU A 85 4.71 1.72 6.47
C LEU A 85 3.98 2.04 5.16
N VAL A 86 2.67 1.81 5.12
CA VAL A 86 1.89 2.08 3.92
C VAL A 86 2.14 3.48 3.40
N GLN A 87 2.15 4.44 4.31
CA GLN A 87 2.38 5.83 3.96
C GLN A 87 3.82 6.01 3.50
N GLU A 88 4.71 5.29 4.16
CA GLU A 88 6.14 5.32 3.84
C GLU A 88 6.37 4.89 2.40
N LEU A 89 5.60 3.91 1.95
CA LEU A 89 5.73 3.40 0.59
C LEU A 89 5.28 4.46 -0.43
N GLY A 90 4.04 4.91 -0.29
CA GLY A 90 3.51 5.91 -1.20
C GLY A 90 2.02 5.77 -1.44
N PHE A 91 1.39 4.81 -0.77
CA PHE A 91 -0.05 4.58 -0.92
C PHE A 91 -0.84 5.86 -0.63
N TYR A 92 -2.09 5.87 -1.07
CA TYR A 92 -2.97 7.02 -0.87
C TYR A 92 -4.10 6.68 0.11
N ARG A 93 -4.54 7.67 0.87
CA ARG A 93 -5.61 7.47 1.84
C ARG A 93 -6.72 8.51 1.65
N LYS A 94 -7.96 8.06 1.62
CA LYS A 94 -9.09 8.96 1.44
C LYS A 94 -10.00 8.95 2.68
N SER A 95 -11.07 9.73 2.62
CA SER A 95 -12.01 9.79 3.73
C SER A 95 -13.15 8.80 3.53
N ALA A 96 -13.35 8.40 2.29
CA ALA A 96 -14.40 7.43 1.94
C ALA A 96 -14.01 6.62 0.71
N PRO A 97 -14.62 5.43 0.55
CA PRO A 97 -14.33 4.56 -0.60
C PRO A 97 -14.76 5.18 -1.92
N GLU A 98 -15.81 5.99 -1.85
CA GLU A 98 -16.33 6.66 -3.03
C GLU A 98 -15.46 7.86 -3.43
N ALA A 99 -14.52 8.21 -2.55
CA ALA A 99 -13.63 9.33 -2.81
C ALA A 99 -12.64 9.00 -3.92
N GLN A 100 -12.29 10.02 -4.71
CA GLN A 100 -11.35 9.84 -5.81
C GLN A 100 -9.92 10.11 -5.36
N VAL A 101 -9.01 10.13 -6.32
CA VAL A 101 -7.60 10.38 -6.05
C VAL A 101 -7.00 11.35 -7.08
N PRO A 102 -6.32 12.42 -6.62
CA PRO A 102 -5.71 13.40 -7.52
C PRO A 102 -4.68 12.77 -8.46
N PRO A 103 -4.35 13.45 -9.58
CA PRO A 103 -3.38 12.94 -10.55
C PRO A 103 -2.04 12.62 -9.90
N GLU A 104 -1.72 13.37 -8.85
CA GLU A 104 -0.46 13.18 -8.12
C GLU A 104 -0.32 11.73 -7.65
N TYR A 105 -1.34 11.26 -6.94
CA TYR A 105 -1.34 9.91 -6.42
C TYR A 105 -2.22 8.98 -7.26
N LEU A 106 -2.55 9.43 -8.46
CA LEU A 106 -3.39 8.66 -9.37
C LEU A 106 -2.80 7.27 -9.63
N TRP A 107 -1.48 7.16 -9.52
CA TRP A 107 -0.80 5.90 -9.75
C TRP A 107 -0.09 5.41 -8.49
N ALA A 108 0.00 6.29 -7.48
CA ALA A 108 0.66 5.97 -6.23
C ALA A 108 0.21 4.60 -5.70
N PRO A 109 1.09 3.87 -4.99
CA PRO A 109 2.46 4.29 -4.65
C PRO A 109 3.36 4.42 -5.88
N ALA A 110 2.90 3.87 -7.01
CA ALA A 110 3.67 3.94 -8.25
C ALA A 110 3.71 5.38 -8.79
N LYS A 111 4.91 5.89 -8.96
CA LYS A 111 5.09 7.25 -9.46
C LYS A 111 4.46 7.40 -10.85
N PRO A 112 3.92 8.59 -11.18
CA PRO A 112 3.29 8.84 -12.48
C PRO A 112 4.20 8.46 -13.64
N PRO A 113 3.60 8.22 -14.83
CA PRO A 113 4.36 7.86 -16.04
C PRO A 113 5.37 8.93 -16.45
N GLU A 114 5.67 8.99 -17.75
CA GLU A 114 6.61 9.97 -18.28
C GLU A 114 6.26 11.38 -17.81
N GLU A 115 5.00 11.74 -17.98
CA GLU A 115 4.51 13.06 -17.57
C GLU A 115 4.48 13.17 -16.05
N ALA A 116 5.62 13.53 -15.46
CA ALA A 116 5.72 13.67 -14.01
C ALA A 116 6.72 14.76 -13.64
N SER A 117 6.25 15.77 -12.92
CA SER A 117 7.09 16.88 -12.50
C SER A 117 6.39 17.74 -11.46
N GLU A 118 6.99 17.86 -10.29
CA GLU A 118 6.43 18.65 -9.20
C GLU A 118 7.52 19.37 -8.43
N HIS A 119 8.21 20.29 -9.10
CA HIS A 119 9.29 21.05 -8.48
C HIS A 119 9.19 22.53 -8.84
N ASP A 120 8.96 22.81 -10.12
CA ASP A 120 8.84 24.17 -10.61
C ASP A 120 7.39 24.65 -10.54
N ASP A 121 7.18 25.82 -9.94
CA ASP A 121 5.84 26.39 -9.81
C ASP A 121 4.92 25.44 -9.06
N LEU A 122 4.78 25.68 -7.76
CA LEU A 122 3.92 24.86 -6.92
C LEU A 122 2.45 25.17 -7.18
N GLU A 123 1.82 24.37 -8.04
CA GLU A 123 0.42 24.55 -8.39
C GLU A 123 0.19 25.91 -9.04
N HIS A 124 1.29 26.57 -9.39
CA HIS A 124 1.24 27.89 -10.03
C HIS A 124 0.64 28.95 -9.10
N HIS A 125 0.32 28.54 -7.87
CA HIS A 125 -0.26 29.45 -6.89
C HIS A 125 -0.38 28.79 -5.52
N HIS A 126 -0.58 27.47 -5.52
CA HIS A 126 -0.70 26.71 -4.27
C HIS A 126 -1.90 27.20 -3.46
N HIS A 127 -2.96 26.41 -3.46
CA HIS A 127 -4.17 26.76 -2.72
C HIS A 127 -3.86 27.01 -1.25
N HIS A 128 -4.33 28.13 -0.74
CA HIS A 128 -4.10 28.50 0.66
C HIS A 128 -5.32 29.20 1.24
N HIS A 129 -5.86 30.16 0.50
CA HIS A 129 -7.03 30.91 0.94
C HIS A 129 -8.28 30.44 0.20
N MET A 1 23.70 10.65 9.99
CA MET A 1 22.27 10.90 10.30
C MET A 1 21.41 9.76 9.79
N THR A 2 21.40 8.66 10.53
CA THR A 2 20.62 7.48 10.15
C THR A 2 19.21 7.55 10.74
N ASN A 3 18.22 7.16 9.94
CA ASN A 3 16.84 7.18 10.39
C ASN A 3 16.07 5.98 9.84
N TYR A 4 16.74 4.82 9.82
CA TYR A 4 16.15 3.59 9.31
C TYR A 4 15.80 3.69 7.82
N ARG A 5 15.88 2.55 7.13
CA ARG A 5 15.58 2.50 5.72
C ARG A 5 15.10 1.08 5.37
N PRO A 6 13.99 0.98 4.59
CA PRO A 6 13.40 -0.31 4.20
C PRO A 6 14.28 -1.09 3.23
N ASP A 7 13.73 -2.19 2.72
CA ASP A 7 14.45 -3.01 1.76
C ASP A 7 13.92 -2.73 0.36
N TRP A 8 14.17 -1.50 -0.13
CA TRP A 8 13.71 -1.11 -1.46
C TRP A 8 14.29 -2.02 -2.53
N ASN A 9 15.41 -2.67 -2.22
CA ASN A 9 16.04 -3.59 -3.16
C ASN A 9 15.23 -4.89 -3.22
N ARG A 10 14.40 -5.07 -2.20
CA ARG A 10 13.54 -6.25 -2.08
C ARG A 10 12.08 -5.86 -2.27
N LEU A 11 11.81 -4.55 -2.18
CA LEU A 11 10.46 -4.03 -2.32
C LEU A 11 10.25 -3.44 -3.72
N ARG A 12 11.34 -3.14 -4.39
CA ARG A 12 11.31 -2.55 -5.74
C ARG A 12 10.21 -3.16 -6.60
N GLY A 13 9.60 -2.33 -7.44
CA GLY A 13 8.53 -2.78 -8.31
C GLY A 13 7.17 -2.70 -7.66
N LEU A 14 7.16 -2.58 -6.33
CA LEU A 14 5.93 -2.49 -5.58
C LEU A 14 5.04 -1.36 -6.10
N ALA A 15 3.97 -1.73 -6.80
CA ALA A 15 3.04 -0.76 -7.34
C ALA A 15 1.70 -0.80 -6.61
N ARG A 16 1.53 -1.82 -5.75
CA ARG A 16 0.29 -1.97 -5.00
C ARG A 16 0.46 -3.00 -3.89
N GLY A 17 -0.57 -3.14 -3.05
CA GLY A 17 -0.53 -4.08 -1.95
C GLY A 17 -1.87 -4.73 -1.67
N ARG A 18 -1.83 -5.97 -1.19
CA ARG A 18 -3.05 -6.70 -0.86
C ARG A 18 -2.84 -7.46 0.44
N VAL A 19 -3.84 -7.41 1.31
CA VAL A 19 -3.76 -8.07 2.60
C VAL A 19 -4.50 -9.41 2.61
N GLU A 20 -3.77 -10.47 2.94
CA GLU A 20 -4.34 -11.81 2.99
C GLU A 20 -4.69 -12.19 4.43
N THR A 21 -5.95 -12.59 4.65
CA THR A 21 -6.39 -12.98 5.99
C THR A 21 -7.66 -13.82 5.93
N CYS A 22 -7.98 -14.48 7.04
CA CYS A 22 -9.16 -15.33 7.12
C CYS A 22 -10.42 -14.49 7.31
N GLY A 23 -11.58 -15.10 7.11
CA GLY A 23 -12.83 -14.40 7.28
C GLY A 23 -13.50 -14.70 8.60
N GLY A 24 -12.75 -14.55 9.69
CA GLY A 24 -13.30 -14.81 11.01
C GLY A 24 -12.82 -16.13 11.58
N CYS A 25 -11.55 -16.18 11.96
CA CYS A 25 -10.96 -17.40 12.53
C CYS A 25 -10.25 -17.09 13.84
N GLN A 26 -9.41 -16.06 13.84
CA GLN A 26 -8.67 -15.67 15.03
C GLN A 26 -7.90 -14.37 14.77
N LEU A 27 -8.53 -13.25 15.07
CA LEU A 27 -7.88 -11.94 14.87
C LEU A 27 -8.44 -10.91 15.84
N ASN A 28 -9.50 -11.26 16.54
CA ASN A 28 -10.11 -10.36 17.52
C ASN A 28 -9.08 -9.90 18.54
N ARG A 29 -8.22 -10.83 18.94
CA ARG A 29 -7.16 -10.57 19.91
C ARG A 29 -6.23 -9.45 19.44
N LEU A 30 -6.15 -9.26 18.13
CA LEU A 30 -5.28 -8.22 17.57
C LEU A 30 -6.12 -7.04 17.09
N LYS A 31 -6.96 -6.52 18.00
CA LYS A 31 -7.84 -5.38 17.71
C LYS A 31 -7.20 -4.40 16.72
N GLU A 32 -5.91 -4.14 16.90
CA GLU A 32 -5.21 -3.23 16.02
C GLU A 32 -5.23 -3.77 14.59
N VAL A 33 -4.52 -4.86 14.36
CA VAL A 33 -4.46 -5.49 13.04
C VAL A 33 -5.81 -5.45 12.32
N LYS A 34 -6.79 -6.18 12.85
CA LYS A 34 -8.12 -6.22 12.25
C LYS A 34 -8.59 -4.84 11.81
N ALA A 35 -8.29 -3.82 12.61
CA ALA A 35 -8.69 -2.47 12.27
C ALA A 35 -8.14 -2.08 10.90
N PHE A 36 -6.81 -2.07 10.79
CA PHE A 36 -6.14 -1.75 9.52
C PHE A 36 -6.77 -2.51 8.36
N VAL A 37 -7.18 -3.75 8.63
CA VAL A 37 -7.77 -4.60 7.61
C VAL A 37 -9.29 -4.55 7.65
N THR A 38 -9.86 -3.35 7.66
CA THR A 38 -11.31 -3.18 7.69
C THR A 38 -11.71 -1.79 7.23
N GLU A 39 -11.45 -0.81 8.09
CA GLU A 39 -11.77 0.58 7.81
C GLU A 39 -10.73 1.24 6.91
N ASP A 40 -9.49 1.26 7.36
CA ASP A 40 -8.40 1.88 6.62
C ASP A 40 -8.09 1.19 5.30
N ILE A 41 -8.10 -0.14 5.31
CA ILE A 41 -7.79 -0.91 4.11
C ILE A 41 -8.69 -0.55 2.92
N GLN A 42 -9.86 0.02 3.19
CA GLN A 42 -10.78 0.39 2.11
C GLN A 42 -10.48 1.81 1.64
N LEU A 43 -9.81 2.57 2.50
CA LEU A 43 -9.45 3.94 2.20
C LEU A 43 -8.09 4.02 1.51
N TYR A 44 -7.26 3.02 1.77
CA TYR A 44 -5.92 2.98 1.18
C TYR A 44 -5.98 2.51 -0.27
N HIS A 45 -5.62 3.42 -1.18
CA HIS A 45 -5.63 3.12 -2.61
C HIS A 45 -4.71 1.93 -2.93
N ASN A 46 -5.12 1.13 -3.91
CA ASN A 46 -4.35 -0.05 -4.32
C ASN A 46 -4.12 -0.99 -3.16
N LEU A 47 -4.99 -0.94 -2.16
CA LEU A 47 -4.88 -1.81 -1.00
C LEU A 47 -6.19 -2.56 -0.78
N VAL A 48 -6.26 -3.78 -1.29
CA VAL A 48 -7.46 -4.59 -1.17
C VAL A 48 -7.29 -5.71 -0.15
N MET A 49 -8.39 -6.08 0.50
CA MET A 49 -8.37 -7.15 1.49
C MET A 49 -8.80 -8.47 0.84
N LYS A 50 -8.38 -9.58 1.45
CA LYS A 50 -8.72 -10.89 0.93
C LYS A 50 -9.15 -11.85 2.04
N HIS A 51 -9.84 -12.91 1.64
CA HIS A 51 -10.33 -13.92 2.56
C HIS A 51 -9.83 -15.30 2.18
N LEU A 52 -8.66 -15.67 2.68
CA LEU A 52 -8.07 -16.98 2.38
C LEU A 52 -8.54 -18.02 3.40
N PRO A 53 -8.70 -19.29 2.95
CA PRO A 53 -9.15 -20.38 3.82
C PRO A 53 -8.30 -20.51 5.08
N GLY A 54 -8.77 -19.90 6.15
CA GLY A 54 -8.05 -19.95 7.42
C GLY A 54 -6.60 -19.54 7.28
N ALA A 55 -6.38 -18.27 6.95
CA ALA A 55 -5.03 -17.75 6.79
C ALA A 55 -4.74 -16.66 7.81
N ASP A 56 -3.48 -16.24 7.89
CA ASP A 56 -3.06 -15.21 8.82
C ASP A 56 -2.92 -13.87 8.10
N PRO A 57 -3.22 -12.75 8.79
CA PRO A 57 -3.13 -11.41 8.20
C PRO A 57 -1.70 -11.04 7.83
N GLU A 58 -1.45 -10.82 6.55
CA GLU A 58 -0.13 -10.46 6.06
C GLU A 58 -0.25 -9.59 4.82
N LEU A 59 0.46 -8.46 4.82
CA LEU A 59 0.42 -7.55 3.67
C LEU A 59 1.17 -8.17 2.49
N VAL A 60 0.70 -7.92 1.29
CA VAL A 60 1.34 -8.46 0.10
C VAL A 60 1.68 -7.36 -0.90
N LEU A 61 2.87 -6.79 -0.78
CA LEU A 61 3.30 -5.74 -1.67
C LEU A 61 3.62 -6.31 -3.04
N LEU A 62 2.65 -6.27 -3.93
CA LEU A 62 2.81 -6.80 -5.29
C LEU A 62 3.41 -5.74 -6.22
N SER A 63 3.60 -6.13 -7.48
CA SER A 63 4.17 -5.22 -8.48
C SER A 63 3.25 -5.18 -9.70
N ARG A 64 2.16 -4.45 -9.56
CA ARG A 64 1.15 -4.34 -10.62
C ARG A 64 0.74 -5.73 -11.12
N ASN A 65 -0.45 -5.83 -11.69
CA ASN A 65 -0.94 -7.10 -12.21
C ASN A 65 -0.87 -8.21 -11.15
N TYR A 66 -0.61 -7.81 -9.90
CA TYR A 66 -0.54 -8.73 -8.76
C TYR A 66 0.77 -9.52 -8.73
N GLN A 67 1.89 -8.89 -9.07
CA GLN A 67 3.19 -9.57 -9.03
C GLN A 67 3.76 -9.56 -7.61
N GLU A 68 3.14 -10.34 -6.74
CA GLU A 68 3.56 -10.45 -5.34
C GLU A 68 5.08 -10.45 -5.22
N LEU A 69 5.62 -9.36 -4.68
CA LEU A 69 7.06 -9.22 -4.51
C LEU A 69 7.50 -9.61 -3.10
N GLU A 70 6.65 -9.32 -2.12
CA GLU A 70 6.97 -9.61 -0.73
C GLU A 70 5.74 -9.60 0.15
N ARG A 71 5.81 -10.33 1.25
CA ARG A 71 4.71 -10.41 2.20
C ARG A 71 5.25 -10.34 3.63
N ILE A 72 4.62 -9.49 4.45
CA ILE A 72 5.04 -9.31 5.82
C ILE A 72 3.87 -9.45 6.79
N PRO A 73 4.07 -10.14 7.94
CA PRO A 73 3.01 -10.33 8.93
C PRO A 73 2.66 -9.02 9.64
N LEU A 74 1.35 -8.78 9.76
CA LEU A 74 0.86 -7.57 10.40
C LEU A 74 0.43 -7.85 11.84
N SER A 75 0.29 -9.14 12.16
CA SER A 75 -0.11 -9.56 13.50
C SER A 75 0.85 -9.06 14.57
N GLN A 76 2.02 -8.59 14.13
CA GLN A 76 3.03 -8.09 15.06
C GLN A 76 2.83 -6.60 15.33
N MET A 77 3.00 -5.79 14.29
CA MET A 77 2.84 -4.34 14.43
C MET A 77 1.39 -3.98 14.69
N THR A 78 1.17 -2.77 15.20
CA THR A 78 -0.18 -2.29 15.51
C THR A 78 -0.69 -1.40 14.38
N ARG A 79 -2.01 -1.25 14.30
CA ARG A 79 -2.63 -0.43 13.26
C ARG A 79 -1.86 0.86 13.01
N ASP A 80 -1.38 1.47 14.09
CA ASP A 80 -0.63 2.70 14.00
C ASP A 80 0.71 2.50 13.30
N GLU A 81 1.45 1.47 13.72
CA GLU A 81 2.75 1.18 13.13
C GLU A 81 2.62 0.71 11.69
N ILE A 82 1.64 -0.16 11.45
CA ILE A 82 1.40 -0.68 10.11
C ILE A 82 1.07 0.43 9.13
N ASN A 83 0.36 1.45 9.61
CA ASN A 83 -0.05 2.58 8.78
C ASN A 83 1.17 3.44 8.43
N ALA A 84 2.12 3.48 9.36
CA ALA A 84 3.33 4.26 9.17
C ALA A 84 4.05 3.80 7.91
N LEU A 85 4.22 2.49 7.78
CA LEU A 85 4.88 1.90 6.63
C LEU A 85 4.14 2.20 5.33
N VAL A 86 2.84 1.90 5.29
CA VAL A 86 2.04 2.14 4.08
C VAL A 86 2.25 3.57 3.56
N GLN A 87 2.24 4.52 4.47
CA GLN A 87 2.43 5.92 4.13
C GLN A 87 3.85 6.13 3.64
N GLU A 88 4.77 5.42 4.28
CA GLU A 88 6.18 5.48 3.94
C GLU A 88 6.42 5.03 2.51
N LEU A 89 5.64 4.04 2.06
CA LEU A 89 5.77 3.52 0.72
C LEU A 89 5.28 4.52 -0.31
N GLY A 90 4.02 4.94 -0.18
CA GLY A 90 3.46 5.91 -1.11
C GLY A 90 1.96 5.78 -1.25
N PHE A 91 1.38 4.77 -0.59
CA PHE A 91 -0.07 4.55 -0.64
C PHE A 91 -0.83 5.82 -0.26
N TYR A 92 -2.05 5.95 -0.76
CA TYR A 92 -2.87 7.10 -0.47
C TYR A 92 -3.94 6.76 0.58
N ARG A 93 -4.36 7.74 1.35
CA ARG A 93 -5.37 7.54 2.38
C ARG A 93 -6.46 8.61 2.29
N LYS A 94 -7.72 8.16 2.21
CA LYS A 94 -8.84 9.07 2.11
C LYS A 94 -9.72 8.98 3.35
N SER A 95 -10.80 9.75 3.36
CA SER A 95 -11.72 9.77 4.49
C SER A 95 -12.92 8.85 4.21
N ALA A 96 -13.16 8.60 2.93
CA ALA A 96 -14.27 7.73 2.52
C ALA A 96 -14.01 7.14 1.14
N PRO A 97 -14.66 6.01 0.82
CA PRO A 97 -14.49 5.33 -0.47
C PRO A 97 -14.88 6.21 -1.64
N GLU A 98 -15.86 7.09 -1.41
CA GLU A 98 -16.34 8.00 -2.44
C GLU A 98 -15.31 9.10 -2.70
N ALA A 99 -14.55 9.44 -1.66
CA ALA A 99 -13.53 10.47 -1.75
C ALA A 99 -12.57 10.19 -2.89
N GLN A 100 -12.29 11.21 -3.70
CA GLN A 100 -11.38 11.07 -4.83
C GLN A 100 -9.93 11.21 -4.38
N VAL A 101 -9.02 11.18 -5.35
CA VAL A 101 -7.59 11.30 -5.06
C VAL A 101 -6.95 12.35 -5.95
N PRO A 102 -6.18 13.30 -5.35
CA PRO A 102 -5.51 14.36 -6.11
C PRO A 102 -4.67 13.82 -7.26
N PRO A 103 -4.43 14.64 -8.30
CA PRO A 103 -3.63 14.23 -9.46
C PRO A 103 -2.24 13.77 -9.07
N GLU A 104 -1.75 14.29 -7.96
CA GLU A 104 -0.43 13.93 -7.45
C GLU A 104 -0.38 12.45 -7.09
N TYR A 105 -1.35 12.01 -6.31
CA TYR A 105 -1.41 10.61 -5.89
C TYR A 105 -2.36 9.81 -6.77
N LEU A 106 -2.69 10.36 -7.94
CA LEU A 106 -3.58 9.69 -8.88
C LEU A 106 -2.98 8.38 -9.36
N TRP A 107 -1.65 8.29 -9.33
CA TRP A 107 -0.96 7.08 -9.79
C TRP A 107 -0.27 6.38 -8.62
N ALA A 108 -0.42 6.95 -7.43
CA ALA A 108 0.17 6.37 -6.24
C ALA A 108 -0.18 4.90 -6.08
N PRO A 109 0.68 4.10 -5.43
CA PRO A 109 1.95 4.57 -4.87
C PRO A 109 2.98 4.92 -5.93
N ALA A 110 2.67 4.60 -7.19
CA ALA A 110 3.56 4.90 -8.30
C ALA A 110 3.60 6.39 -8.58
N LYS A 111 4.79 6.98 -8.47
CA LYS A 111 4.97 8.41 -8.71
C LYS A 111 4.56 8.78 -10.14
N PRO A 112 4.05 10.01 -10.33
CA PRO A 112 3.61 10.48 -11.66
C PRO A 112 4.74 10.45 -12.69
N PRO A 113 4.41 10.61 -13.98
CA PRO A 113 5.40 10.60 -15.07
C PRO A 113 6.51 11.62 -14.89
N GLU A 114 7.10 12.05 -15.99
CA GLU A 114 8.18 13.02 -15.97
C GLU A 114 7.69 14.38 -15.45
N GLU A 115 8.11 15.46 -16.12
CA GLU A 115 7.72 16.81 -15.72
C GLU A 115 6.21 16.94 -15.66
N ALA A 116 5.65 16.85 -14.46
CA ALA A 116 4.22 16.96 -14.25
C ALA A 116 3.89 17.68 -12.95
N SER A 117 4.92 17.85 -12.11
CA SER A 117 4.75 18.53 -10.83
C SER A 117 5.32 19.94 -10.88
N GLU A 118 4.59 20.84 -11.54
CA GLU A 118 5.01 22.22 -11.67
C GLU A 118 3.80 23.15 -11.75
N HIS A 119 3.66 24.03 -10.76
CA HIS A 119 2.53 24.96 -10.73
C HIS A 119 2.83 26.15 -9.82
N ASP A 120 3.16 25.85 -8.56
CA ASP A 120 3.46 26.90 -7.58
C ASP A 120 4.96 27.16 -7.53
N ASP A 121 5.36 28.39 -7.85
CA ASP A 121 6.77 28.79 -7.83
C ASP A 121 6.92 30.23 -7.39
N LEU A 122 8.06 30.56 -6.80
CA LEU A 122 8.33 31.90 -6.32
C LEU A 122 9.00 32.74 -7.41
N GLU A 123 8.22 33.04 -8.46
CA GLU A 123 8.71 33.83 -9.60
C GLU A 123 10.12 33.41 -10.02
N HIS A 124 10.31 32.10 -10.21
CA HIS A 124 11.60 31.56 -10.65
C HIS A 124 12.72 31.93 -9.68
N HIS A 125 12.37 32.11 -8.40
CA HIS A 125 13.34 32.48 -7.37
C HIS A 125 14.06 33.78 -7.73
N HIS A 126 13.72 34.85 -7.01
CA HIS A 126 14.34 36.15 -7.25
C HIS A 126 14.77 36.81 -5.94
N HIS A 127 13.80 37.06 -5.07
CA HIS A 127 14.07 37.69 -3.77
C HIS A 127 14.70 39.07 -3.95
N HIS A 128 13.88 40.11 -3.85
CA HIS A 128 14.35 41.47 -4.01
C HIS A 128 13.99 42.31 -2.79
N HIS A 129 14.91 43.20 -2.40
CA HIS A 129 14.70 44.07 -1.24
C HIS A 129 14.43 43.25 0.02
N MET A 1 12.12 8.80 16.97
CA MET A 1 13.21 8.64 15.97
C MET A 1 13.10 7.30 15.25
N THR A 2 12.53 7.33 14.05
CA THR A 2 12.35 6.11 13.25
C THR A 2 13.62 5.77 12.48
N ASN A 3 14.33 4.75 12.95
CA ASN A 3 15.56 4.31 12.30
C ASN A 3 15.34 3.03 11.52
N TYR A 4 14.09 2.78 11.13
CA TYR A 4 13.75 1.58 10.38
C TYR A 4 13.85 1.82 8.88
N ARG A 5 14.21 0.77 8.15
CA ARG A 5 14.35 0.84 6.70
C ARG A 5 13.95 -0.51 6.08
N PRO A 6 13.05 -0.49 5.08
CA PRO A 6 12.54 -1.69 4.42
C PRO A 6 13.54 -2.31 3.44
N ASP A 7 13.13 -3.42 2.84
CA ASP A 7 13.94 -4.11 1.87
C ASP A 7 13.65 -3.60 0.47
N TRP A 8 13.95 -2.33 0.24
CA TRP A 8 13.70 -1.69 -1.05
C TRP A 8 14.23 -2.53 -2.21
N ASN A 9 15.33 -3.26 -1.97
CA ASN A 9 15.91 -4.10 -2.99
C ASN A 9 14.94 -5.22 -3.36
N ARG A 10 14.24 -5.69 -2.35
CA ARG A 10 13.25 -6.75 -2.51
C ARG A 10 11.86 -6.19 -2.75
N LEU A 11 11.70 -4.89 -2.51
CA LEU A 11 10.42 -4.21 -2.68
C LEU A 11 10.29 -3.61 -4.07
N ARG A 12 11.42 -3.40 -4.74
CA ARG A 12 11.44 -2.83 -6.08
C ARG A 12 10.30 -3.37 -6.95
N GLY A 13 9.66 -2.48 -7.69
CA GLY A 13 8.56 -2.87 -8.56
C GLY A 13 7.20 -2.76 -7.87
N LEU A 14 7.22 -2.63 -6.55
CA LEU A 14 5.99 -2.53 -5.77
C LEU A 14 5.09 -1.43 -6.32
N ALA A 15 3.96 -1.83 -6.91
CA ALA A 15 3.02 -0.88 -7.46
C ALA A 15 1.73 -0.86 -6.63
N ARG A 16 1.54 -1.88 -5.79
CA ARG A 16 0.35 -1.95 -4.94
C ARG A 16 0.50 -3.01 -3.86
N GLY A 17 -0.53 -3.15 -3.03
CA GLY A 17 -0.48 -4.12 -1.96
C GLY A 17 -1.84 -4.75 -1.65
N ARG A 18 -1.81 -6.01 -1.23
CA ARG A 18 -3.02 -6.74 -0.90
C ARG A 18 -2.81 -7.50 0.41
N VAL A 19 -3.78 -7.42 1.30
CA VAL A 19 -3.68 -8.08 2.59
C VAL A 19 -4.44 -9.40 2.62
N GLU A 20 -3.71 -10.48 2.88
CA GLU A 20 -4.32 -11.81 2.96
C GLU A 20 -4.66 -12.14 4.42
N THR A 21 -5.88 -12.61 4.65
CA THR A 21 -6.30 -12.94 6.01
C THR A 21 -7.55 -13.81 6.02
N CYS A 22 -7.73 -14.53 7.13
CA CYS A 22 -8.89 -15.41 7.30
C CYS A 22 -10.00 -14.69 8.05
N GLY A 23 -9.70 -14.25 9.27
CA GLY A 23 -10.68 -13.56 10.08
C GLY A 23 -11.66 -14.48 10.77
N GLY A 24 -12.31 -15.35 9.99
CA GLY A 24 -13.27 -16.28 10.56
C GLY A 24 -12.63 -17.37 11.39
N CYS A 25 -11.33 -17.22 11.66
CA CYS A 25 -10.61 -18.20 12.46
C CYS A 25 -9.60 -17.52 13.38
N GLN A 26 -8.91 -16.51 12.86
CA GLN A 26 -7.93 -15.77 13.63
C GLN A 26 -8.49 -14.43 14.09
N LEU A 27 -7.62 -13.46 14.34
CA LEU A 27 -8.04 -12.13 14.79
C LEU A 27 -8.77 -12.23 16.13
N ASN A 28 -9.54 -11.19 16.46
CA ASN A 28 -10.30 -11.16 17.71
C ASN A 28 -9.37 -11.07 18.91
N ARG A 29 -8.09 -10.86 18.63
CA ARG A 29 -7.07 -10.75 19.67
C ARG A 29 -6.14 -9.57 19.40
N LEU A 30 -6.18 -9.09 18.16
CA LEU A 30 -5.34 -7.96 17.75
C LEU A 30 -6.22 -6.85 17.17
N LYS A 31 -7.06 -6.27 18.03
CA LYS A 31 -7.97 -5.19 17.64
C LYS A 31 -7.35 -4.29 16.59
N GLU A 32 -6.07 -4.03 16.73
CA GLU A 32 -5.36 -3.18 15.79
C GLU A 32 -5.47 -3.77 14.38
N VAL A 33 -4.77 -4.88 14.17
CA VAL A 33 -4.78 -5.58 12.88
C VAL A 33 -6.15 -5.57 12.23
N LYS A 34 -7.12 -6.26 12.84
CA LYS A 34 -8.48 -6.33 12.31
C LYS A 34 -8.95 -4.98 11.80
N ALA A 35 -8.60 -3.91 12.52
CA ALA A 35 -9.00 -2.57 12.12
C ALA A 35 -8.42 -2.24 10.76
N PHE A 36 -7.10 -2.10 10.69
CA PHE A 36 -6.41 -1.81 9.44
C PHE A 36 -6.96 -2.61 8.27
N VAL A 37 -7.23 -3.89 8.51
CA VAL A 37 -7.72 -4.79 7.48
C VAL A 37 -9.18 -4.55 7.11
N THR A 38 -9.98 -4.04 8.04
CA THR A 38 -11.39 -3.80 7.74
C THR A 38 -11.65 -2.35 7.35
N GLU A 39 -11.35 -1.43 8.26
CA GLU A 39 -11.58 -0.01 8.04
C GLU A 39 -10.55 0.64 7.11
N ASP A 40 -9.37 0.88 7.64
CA ASP A 40 -8.29 1.55 6.90
C ASP A 40 -8.01 0.93 5.52
N ILE A 41 -8.12 -0.40 5.42
CA ILE A 41 -7.84 -1.09 4.17
C ILE A 41 -8.72 -0.58 3.02
N GLN A 42 -9.84 0.05 3.34
CA GLN A 42 -10.76 0.56 2.32
C GLN A 42 -10.41 2.00 1.97
N LEU A 43 -9.73 2.65 2.91
CA LEU A 43 -9.33 4.04 2.74
C LEU A 43 -7.97 4.12 2.03
N TYR A 44 -7.21 3.05 2.12
CA TYR A 44 -5.89 2.99 1.48
C TYR A 44 -6.01 2.52 0.04
N HIS A 45 -5.72 3.43 -0.89
CA HIS A 45 -5.79 3.11 -2.32
C HIS A 45 -4.81 2.01 -2.68
N ASN A 46 -5.16 1.22 -3.69
CA ASN A 46 -4.31 0.11 -4.14
C ASN A 46 -4.09 -0.90 -3.03
N LEU A 47 -4.96 -0.88 -2.02
CA LEU A 47 -4.86 -1.80 -0.91
C LEU A 47 -6.18 -2.54 -0.72
N VAL A 48 -6.24 -3.75 -1.23
CA VAL A 48 -7.46 -4.56 -1.14
C VAL A 48 -7.33 -5.67 -0.10
N MET A 49 -8.45 -6.00 0.53
CA MET A 49 -8.49 -7.06 1.53
C MET A 49 -8.83 -8.39 0.90
N LYS A 50 -8.27 -9.45 1.45
CA LYS A 50 -8.51 -10.80 0.93
C LYS A 50 -8.97 -11.75 2.02
N HIS A 51 -9.80 -12.72 1.64
CA HIS A 51 -10.32 -13.71 2.58
C HIS A 51 -9.85 -15.11 2.19
N LEU A 52 -8.77 -15.57 2.82
CA LEU A 52 -8.22 -16.89 2.55
C LEU A 52 -8.41 -17.83 3.75
N PRO A 53 -9.07 -18.97 3.55
CA PRO A 53 -9.32 -19.95 4.61
C PRO A 53 -8.04 -20.35 5.36
N GLY A 54 -8.02 -20.09 6.66
CA GLY A 54 -6.87 -20.42 7.48
C GLY A 54 -5.60 -19.72 7.04
N ALA A 55 -5.70 -18.41 6.84
CA ALA A 55 -4.54 -17.62 6.43
C ALA A 55 -4.15 -16.62 7.51
N ASP A 56 -2.95 -16.07 7.39
CA ASP A 56 -2.44 -15.10 8.36
C ASP A 56 -2.53 -13.68 7.79
N PRO A 57 -2.84 -12.68 8.64
CA PRO A 57 -2.97 -11.28 8.21
C PRO A 57 -1.62 -10.67 7.85
N GLU A 58 -1.24 -10.81 6.58
CA GLU A 58 0.03 -10.27 6.11
C GLU A 58 -0.17 -9.46 4.83
N LEU A 59 0.56 -8.36 4.71
CA LEU A 59 0.47 -7.51 3.53
C LEU A 59 1.19 -8.16 2.35
N VAL A 60 0.73 -7.89 1.14
CA VAL A 60 1.36 -8.46 -0.06
C VAL A 60 1.65 -7.38 -1.09
N LEU A 61 2.85 -6.81 -1.02
CA LEU A 61 3.26 -5.78 -1.95
C LEU A 61 3.54 -6.38 -3.32
N LEU A 62 2.53 -6.40 -4.18
CA LEU A 62 2.66 -6.97 -5.51
C LEU A 62 3.21 -5.95 -6.50
N SER A 63 3.36 -6.38 -7.75
CA SER A 63 3.85 -5.52 -8.81
C SER A 63 2.80 -5.38 -9.89
N ARG A 64 1.81 -4.52 -9.63
CA ARG A 64 0.70 -4.27 -10.55
C ARG A 64 -0.03 -5.55 -11.00
N ASN A 65 0.60 -6.33 -11.88
CA ASN A 65 -0.01 -7.55 -12.41
C ASN A 65 -0.05 -8.70 -11.39
N TYR A 66 -0.34 -8.37 -10.14
CA TYR A 66 -0.45 -9.39 -9.08
C TYR A 66 0.87 -10.11 -8.88
N GLN A 67 1.95 -9.51 -9.36
CA GLN A 67 3.28 -10.12 -9.23
C GLN A 67 3.83 -9.94 -7.82
N GLU A 68 3.22 -10.65 -6.87
CA GLU A 68 3.63 -10.61 -5.47
C GLU A 68 5.16 -10.53 -5.36
N LEU A 69 5.65 -9.39 -4.90
CA LEU A 69 7.09 -9.17 -4.75
C LEU A 69 7.57 -9.50 -3.34
N GLU A 70 6.76 -9.16 -2.35
CA GLU A 70 7.11 -9.39 -0.96
C GLU A 70 5.89 -9.34 -0.07
N ARG A 71 5.96 -10.03 1.05
CA ARG A 71 4.85 -10.05 2.00
C ARG A 71 5.39 -9.88 3.42
N ILE A 72 4.79 -8.96 4.15
CA ILE A 72 5.20 -8.68 5.52
C ILE A 72 4.00 -8.73 6.48
N PRO A 73 4.15 -9.37 7.64
CA PRO A 73 3.07 -9.49 8.61
C PRO A 73 2.51 -8.13 9.04
N LEU A 74 1.39 -8.16 9.74
CA LEU A 74 0.74 -6.95 10.21
C LEU A 74 0.48 -7.10 11.69
N SER A 75 0.42 -8.37 12.10
CA SER A 75 0.18 -8.71 13.48
C SER A 75 1.42 -8.37 14.32
N GLN A 76 1.33 -8.62 15.61
CA GLN A 76 2.43 -8.37 16.55
C GLN A 76 2.61 -6.87 16.79
N MET A 77 2.27 -6.05 15.79
CA MET A 77 2.40 -4.61 15.89
C MET A 77 1.05 -3.97 16.18
N THR A 78 0.97 -2.64 16.06
CA THR A 78 -0.28 -1.93 16.29
C THR A 78 -0.72 -1.20 15.03
N ARG A 79 -2.01 -0.92 14.93
CA ARG A 79 -2.57 -0.24 13.76
C ARG A 79 -1.71 0.95 13.36
N ASP A 80 -1.59 1.90 14.27
CA ASP A 80 -0.80 3.11 14.04
C ASP A 80 0.54 2.79 13.39
N GLU A 81 1.19 1.73 13.86
CA GLU A 81 2.48 1.33 13.33
C GLU A 81 2.36 0.76 11.92
N ILE A 82 1.37 -0.10 11.71
CA ILE A 82 1.16 -0.72 10.41
C ILE A 82 0.85 0.32 9.34
N ASN A 83 0.19 1.41 9.73
CA ASN A 83 -0.17 2.47 8.78
C ASN A 83 1.06 3.28 8.39
N ALA A 84 1.98 3.40 9.35
CA ALA A 84 3.21 4.15 9.12
C ALA A 84 3.95 3.58 7.92
N LEU A 85 4.13 2.27 7.91
CA LEU A 85 4.82 1.59 6.82
C LEU A 85 4.12 1.84 5.48
N VAL A 86 2.81 1.62 5.44
CA VAL A 86 2.04 1.83 4.21
C VAL A 86 2.31 3.21 3.63
N GLN A 87 2.33 4.22 4.50
CA GLN A 87 2.58 5.59 4.08
C GLN A 87 4.02 5.74 3.63
N GLU A 88 4.91 5.04 4.35
CA GLU A 88 6.33 5.06 4.05
C GLU A 88 6.58 4.63 2.61
N LEU A 89 5.83 3.64 2.15
CA LEU A 89 5.97 3.13 0.79
C LEU A 89 5.49 4.17 -0.22
N GLY A 90 4.26 4.66 -0.03
CA GLY A 90 3.72 5.66 -0.94
C GLY A 90 2.22 5.55 -1.11
N PHE A 91 1.59 4.64 -0.37
CA PHE A 91 0.13 4.46 -0.45
C PHE A 91 -0.60 5.75 -0.08
N TYR A 92 -1.85 5.84 -0.50
CA TYR A 92 -2.67 7.02 -0.21
C TYR A 92 -3.79 6.68 0.75
N ARG A 93 -4.17 7.65 1.59
CA ARG A 93 -5.24 7.45 2.56
C ARG A 93 -6.28 8.55 2.44
N LYS A 94 -7.55 8.16 2.33
CA LYS A 94 -8.65 9.11 2.21
C LYS A 94 -9.48 9.13 3.48
N SER A 95 -10.45 10.04 3.52
CA SER A 95 -11.33 10.16 4.68
C SER A 95 -12.57 9.30 4.48
N ALA A 96 -12.84 8.98 3.22
CA ALA A 96 -13.99 8.16 2.87
C ALA A 96 -13.85 7.62 1.46
N PRO A 97 -14.56 6.53 1.13
CA PRO A 97 -14.50 5.90 -0.19
C PRO A 97 -14.94 6.87 -1.28
N GLU A 98 -15.82 7.79 -0.92
CA GLU A 98 -16.31 8.79 -1.87
C GLU A 98 -15.24 9.83 -2.17
N ALA A 99 -14.35 10.02 -1.20
CA ALA A 99 -13.26 10.98 -1.35
C ALA A 99 -12.37 10.63 -2.54
N GLN A 100 -12.01 11.63 -3.33
CA GLN A 100 -11.15 11.43 -4.50
C GLN A 100 -9.68 11.55 -4.13
N VAL A 101 -8.81 11.26 -5.08
CA VAL A 101 -7.37 11.33 -4.85
C VAL A 101 -6.72 12.38 -5.77
N PRO A 102 -5.88 13.28 -5.20
CA PRO A 102 -5.22 14.33 -5.99
C PRO A 102 -4.25 13.76 -7.03
N PRO A 103 -3.88 14.57 -8.04
CA PRO A 103 -2.97 14.14 -9.10
C PRO A 103 -1.64 13.62 -8.55
N GLU A 104 -1.20 14.21 -7.44
CA GLU A 104 0.05 13.82 -6.80
C GLU A 104 0.06 12.32 -6.51
N TYR A 105 -1.02 11.84 -5.91
CA TYR A 105 -1.14 10.42 -5.58
C TYR A 105 -2.10 9.71 -6.53
N LEU A 106 -2.36 10.32 -7.68
CA LEU A 106 -3.24 9.75 -8.68
C LEU A 106 -2.75 8.38 -9.13
N TRP A 107 -1.43 8.20 -9.17
CA TRP A 107 -0.84 6.94 -9.59
C TRP A 107 -0.15 6.25 -8.42
N ALA A 108 -0.20 6.88 -7.25
CA ALA A 108 0.41 6.33 -6.04
C ALA A 108 0.00 4.87 -5.83
N PRO A 109 0.88 4.06 -5.20
CA PRO A 109 2.20 4.48 -4.72
C PRO A 109 3.19 4.72 -5.85
N ALA A 110 2.77 4.38 -7.08
CA ALA A 110 3.62 4.56 -8.25
C ALA A 110 3.67 6.03 -8.66
N LYS A 111 4.70 6.74 -8.22
CA LYS A 111 4.86 8.15 -8.55
C LYS A 111 4.89 8.36 -10.06
N PRO A 112 4.31 9.48 -10.54
CA PRO A 112 4.28 9.80 -11.98
C PRO A 112 5.68 10.07 -12.54
N PRO A 113 5.86 9.89 -13.86
CA PRO A 113 7.15 10.12 -14.51
C PRO A 113 7.62 11.56 -14.38
N GLU A 114 8.71 11.89 -15.07
CA GLU A 114 9.26 13.24 -15.04
C GLU A 114 8.37 14.22 -15.80
N GLU A 115 8.97 14.98 -16.71
CA GLU A 115 8.22 15.96 -17.49
C GLU A 115 7.71 15.35 -18.80
N ALA A 116 6.59 14.64 -18.71
CA ALA A 116 5.99 14.00 -19.89
C ALA A 116 6.99 13.10 -20.59
N SER A 117 7.75 12.35 -19.81
CA SER A 117 8.75 11.43 -20.35
C SER A 117 8.15 10.05 -20.58
N GLU A 118 7.31 9.93 -21.60
CA GLU A 118 6.67 8.66 -21.92
C GLU A 118 6.16 8.64 -23.36
N HIS A 119 5.06 9.35 -23.60
CA HIS A 119 4.48 9.42 -24.94
C HIS A 119 3.54 10.61 -25.05
N ASP A 120 3.50 11.21 -26.25
CA ASP A 120 2.65 12.37 -26.49
C ASP A 120 1.67 12.09 -27.62
N ASP A 121 0.41 12.46 -27.40
CA ASP A 121 -0.63 12.25 -28.40
C ASP A 121 -0.86 13.50 -29.22
N LEU A 122 -0.53 13.42 -30.51
CA LEU A 122 -0.69 14.55 -31.42
C LEU A 122 -2.10 14.57 -31.99
N GLU A 123 -2.86 15.62 -31.64
CA GLU A 123 -4.23 15.79 -32.11
C GLU A 123 -5.02 14.49 -32.07
N HIS A 124 -4.63 13.60 -31.15
CA HIS A 124 -5.30 12.31 -31.00
C HIS A 124 -5.37 11.57 -32.33
N HIS A 125 -4.21 11.33 -32.94
CA HIS A 125 -4.16 10.64 -34.23
C HIS A 125 -3.12 9.51 -34.18
N HIS A 126 -3.58 8.31 -33.81
CA HIS A 126 -2.71 7.15 -33.73
C HIS A 126 -3.40 5.92 -34.29
N HIS A 127 -2.65 4.83 -34.44
CA HIS A 127 -3.18 3.58 -34.96
C HIS A 127 -3.75 3.76 -36.36
N HIS A 128 -4.25 2.68 -36.94
CA HIS A 128 -4.81 2.73 -38.29
C HIS A 128 -6.27 2.26 -38.27
N HIS A 129 -7.19 3.22 -38.13
CA HIS A 129 -8.62 2.90 -38.11
C HIS A 129 -9.17 2.78 -39.52
N MET A 1 22.05 6.68 15.39
CA MET A 1 20.57 6.74 15.35
C MET A 1 20.03 6.14 14.06
N THR A 2 19.00 5.29 14.19
CA THR A 2 18.40 4.65 13.04
C THR A 2 16.95 4.28 13.32
N ASN A 3 16.02 4.93 12.59
CA ASN A 3 14.60 4.68 12.76
C ASN A 3 14.12 3.58 11.83
N TYR A 4 14.93 2.54 11.66
CA TYR A 4 14.60 1.41 10.79
C TYR A 4 14.48 1.83 9.33
N ARG A 5 14.80 0.90 8.44
CA ARG A 5 14.73 1.12 7.01
C ARG A 5 14.48 -0.20 6.29
N PRO A 6 13.52 -0.24 5.34
CA PRO A 6 13.16 -1.46 4.61
C PRO A 6 14.16 -1.83 3.53
N ASP A 7 13.87 -2.92 2.83
CA ASP A 7 14.75 -3.39 1.76
C ASP A 7 14.24 -2.89 0.42
N TRP A 8 14.29 -1.58 0.22
CA TRP A 8 13.82 -0.97 -1.02
C TRP A 8 14.46 -1.60 -2.25
N ASN A 9 15.66 -2.16 -2.09
CA ASN A 9 16.34 -2.82 -3.20
C ASN A 9 15.65 -4.15 -3.50
N ARG A 10 15.13 -4.76 -2.44
CA ARG A 10 14.43 -6.03 -2.54
C ARG A 10 12.93 -5.81 -2.71
N LEU A 11 12.50 -4.57 -2.46
CA LEU A 11 11.08 -4.21 -2.55
C LEU A 11 10.78 -3.48 -3.85
N ARG A 12 11.81 -2.89 -4.45
CA ARG A 12 11.66 -2.13 -5.70
C ARG A 12 10.71 -2.83 -6.66
N GLY A 13 9.75 -2.05 -7.19
CA GLY A 13 8.78 -2.59 -8.11
C GLY A 13 7.38 -2.56 -7.55
N LEU A 14 7.28 -2.48 -6.22
CA LEU A 14 5.99 -2.46 -5.55
C LEU A 14 5.11 -1.35 -6.10
N ALA A 15 4.01 -1.74 -6.75
CA ALA A 15 3.08 -0.77 -7.31
C ALA A 15 1.73 -0.84 -6.60
N ARG A 16 1.52 -1.91 -5.83
CA ARG A 16 0.27 -2.07 -5.09
C ARG A 16 0.42 -3.09 -3.97
N GLY A 17 -0.59 -3.17 -3.10
CA GLY A 17 -0.54 -4.09 -1.98
C GLY A 17 -1.89 -4.74 -1.68
N ARG A 18 -1.86 -5.99 -1.25
CA ARG A 18 -3.07 -6.72 -0.91
C ARG A 18 -2.88 -7.45 0.41
N VAL A 19 -3.86 -7.35 1.28
CA VAL A 19 -3.80 -7.99 2.59
C VAL A 19 -4.57 -9.30 2.61
N GLU A 20 -3.86 -10.39 2.90
CA GLU A 20 -4.47 -11.71 2.96
C GLU A 20 -4.81 -12.07 4.41
N THR A 21 -6.04 -12.53 4.64
CA THR A 21 -6.47 -12.89 5.99
C THR A 21 -7.75 -13.72 5.97
N CYS A 22 -8.01 -14.42 7.06
CA CYS A 22 -9.20 -15.26 7.19
C CYS A 22 -10.40 -14.40 7.59
N GLY A 23 -10.19 -13.48 8.52
CA GLY A 23 -11.26 -12.61 8.98
C GLY A 23 -12.35 -13.38 9.71
N GLY A 24 -12.45 -13.15 11.02
CA GLY A 24 -13.45 -13.82 11.82
C GLY A 24 -13.10 -15.27 12.09
N CYS A 25 -11.81 -15.55 12.17
CA CYS A 25 -11.33 -16.91 12.42
C CYS A 25 -10.35 -16.92 13.60
N GLN A 26 -9.35 -16.04 13.53
CA GLN A 26 -8.35 -15.94 14.57
C GLN A 26 -7.69 -14.57 14.54
N LEU A 27 -8.51 -13.52 14.49
CA LEU A 27 -8.02 -12.15 14.44
C LEU A 27 -8.67 -11.30 15.54
N ASN A 28 -9.63 -11.88 16.22
CA ASN A 28 -10.34 -11.20 17.30
C ASN A 28 -9.38 -10.83 18.42
N ARG A 29 -8.21 -11.47 18.41
CA ARG A 29 -7.18 -11.25 19.41
C ARG A 29 -6.23 -10.12 19.01
N LEU A 30 -6.18 -9.84 17.72
CA LEU A 30 -5.32 -8.79 17.19
C LEU A 30 -6.13 -7.56 16.84
N LYS A 31 -6.92 -7.08 17.82
CA LYS A 31 -7.77 -5.90 17.64
C LYS A 31 -7.13 -4.87 16.73
N GLU A 32 -5.84 -4.64 16.91
CA GLU A 32 -5.12 -3.69 16.08
C GLU A 32 -5.22 -4.10 14.61
N VAL A 33 -4.56 -5.20 14.27
CA VAL A 33 -4.59 -5.73 12.91
C VAL A 33 -5.96 -5.61 12.28
N LYS A 34 -6.96 -6.23 12.90
CA LYS A 34 -8.33 -6.20 12.39
C LYS A 34 -8.75 -4.78 12.01
N ALA A 35 -8.33 -3.81 12.80
CA ALA A 35 -8.67 -2.42 12.53
C ALA A 35 -8.16 -2.01 11.16
N PHE A 36 -6.84 -2.01 11.00
CA PHE A 36 -6.19 -1.66 9.73
C PHE A 36 -6.90 -2.31 8.56
N VAL A 37 -7.23 -3.58 8.71
CA VAL A 37 -7.90 -4.35 7.66
C VAL A 37 -9.42 -4.28 7.78
N THR A 38 -9.94 -3.06 7.78
CA THR A 38 -11.39 -2.85 7.89
C THR A 38 -11.75 -1.43 7.49
N GLU A 39 -11.28 -0.47 8.27
CA GLU A 39 -11.55 0.94 8.02
C GLU A 39 -10.57 1.53 7.01
N ASP A 40 -9.33 1.73 7.45
CA ASP A 40 -8.30 2.33 6.61
C ASP A 40 -7.98 1.49 5.37
N ILE A 41 -8.00 0.17 5.51
CA ILE A 41 -7.69 -0.72 4.39
C ILE A 41 -8.50 -0.40 3.13
N GLN A 42 -9.74 0.07 3.31
CA GLN A 42 -10.58 0.40 2.16
C GLN A 42 -10.34 1.82 1.71
N LEU A 43 -9.74 2.58 2.61
CA LEU A 43 -9.42 3.98 2.34
C LEU A 43 -8.05 4.11 1.68
N TYR A 44 -7.23 3.07 1.83
CA TYR A 44 -5.91 3.06 1.23
C TYR A 44 -5.98 2.54 -0.20
N HIS A 45 -5.75 3.44 -1.16
CA HIS A 45 -5.79 3.08 -2.58
C HIS A 45 -4.83 1.93 -2.88
N ASN A 46 -5.20 1.11 -3.85
CA ASN A 46 -4.39 -0.03 -4.26
C ASN A 46 -4.16 -1.00 -3.11
N LEU A 47 -5.01 -0.92 -2.09
CA LEU A 47 -4.91 -1.80 -0.93
C LEU A 47 -6.23 -2.52 -0.70
N VAL A 48 -6.31 -3.76 -1.17
CA VAL A 48 -7.54 -4.55 -1.03
C VAL A 48 -7.40 -5.67 -0.01
N MET A 49 -8.52 -6.01 0.62
CA MET A 49 -8.55 -7.07 1.61
C MET A 49 -8.94 -8.41 0.97
N LYS A 50 -8.45 -9.50 1.53
CA LYS A 50 -8.74 -10.83 1.01
C LYS A 50 -9.24 -11.76 2.13
N HIS A 51 -10.11 -12.68 1.76
CA HIS A 51 -10.68 -13.63 2.71
C HIS A 51 -10.25 -15.06 2.36
N LEU A 52 -9.09 -15.48 2.87
CA LEU A 52 -8.58 -16.82 2.61
C LEU A 52 -8.79 -17.74 3.81
N PRO A 53 -9.49 -18.87 3.61
CA PRO A 53 -9.76 -19.84 4.69
C PRO A 53 -8.49 -20.28 5.41
N GLY A 54 -8.42 -20.00 6.70
CA GLY A 54 -7.26 -20.38 7.49
C GLY A 54 -5.98 -19.71 7.03
N ALA A 55 -6.02 -18.39 6.92
CA ALA A 55 -4.84 -17.63 6.49
C ALA A 55 -4.42 -16.64 7.58
N ASP A 56 -3.24 -16.05 7.39
CA ASP A 56 -2.71 -15.09 8.35
C ASP A 56 -2.75 -13.67 7.78
N PRO A 57 -3.06 -12.66 8.62
CA PRO A 57 -3.14 -11.27 8.17
C PRO A 57 -1.78 -10.68 7.81
N GLU A 58 -1.36 -10.90 6.58
CA GLU A 58 -0.08 -10.40 6.09
C GLU A 58 -0.25 -9.53 4.86
N LEU A 59 0.53 -8.47 4.76
CA LEU A 59 0.47 -7.57 3.62
C LEU A 59 1.18 -8.19 2.43
N VAL A 60 0.72 -7.89 1.21
CA VAL A 60 1.33 -8.44 0.02
C VAL A 60 1.62 -7.34 -1.01
N LEU A 61 2.81 -6.76 -0.92
CA LEU A 61 3.22 -5.71 -1.83
C LEU A 61 3.54 -6.31 -3.19
N LEU A 62 2.55 -6.36 -4.07
CA LEU A 62 2.71 -6.92 -5.40
C LEU A 62 3.31 -5.90 -6.37
N SER A 63 3.50 -6.34 -7.62
CA SER A 63 4.04 -5.46 -8.65
C SER A 63 3.02 -5.26 -9.77
N ARG A 64 2.07 -4.35 -9.53
CA ARG A 64 1.01 -4.02 -10.50
C ARG A 64 0.25 -5.27 -10.98
N ASN A 65 0.88 -6.05 -11.86
CA ASN A 65 0.26 -7.25 -12.41
C ASN A 65 0.09 -8.35 -11.36
N TYR A 66 -0.03 -7.95 -10.09
CA TYR A 66 -0.21 -8.90 -9.00
C TYR A 66 1.01 -9.79 -8.82
N GLN A 67 2.17 -9.26 -9.21
CA GLN A 67 3.42 -10.00 -9.06
C GLN A 67 3.96 -9.87 -7.64
N GLU A 68 3.30 -10.55 -6.71
CA GLU A 68 3.71 -10.53 -5.29
C GLU A 68 5.22 -10.43 -5.15
N LEU A 69 5.68 -9.29 -4.66
CA LEU A 69 7.11 -9.05 -4.48
C LEU A 69 7.59 -9.36 -3.06
N GLU A 70 6.78 -8.98 -2.08
CA GLU A 70 7.14 -9.19 -0.68
C GLU A 70 5.90 -9.26 0.21
N ARG A 71 5.98 -10.07 1.25
CA ARG A 71 4.88 -10.22 2.19
C ARG A 71 5.40 -10.17 3.63
N ILE A 72 4.78 -9.34 4.46
CA ILE A 72 5.17 -9.20 5.86
C ILE A 72 3.97 -9.34 6.79
N PRO A 73 4.14 -10.05 7.92
CA PRO A 73 3.06 -10.24 8.88
C PRO A 73 2.67 -8.96 9.60
N LEU A 74 1.37 -8.68 9.63
CA LEU A 74 0.85 -7.48 10.27
C LEU A 74 0.43 -7.78 11.71
N SER A 75 0.42 -9.07 12.04
CA SER A 75 0.04 -9.53 13.37
C SER A 75 1.05 -9.08 14.43
N GLN A 76 2.12 -8.42 13.98
CA GLN A 76 3.16 -7.96 14.89
C GLN A 76 2.93 -6.50 15.29
N MET A 77 2.98 -5.61 14.30
CA MET A 77 2.78 -4.19 14.55
C MET A 77 1.31 -3.86 14.78
N THR A 78 1.04 -2.63 15.22
CA THR A 78 -0.32 -2.17 15.48
C THR A 78 -0.82 -1.28 14.34
N ARG A 79 -2.12 -1.02 14.31
CA ARG A 79 -2.71 -0.18 13.27
C ARG A 79 -1.90 1.09 13.05
N ASP A 80 -1.48 1.71 14.15
CA ASP A 80 -0.70 2.94 14.09
C ASP A 80 0.63 2.73 13.38
N GLU A 81 1.31 1.62 13.69
CA GLU A 81 2.60 1.32 13.07
C GLU A 81 2.42 0.85 11.63
N ILE A 82 1.54 -0.12 11.43
CA ILE A 82 1.27 -0.65 10.11
C ILE A 82 0.88 0.45 9.12
N ASN A 83 0.27 1.52 9.64
CA ASN A 83 -0.15 2.63 8.79
C ASN A 83 1.06 3.46 8.38
N ALA A 84 1.99 3.62 9.31
CA ALA A 84 3.20 4.38 9.06
C ALA A 84 3.92 3.79 7.86
N LEU A 85 4.03 2.47 7.84
CA LEU A 85 4.69 1.76 6.75
C LEU A 85 4.01 2.03 5.40
N VAL A 86 2.69 1.85 5.34
CA VAL A 86 1.95 2.07 4.11
C VAL A 86 2.27 3.44 3.54
N GLN A 87 2.26 4.45 4.40
CA GLN A 87 2.55 5.81 3.99
C GLN A 87 3.99 5.90 3.51
N GLU A 88 4.85 5.16 4.18
CA GLU A 88 6.27 5.11 3.85
C GLU A 88 6.48 4.63 2.43
N LEU A 89 5.63 3.69 2.01
CA LEU A 89 5.69 3.13 0.66
C LEU A 89 5.29 4.16 -0.37
N GLY A 90 4.10 4.74 -0.20
CA GLY A 90 3.61 5.74 -1.13
C GLY A 90 2.11 5.65 -1.34
N PHE A 91 1.46 4.73 -0.63
CA PHE A 91 0.01 4.55 -0.75
C PHE A 91 -0.72 5.84 -0.41
N TYR A 92 -1.97 5.94 -0.87
CA TYR A 92 -2.78 7.12 -0.63
C TYR A 92 -3.92 6.80 0.35
N ARG A 93 -4.29 7.79 1.15
CA ARG A 93 -5.37 7.62 2.12
C ARG A 93 -6.46 8.67 1.92
N LYS A 94 -7.71 8.23 1.91
CA LYS A 94 -8.84 9.14 1.71
C LYS A 94 -9.69 9.20 2.98
N SER A 95 -10.81 9.91 2.89
CA SER A 95 -11.72 10.04 4.02
C SER A 95 -12.90 9.07 3.89
N ALA A 96 -13.19 8.68 2.66
CA ALA A 96 -14.28 7.75 2.39
C ALA A 96 -14.03 6.97 1.11
N PRO A 97 -14.67 5.80 0.97
CA PRO A 97 -14.51 4.94 -0.21
C PRO A 97 -14.90 5.66 -1.49
N GLU A 98 -15.83 6.59 -1.38
CA GLU A 98 -16.29 7.35 -2.53
C GLU A 98 -15.31 8.47 -2.87
N ALA A 99 -14.61 8.96 -1.86
CA ALA A 99 -13.62 10.03 -2.03
C ALA A 99 -12.55 9.63 -3.04
N GLN A 100 -12.46 10.40 -4.13
CA GLN A 100 -11.47 10.15 -5.17
C GLN A 100 -10.07 10.55 -4.72
N VAL A 101 -9.12 10.48 -5.65
CA VAL A 101 -7.73 10.82 -5.37
C VAL A 101 -7.24 11.91 -6.33
N PRO A 102 -6.59 12.97 -5.82
CA PRO A 102 -6.07 14.05 -6.65
C PRO A 102 -5.09 13.57 -7.72
N PRO A 103 -4.93 14.33 -8.82
CA PRO A 103 -4.01 13.95 -9.91
C PRO A 103 -2.62 13.60 -9.40
N GLU A 104 -2.22 14.27 -8.32
CA GLU A 104 -0.91 14.04 -7.71
C GLU A 104 -0.70 12.56 -7.44
N TYR A 105 -1.57 12.01 -6.61
CA TYR A 105 -1.50 10.60 -6.23
C TYR A 105 -2.51 9.76 -7.00
N LEU A 106 -2.95 10.27 -8.16
CA LEU A 106 -3.91 9.56 -8.98
C LEU A 106 -3.35 8.22 -9.47
N TRP A 107 -2.03 8.09 -9.44
CA TRP A 107 -1.38 6.86 -9.89
C TRP A 107 -0.64 6.20 -8.73
N ALA A 108 -0.61 6.87 -7.59
CA ALA A 108 0.07 6.35 -6.39
C ALA A 108 -0.30 4.89 -6.15
N PRO A 109 0.61 4.09 -5.55
CA PRO A 109 1.94 4.54 -5.12
C PRO A 109 2.89 4.79 -6.29
N ALA A 110 2.39 4.58 -7.50
CA ALA A 110 3.20 4.79 -8.70
C ALA A 110 3.24 6.26 -9.08
N LYS A 111 4.43 6.77 -9.35
CA LYS A 111 4.61 8.17 -9.72
C LYS A 111 4.02 8.44 -11.11
N PRO A 112 3.45 9.64 -11.32
CA PRO A 112 2.86 10.02 -12.61
C PRO A 112 3.93 10.25 -13.69
N PRO A 113 3.61 9.92 -14.95
CA PRO A 113 4.54 10.10 -16.07
C PRO A 113 4.92 11.56 -16.30
N GLU A 114 6.11 11.79 -16.82
CA GLU A 114 6.58 13.13 -17.08
C GLU A 114 6.27 13.55 -18.51
N GLU A 115 5.69 14.72 -18.64
CA GLU A 115 5.33 15.27 -19.94
C GLU A 115 6.57 15.73 -20.69
N ALA A 116 7.09 14.88 -21.58
CA ALA A 116 8.28 15.19 -22.37
C ALA A 116 9.49 15.41 -21.47
N SER A 117 10.29 14.38 -21.31
CA SER A 117 11.50 14.46 -20.48
C SER A 117 12.59 13.54 -21.01
N GLU A 118 12.18 12.49 -21.72
CA GLU A 118 13.13 11.54 -22.29
C GLU A 118 12.46 10.67 -23.36
N HIS A 119 12.77 10.95 -24.61
CA HIS A 119 12.20 10.19 -25.73
C HIS A 119 13.29 9.40 -26.45
N ASP A 120 12.91 8.77 -27.57
CA ASP A 120 13.84 7.98 -28.36
C ASP A 120 14.37 6.78 -27.57
N ASP A 121 14.90 5.80 -28.29
CA ASP A 121 15.44 4.59 -27.66
C ASP A 121 16.94 4.74 -27.42
N LEU A 122 17.33 4.62 -26.15
CA LEU A 122 18.74 4.74 -25.78
C LEU A 122 19.55 3.59 -26.39
N GLU A 123 20.83 3.85 -26.63
CA GLU A 123 21.72 2.85 -27.22
C GLU A 123 21.61 1.51 -26.49
N HIS A 124 22.36 1.36 -25.40
CA HIS A 124 22.34 0.13 -24.62
C HIS A 124 21.75 0.40 -23.24
N HIS A 125 21.51 1.67 -22.96
CA HIS A 125 20.94 2.10 -21.68
C HIS A 125 21.86 1.72 -20.52
N HIS A 126 21.73 0.49 -20.04
CA HIS A 126 22.54 0.01 -18.93
C HIS A 126 23.97 -0.25 -19.38
N HIS A 127 24.23 -1.48 -19.85
CA HIS A 127 25.55 -1.87 -20.32
C HIS A 127 25.55 -3.31 -20.84
N HIS A 128 24.67 -4.13 -20.26
CA HIS A 128 24.57 -5.53 -20.64
C HIS A 128 23.15 -5.86 -21.12
N HIS A 129 23.04 -6.88 -21.96
CA HIS A 129 21.74 -7.30 -22.48
C HIS A 129 21.16 -8.44 -21.65
N MET A 1 18.19 8.73 17.07
CA MET A 1 17.29 7.54 17.10
C MET A 1 16.93 7.09 15.70
N THR A 2 16.77 5.77 15.53
CA THR A 2 16.42 5.20 14.24
C THR A 2 14.91 5.22 14.00
N ASN A 3 14.51 5.63 12.81
CA ASN A 3 13.10 5.70 12.46
C ASN A 3 12.69 4.47 11.64
N TYR A 4 13.45 3.39 11.78
CA TYR A 4 13.18 2.14 11.07
C TYR A 4 13.32 2.30 9.56
N ARG A 5 13.72 1.23 8.90
CA ARG A 5 13.89 1.23 7.45
C ARG A 5 13.52 -0.13 6.87
N PRO A 6 12.71 -0.17 5.80
CA PRO A 6 12.27 -1.42 5.16
C PRO A 6 13.36 -2.02 4.27
N ASP A 7 13.01 -3.13 3.63
CA ASP A 7 13.93 -3.80 2.73
C ASP A 7 13.64 -3.38 1.29
N TRP A 8 13.94 -2.12 0.99
CA TRP A 8 13.70 -1.57 -0.34
C TRP A 8 14.35 -2.44 -1.42
N ASN A 9 15.53 -2.98 -1.13
CA ASN A 9 16.22 -3.82 -2.11
C ASN A 9 15.41 -5.07 -2.39
N ARG A 10 14.43 -5.32 -1.51
CA ARG A 10 13.55 -6.47 -1.64
C ARG A 10 12.12 -6.02 -1.94
N LEU A 11 11.87 -4.72 -1.81
CA LEU A 11 10.54 -4.16 -2.06
C LEU A 11 10.44 -3.54 -3.45
N ARG A 12 11.59 -3.22 -4.04
CA ARG A 12 11.64 -2.62 -5.38
C ARG A 12 10.60 -3.22 -6.31
N GLY A 13 9.87 -2.36 -7.01
CA GLY A 13 8.85 -2.83 -7.93
C GLY A 13 7.45 -2.73 -7.34
N LEU A 14 7.37 -2.59 -6.02
CA LEU A 14 6.09 -2.49 -5.33
C LEU A 14 5.25 -1.36 -5.91
N ALA A 15 4.15 -1.72 -6.56
CA ALA A 15 3.25 -0.73 -7.13
C ALA A 15 1.89 -0.78 -6.45
N ARG A 16 1.66 -1.85 -5.69
CA ARG A 16 0.39 -2.01 -4.96
C ARG A 16 0.53 -3.05 -3.86
N GLY A 17 -0.50 -3.16 -3.02
CA GLY A 17 -0.47 -4.12 -1.92
C GLY A 17 -1.82 -4.74 -1.64
N ARG A 18 -1.81 -6.01 -1.24
CA ARG A 18 -3.04 -6.73 -0.91
C ARG A 18 -2.84 -7.50 0.38
N VAL A 19 -3.82 -7.41 1.26
CA VAL A 19 -3.75 -8.09 2.56
C VAL A 19 -4.55 -9.39 2.56
N GLU A 20 -3.85 -10.49 2.82
CA GLU A 20 -4.49 -11.80 2.88
C GLU A 20 -4.82 -12.15 4.32
N THR A 21 -6.01 -12.71 4.54
CA THR A 21 -6.44 -13.07 5.88
C THR A 21 -7.73 -13.88 5.88
N CYS A 22 -8.01 -14.52 7.01
CA CYS A 22 -9.22 -15.33 7.16
C CYS A 22 -10.31 -14.55 7.88
N GLY A 23 -11.17 -13.89 7.12
CA GLY A 23 -12.26 -13.12 7.70
C GLY A 23 -13.16 -13.96 8.57
N GLY A 24 -13.45 -15.18 8.12
CA GLY A 24 -14.30 -16.07 8.87
C GLY A 24 -13.72 -16.41 10.24
N CYS A 25 -12.40 -16.31 10.35
CA CYS A 25 -11.71 -16.60 11.60
C CYS A 25 -11.88 -15.45 12.58
N GLN A 26 -11.87 -14.23 12.04
CA GLN A 26 -12.02 -13.03 12.86
C GLN A 26 -10.88 -12.88 13.86
N LEU A 27 -10.11 -11.81 13.72
CA LEU A 27 -8.98 -11.55 14.60
C LEU A 27 -9.44 -11.36 16.04
N ASN A 28 -9.87 -10.14 16.38
CA ASN A 28 -10.30 -9.82 17.73
C ASN A 28 -9.11 -9.77 18.67
N ARG A 29 -8.43 -10.90 18.81
CA ARG A 29 -7.24 -10.99 19.65
C ARG A 29 -6.23 -9.92 19.27
N LEU A 30 -6.18 -9.59 17.98
CA LEU A 30 -5.26 -8.58 17.47
C LEU A 30 -6.02 -7.33 17.05
N LYS A 31 -6.71 -6.72 18.02
CA LYS A 31 -7.51 -5.51 17.78
C LYS A 31 -6.86 -4.61 16.73
N GLU A 32 -5.53 -4.49 16.80
CA GLU A 32 -4.81 -3.67 15.84
C GLU A 32 -5.07 -4.19 14.42
N VAL A 33 -4.51 -5.36 14.13
CA VAL A 33 -4.69 -6.00 12.83
C VAL A 33 -6.09 -5.81 12.26
N LYS A 34 -7.09 -6.37 12.94
CA LYS A 34 -8.48 -6.25 12.48
C LYS A 34 -8.82 -4.83 12.08
N ALA A 35 -8.32 -3.86 12.83
CA ALA A 35 -8.58 -2.47 12.54
C ALA A 35 -8.09 -2.12 11.13
N PHE A 36 -6.78 -2.19 10.94
CA PHE A 36 -6.16 -1.91 9.65
C PHE A 36 -6.91 -2.59 8.51
N VAL A 37 -7.33 -3.82 8.74
CA VAL A 37 -8.03 -4.60 7.73
C VAL A 37 -9.55 -4.50 7.91
N THR A 38 -10.06 -3.27 7.92
CA THR A 38 -11.50 -3.04 8.07
C THR A 38 -11.87 -1.64 7.63
N GLU A 39 -11.18 -0.65 8.18
CA GLU A 39 -11.44 0.74 7.85
C GLU A 39 -10.36 1.32 6.94
N ASP A 40 -9.13 1.36 7.45
CA ASP A 40 -8.00 1.91 6.71
C ASP A 40 -7.81 1.20 5.37
N ILE A 41 -7.84 -0.12 5.38
CA ILE A 41 -7.63 -0.90 4.15
C ILE A 41 -8.64 -0.56 3.05
N GLN A 42 -9.76 0.06 3.43
CA GLN A 42 -10.77 0.43 2.43
C GLN A 42 -10.54 1.84 1.91
N LEU A 43 -9.72 2.59 2.65
CA LEU A 43 -9.40 3.96 2.29
C LEU A 43 -8.05 4.04 1.59
N TYR A 44 -7.20 3.06 1.87
CA TYR A 44 -5.87 3.02 1.28
C TYR A 44 -5.92 2.53 -0.16
N HIS A 45 -5.61 3.43 -1.09
CA HIS A 45 -5.62 3.11 -2.51
C HIS A 45 -4.66 1.97 -2.82
N ASN A 46 -4.99 1.17 -3.81
CA ASN A 46 -4.15 0.03 -4.21
C ASN A 46 -3.97 -0.94 -3.06
N LEU A 47 -4.82 -0.84 -2.05
CA LEU A 47 -4.75 -1.73 -0.89
C LEU A 47 -6.09 -2.41 -0.67
N VAL A 48 -6.20 -3.65 -1.14
CA VAL A 48 -7.45 -4.40 -1.02
C VAL A 48 -7.31 -5.56 -0.03
N MET A 49 -8.42 -5.90 0.62
CA MET A 49 -8.43 -7.00 1.57
C MET A 49 -8.81 -8.30 0.88
N LYS A 50 -8.27 -9.41 1.37
CA LYS A 50 -8.53 -10.72 0.79
C LYS A 50 -9.01 -11.71 1.85
N HIS A 51 -9.88 -12.62 1.44
CA HIS A 51 -10.43 -13.63 2.33
C HIS A 51 -10.02 -15.03 1.89
N LEU A 52 -8.98 -15.56 2.53
CA LEU A 52 -8.49 -16.90 2.21
C LEU A 52 -8.80 -17.87 3.35
N PRO A 53 -8.88 -19.18 3.04
CA PRO A 53 -9.17 -20.21 4.04
C PRO A 53 -7.92 -20.66 4.79
N GLY A 54 -7.93 -20.44 6.11
CA GLY A 54 -6.80 -20.83 6.94
C GLY A 54 -5.56 -20.01 6.65
N ALA A 55 -5.75 -18.73 6.35
CA ALA A 55 -4.63 -17.84 6.06
C ALA A 55 -4.33 -16.91 7.24
N ASP A 56 -3.23 -16.17 7.14
CA ASP A 56 -2.83 -15.25 8.18
C ASP A 56 -2.85 -13.81 7.66
N PRO A 57 -3.14 -12.82 8.53
CA PRO A 57 -3.20 -11.42 8.13
C PRO A 57 -1.83 -10.84 7.79
N GLU A 58 -1.43 -10.99 6.53
CA GLU A 58 -0.15 -10.48 6.06
C GLU A 58 -0.32 -9.62 4.82
N LEU A 59 0.48 -8.57 4.73
CA LEU A 59 0.42 -7.67 3.57
C LEU A 59 1.15 -8.30 2.39
N VAL A 60 0.71 -7.98 1.18
CA VAL A 60 1.34 -8.51 -0.02
C VAL A 60 1.66 -7.41 -1.01
N LEU A 61 2.87 -6.87 -0.92
CA LEU A 61 3.31 -5.80 -1.82
C LEU A 61 3.60 -6.37 -3.20
N LEU A 62 2.60 -6.36 -4.06
CA LEU A 62 2.74 -6.89 -5.42
C LEU A 62 3.32 -5.85 -6.37
N SER A 63 3.46 -6.25 -7.63
CA SER A 63 3.99 -5.34 -8.66
C SER A 63 2.95 -5.12 -9.75
N ARG A 64 2.01 -4.21 -9.46
CA ARG A 64 0.92 -3.86 -10.39
C ARG A 64 0.18 -5.08 -10.93
N ASN A 65 0.80 -5.83 -11.82
CA ASN A 65 0.20 -7.03 -12.42
C ASN A 65 -0.10 -8.12 -11.39
N TYR A 66 -0.12 -7.75 -10.11
CA TYR A 66 -0.40 -8.69 -9.03
C TYR A 66 0.72 -9.70 -8.86
N GLN A 67 1.93 -9.29 -9.22
CA GLN A 67 3.09 -10.15 -9.07
C GLN A 67 3.70 -9.99 -7.68
N GLU A 68 3.06 -10.64 -6.71
CA GLU A 68 3.50 -10.61 -5.31
C GLU A 68 5.02 -10.58 -5.20
N LEU A 69 5.54 -9.44 -4.74
CA LEU A 69 6.98 -9.25 -4.59
C LEU A 69 7.45 -9.60 -3.19
N GLU A 70 6.65 -9.26 -2.19
CA GLU A 70 7.01 -9.52 -0.80
C GLU A 70 5.79 -9.53 0.10
N ARG A 71 5.86 -10.31 1.17
CA ARG A 71 4.77 -10.41 2.12
C ARG A 71 5.30 -10.25 3.55
N ILE A 72 4.72 -9.32 4.28
CA ILE A 72 5.14 -9.05 5.65
C ILE A 72 3.96 -9.15 6.62
N PRO A 73 4.16 -9.81 7.78
CA PRO A 73 3.11 -9.98 8.77
C PRO A 73 2.62 -8.65 9.35
N LEU A 74 1.35 -8.62 9.74
CA LEU A 74 0.74 -7.42 10.31
C LEU A 74 0.39 -7.66 11.78
N SER A 75 0.48 -8.92 12.19
CA SER A 75 0.18 -9.31 13.55
C SER A 75 1.36 -9.04 14.48
N GLN A 76 1.88 -7.82 14.41
CA GLN A 76 3.03 -7.45 15.24
C GLN A 76 2.87 -6.02 15.76
N MET A 77 2.89 -5.06 14.84
CA MET A 77 2.73 -3.65 15.21
C MET A 77 1.27 -3.29 15.38
N THR A 78 1.00 -2.05 15.78
CA THR A 78 -0.37 -1.59 15.96
C THR A 78 -0.89 -0.91 14.71
N ARG A 79 -2.20 -0.72 14.63
CA ARG A 79 -2.82 -0.07 13.46
C ARG A 79 -2.08 1.20 13.07
N ASP A 80 -1.72 2.01 14.07
CA ASP A 80 -1.02 3.27 13.81
C ASP A 80 0.36 3.04 13.21
N GLU A 81 1.05 2.00 13.66
CA GLU A 81 2.39 1.68 13.18
C GLU A 81 2.34 1.08 11.77
N ILE A 82 1.48 0.08 11.59
CA ILE A 82 1.35 -0.58 10.30
C ILE A 82 0.96 0.42 9.21
N ASN A 83 0.29 1.50 9.63
CA ASN A 83 -0.14 2.54 8.69
C ASN A 83 1.05 3.40 8.29
N ALA A 84 1.95 3.60 9.24
CA ALA A 84 3.15 4.39 9.00
C ALA A 84 3.93 3.81 7.82
N LEU A 85 4.09 2.50 7.83
CA LEU A 85 4.79 1.80 6.76
C LEU A 85 4.12 2.04 5.41
N VAL A 86 2.81 1.79 5.33
CA VAL A 86 2.07 1.97 4.10
C VAL A 86 2.29 3.37 3.54
N GLN A 87 2.20 4.37 4.41
CA GLN A 87 2.38 5.76 4.01
C GLN A 87 3.81 5.96 3.52
N GLU A 88 4.74 5.28 4.19
CA GLU A 88 6.15 5.35 3.85
C GLU A 88 6.39 4.88 2.42
N LEU A 89 5.63 3.86 2.01
CA LEU A 89 5.75 3.30 0.66
C LEU A 89 5.30 4.32 -0.38
N GLY A 90 4.10 4.84 -0.20
CA GLY A 90 3.56 5.81 -1.14
C GLY A 90 2.05 5.70 -1.31
N PHE A 91 1.45 4.75 -0.60
CA PHE A 91 0.00 4.55 -0.67
C PHE A 91 -0.75 5.82 -0.29
N TYR A 92 -2.00 5.91 -0.71
CA TYR A 92 -2.84 7.08 -0.41
C TYR A 92 -3.96 6.70 0.55
N ARG A 93 -4.24 7.57 1.51
CA ARG A 93 -5.30 7.33 2.48
C ARG A 93 -6.35 8.43 2.43
N LYS A 94 -7.61 8.04 2.30
CA LYS A 94 -8.71 9.00 2.23
C LYS A 94 -9.58 8.92 3.48
N SER A 95 -10.62 9.74 3.50
CA SER A 95 -11.54 9.77 4.64
C SER A 95 -12.75 8.90 4.37
N ALA A 96 -13.03 8.67 3.09
CA ALA A 96 -14.16 7.84 2.67
C ALA A 96 -13.97 7.34 1.25
N PRO A 97 -14.66 6.24 0.88
CA PRO A 97 -14.57 5.66 -0.46
C PRO A 97 -15.03 6.62 -1.54
N GLU A 98 -15.98 7.48 -1.18
CA GLU A 98 -16.51 8.46 -2.12
C GLU A 98 -15.50 9.58 -2.37
N ALA A 99 -14.58 9.75 -1.42
CA ALA A 99 -13.55 10.78 -1.54
C ALA A 99 -12.66 10.54 -2.75
N GLN A 100 -12.36 11.60 -3.48
CA GLN A 100 -11.51 11.52 -4.66
C GLN A 100 -10.03 11.59 -4.28
N VAL A 101 -9.16 11.38 -5.27
CA VAL A 101 -7.72 11.42 -5.04
C VAL A 101 -7.04 12.38 -6.02
N PRO A 102 -6.19 13.31 -5.52
CA PRO A 102 -5.48 14.27 -6.37
C PRO A 102 -4.60 13.58 -7.41
N PRO A 103 -4.27 14.28 -8.51
CA PRO A 103 -3.43 13.74 -9.57
C PRO A 103 -2.11 13.19 -9.05
N GLU A 104 -1.58 13.84 -8.02
CA GLU A 104 -0.31 13.42 -7.43
C GLU A 104 -0.35 11.96 -7.02
N TYR A 105 -1.36 11.60 -6.24
CA TYR A 105 -1.52 10.21 -5.77
C TYR A 105 -2.67 9.51 -6.50
N LEU A 106 -2.98 9.96 -7.70
CA LEU A 106 -4.05 9.37 -8.49
C LEU A 106 -3.77 7.91 -8.81
N TRP A 107 -2.50 7.58 -9.07
CA TRP A 107 -2.12 6.22 -9.39
C TRP A 107 -1.13 5.65 -8.37
N ALA A 108 -0.73 6.48 -7.42
CA ALA A 108 0.22 6.05 -6.39
C ALA A 108 -0.27 4.78 -5.68
N PRO A 109 0.66 3.96 -5.16
CA PRO A 109 2.11 4.22 -5.22
C PRO A 109 2.69 3.97 -6.62
N ALA A 110 1.84 3.58 -7.55
CA ALA A 110 2.26 3.32 -8.92
C ALA A 110 2.45 4.61 -9.70
N LYS A 111 3.61 4.74 -10.35
CA LYS A 111 3.92 5.92 -11.14
C LYS A 111 2.97 6.05 -12.33
N PRO A 112 2.65 7.28 -12.76
CA PRO A 112 1.74 7.50 -13.89
C PRO A 112 2.26 6.87 -15.19
N PRO A 113 1.36 6.38 -16.05
CA PRO A 113 1.74 5.74 -17.32
C PRO A 113 2.30 6.74 -18.32
N GLU A 114 3.18 6.25 -19.21
CA GLU A 114 3.79 7.09 -20.22
C GLU A 114 2.81 7.44 -21.31
N GLU A 115 2.43 6.45 -22.10
CA GLU A 115 1.49 6.63 -23.19
C GLU A 115 0.08 6.88 -22.65
N ALA A 116 -0.27 8.16 -22.50
CA ALA A 116 -1.58 8.54 -21.99
C ALA A 116 -2.21 9.62 -22.86
N SER A 117 -3.22 9.24 -23.64
CA SER A 117 -3.92 10.18 -24.51
C SER A 117 -2.97 10.78 -25.54
N GLU A 118 -3.50 11.64 -26.39
CA GLU A 118 -2.70 12.30 -27.42
C GLU A 118 -3.43 13.51 -27.99
N HIS A 119 -4.26 14.14 -27.16
CA HIS A 119 -5.02 15.31 -27.57
C HIS A 119 -4.30 16.60 -27.18
N ASP A 120 -3.36 16.48 -26.24
CA ASP A 120 -2.59 17.64 -25.78
C ASP A 120 -1.51 18.00 -26.79
N ASP A 121 -1.11 19.27 -26.77
CA ASP A 121 -0.08 19.76 -27.68
C ASP A 121 0.94 20.62 -26.95
N LEU A 122 2.14 20.06 -26.75
CA LEU A 122 3.20 20.78 -26.07
C LEU A 122 4.26 21.25 -27.07
N GLU A 123 4.29 22.55 -27.33
CA GLU A 123 5.24 23.13 -28.27
C GLU A 123 5.08 22.51 -29.66
N HIS A 124 3.95 21.85 -29.88
CA HIS A 124 3.68 21.20 -31.15
C HIS A 124 4.73 20.13 -31.43
N HIS A 125 5.58 19.86 -30.44
CA HIS A 125 6.62 18.85 -30.56
C HIS A 125 7.66 19.25 -31.61
N HIS A 126 8.87 18.72 -31.47
CA HIS A 126 9.96 19.01 -32.39
C HIS A 126 11.07 17.97 -32.26
N HIS A 127 10.87 17.03 -31.33
CA HIS A 127 11.84 15.97 -31.08
C HIS A 127 13.20 16.54 -30.68
N HIS A 128 13.32 16.93 -29.42
CA HIS A 128 14.57 17.49 -28.91
C HIS A 128 15.70 16.48 -29.01
N HIS A 129 16.58 16.70 -30.00
CA HIS A 129 17.72 15.81 -30.22
C HIS A 129 17.26 14.37 -30.44
N MET A 1 11.39 10.79 8.68
CA MET A 1 11.70 9.63 7.80
C MET A 1 13.03 8.99 8.20
N THR A 2 13.02 8.18 9.24
CA THR A 2 14.22 7.51 9.72
C THR A 2 13.88 6.26 10.52
N ASN A 3 12.65 6.21 11.03
CA ASN A 3 12.19 5.06 11.82
C ASN A 3 12.18 3.79 10.98
N TYR A 4 13.25 3.01 11.08
CA TYR A 4 13.37 1.75 10.35
C TYR A 4 13.41 1.98 8.84
N ARG A 5 14.09 1.08 8.14
CA ARG A 5 14.21 1.16 6.69
C ARG A 5 13.90 -0.19 6.05
N PRO A 6 13.05 -0.22 5.00
CA PRO A 6 12.67 -1.44 4.32
C PRO A 6 13.73 -1.92 3.33
N ASP A 7 13.42 -3.01 2.63
CA ASP A 7 14.33 -3.56 1.64
C ASP A 7 13.94 -3.08 0.25
N TRP A 8 14.14 -1.80 -0.01
CA TRP A 8 13.79 -1.21 -1.30
C TRP A 8 14.44 -1.97 -2.45
N ASN A 9 15.54 -2.66 -2.16
CA ASN A 9 16.23 -3.44 -3.18
C ASN A 9 15.40 -4.68 -3.49
N ARG A 10 14.70 -5.16 -2.48
CA ARG A 10 13.84 -6.34 -2.60
C ARG A 10 12.39 -5.94 -2.84
N LEU A 11 12.10 -4.66 -2.66
CA LEU A 11 10.75 -4.14 -2.83
C LEU A 11 10.57 -3.43 -4.17
N ARG A 12 11.68 -2.96 -4.72
CA ARG A 12 11.68 -2.24 -5.99
C ARG A 12 10.71 -2.88 -6.99
N GLY A 13 9.73 -2.10 -7.44
CA GLY A 13 8.75 -2.58 -8.39
C GLY A 13 7.34 -2.56 -7.82
N LEU A 14 7.25 -2.46 -6.49
CA LEU A 14 5.97 -2.43 -5.80
C LEU A 14 5.10 -1.29 -6.30
N ALA A 15 3.96 -1.63 -6.90
CA ALA A 15 3.03 -0.63 -7.40
C ALA A 15 1.70 -0.72 -6.67
N ARG A 16 1.52 -1.79 -5.91
CA ARG A 16 0.28 -1.98 -5.15
C ARG A 16 0.45 -3.03 -4.06
N GLY A 17 -0.55 -3.14 -3.19
CA GLY A 17 -0.48 -4.11 -2.10
C GLY A 17 -1.83 -4.73 -1.79
N ARG A 18 -1.79 -6.00 -1.35
CA ARG A 18 -3.00 -6.73 -0.99
C ARG A 18 -2.79 -7.43 0.34
N VAL A 19 -3.77 -7.30 1.22
CA VAL A 19 -3.69 -7.91 2.55
C VAL A 19 -4.44 -9.23 2.62
N GLU A 20 -3.70 -10.29 2.92
CA GLU A 20 -4.29 -11.63 3.04
C GLU A 20 -4.63 -11.92 4.49
N THR A 21 -5.78 -12.55 4.72
CA THR A 21 -6.20 -12.87 6.08
C THR A 21 -7.42 -13.78 6.10
N CYS A 22 -7.72 -14.31 7.28
CA CYS A 22 -8.85 -15.21 7.47
C CYS A 22 -10.04 -14.46 8.06
N GLY A 23 -10.93 -13.96 7.19
CA GLY A 23 -12.10 -13.24 7.65
C GLY A 23 -12.96 -14.08 8.58
N GLY A 24 -12.98 -15.39 8.34
CA GLY A 24 -13.77 -16.28 9.17
C GLY A 24 -13.17 -16.48 10.53
N CYS A 25 -11.87 -16.17 10.66
CA CYS A 25 -11.17 -16.31 11.92
C CYS A 25 -11.30 -15.06 12.77
N GLN A 26 -11.28 -13.90 12.10
CA GLN A 26 -11.40 -12.61 12.77
C GLN A 26 -10.23 -12.35 13.71
N LEU A 27 -9.87 -11.08 13.85
CA LEU A 27 -8.78 -10.68 14.73
C LEU A 27 -9.30 -10.18 16.07
N ASN A 28 -10.11 -11.03 16.72
CA ASN A 28 -10.69 -10.69 18.00
C ASN A 28 -9.63 -10.62 19.09
N ARG A 29 -8.41 -10.92 18.72
CA ARG A 29 -7.28 -10.91 19.65
C ARG A 29 -6.30 -9.80 19.30
N LEU A 30 -6.29 -9.40 18.03
CA LEU A 30 -5.39 -8.35 17.57
C LEU A 30 -6.18 -7.11 17.16
N LYS A 31 -6.91 -6.54 18.13
CA LYS A 31 -7.74 -5.35 17.91
C LYS A 31 -7.10 -4.42 16.88
N GLU A 32 -5.79 -4.24 17.00
CA GLU A 32 -5.08 -3.39 16.06
C GLU A 32 -5.29 -3.88 14.63
N VAL A 33 -4.70 -5.03 14.30
CA VAL A 33 -4.83 -5.63 12.97
C VAL A 33 -6.24 -5.46 12.42
N LYS A 34 -7.24 -6.03 13.10
CA LYS A 34 -8.63 -5.94 12.69
C LYS A 34 -8.97 -4.57 12.14
N ALA A 35 -8.60 -3.55 12.88
CA ALA A 35 -8.88 -2.19 12.48
C ALA A 35 -8.36 -1.93 11.07
N PHE A 36 -7.05 -1.99 10.91
CA PHE A 36 -6.40 -1.79 9.62
C PHE A 36 -7.11 -2.59 8.52
N VAL A 37 -7.56 -3.78 8.87
CA VAL A 37 -8.24 -4.65 7.91
C VAL A 37 -9.76 -4.57 8.06
N THR A 38 -10.28 -3.35 8.05
CA THR A 38 -11.71 -3.13 8.16
C THR A 38 -12.09 -1.76 7.60
N GLU A 39 -11.59 -0.72 8.24
CA GLU A 39 -11.86 0.65 7.82
C GLU A 39 -10.76 1.20 6.92
N ASP A 40 -9.54 1.25 7.44
CA ASP A 40 -8.39 1.78 6.72
C ASP A 40 -8.15 1.04 5.40
N ILE A 41 -8.28 -0.28 5.42
CA ILE A 41 -8.03 -1.09 4.22
C ILE A 41 -8.91 -0.67 3.04
N GLN A 42 -10.01 0.04 3.30
CA GLN A 42 -10.90 0.49 2.23
C GLN A 42 -10.56 1.93 1.85
N LEU A 43 -9.86 2.60 2.75
CA LEU A 43 -9.46 3.99 2.53
C LEU A 43 -8.07 4.06 1.93
N TYR A 44 -7.35 2.96 2.03
CA TYR A 44 -6.00 2.87 1.49
C TYR A 44 -6.04 2.46 0.02
N HIS A 45 -5.70 3.40 -0.87
CA HIS A 45 -5.71 3.15 -2.30
C HIS A 45 -4.72 2.05 -2.66
N ASN A 46 -5.04 1.29 -3.70
CA ASN A 46 -4.19 0.19 -4.17
C ASN A 46 -3.98 -0.83 -3.06
N LEU A 47 -4.83 -0.80 -2.05
CA LEU A 47 -4.73 -1.74 -0.93
C LEU A 47 -6.07 -2.41 -0.68
N VAL A 48 -6.22 -3.62 -1.19
CA VAL A 48 -7.46 -4.36 -1.05
C VAL A 48 -7.35 -5.53 -0.06
N MET A 49 -8.48 -5.90 0.54
CA MET A 49 -8.51 -6.99 1.50
C MET A 49 -8.74 -8.32 0.78
N LYS A 50 -8.13 -9.38 1.31
CA LYS A 50 -8.26 -10.71 0.74
C LYS A 50 -8.61 -11.73 1.82
N HIS A 51 -9.38 -12.75 1.43
CA HIS A 51 -9.79 -13.80 2.34
C HIS A 51 -9.25 -15.16 1.90
N LEU A 52 -8.29 -15.68 2.66
CA LEU A 52 -7.69 -16.97 2.35
C LEU A 52 -8.12 -18.02 3.37
N PRO A 53 -8.26 -19.29 2.94
CA PRO A 53 -8.67 -20.40 3.81
C PRO A 53 -7.79 -20.50 5.06
N GLY A 54 -8.20 -19.82 6.12
CA GLY A 54 -7.45 -19.86 7.37
C GLY A 54 -6.02 -19.39 7.22
N ALA A 55 -5.85 -18.13 6.85
CA ALA A 55 -4.53 -17.55 6.67
C ALA A 55 -4.26 -16.46 7.71
N ASP A 56 -3.03 -15.94 7.72
CA ASP A 56 -2.64 -14.90 8.66
C ASP A 56 -2.71 -13.52 8.01
N PRO A 57 -3.00 -12.47 8.80
CA PRO A 57 -3.09 -11.09 8.29
C PRO A 57 -1.73 -10.54 7.89
N GLU A 58 -1.32 -10.80 6.66
CA GLU A 58 -0.03 -10.32 6.15
C GLU A 58 -0.23 -9.49 4.88
N LEU A 59 0.55 -8.41 4.77
CA LEU A 59 0.49 -7.54 3.61
C LEU A 59 1.22 -8.18 2.43
N VAL A 60 0.77 -7.89 1.21
CA VAL A 60 1.40 -8.44 0.02
C VAL A 60 1.73 -7.35 -1.00
N LEU A 61 2.94 -6.82 -0.92
CA LEU A 61 3.36 -5.77 -1.83
C LEU A 61 3.63 -6.34 -3.21
N LEU A 62 2.63 -6.33 -4.06
CA LEU A 62 2.75 -6.85 -5.41
C LEU A 62 3.35 -5.83 -6.37
N SER A 63 3.58 -6.26 -7.62
CA SER A 63 4.14 -5.38 -8.64
C SER A 63 3.15 -5.21 -9.78
N ARG A 64 2.24 -4.27 -9.59
CA ARG A 64 1.19 -3.95 -10.56
C ARG A 64 0.42 -5.19 -11.01
N ASN A 65 1.05 -6.00 -11.86
CA ASN A 65 0.41 -7.22 -12.37
C ASN A 65 0.35 -8.33 -11.32
N TYR A 66 -0.08 -7.97 -10.11
CA TYR A 66 -0.22 -8.91 -9.00
C TYR A 66 1.02 -9.76 -8.84
N GLN A 67 2.15 -9.21 -9.24
CA GLN A 67 3.42 -9.90 -9.13
C GLN A 67 3.98 -9.78 -7.72
N GLU A 68 3.33 -10.47 -6.78
CA GLU A 68 3.73 -10.48 -5.38
C GLU A 68 5.25 -10.41 -5.23
N LEU A 69 5.73 -9.27 -4.72
CA LEU A 69 7.17 -9.06 -4.54
C LEU A 69 7.63 -9.43 -3.13
N GLU A 70 6.80 -9.10 -2.14
CA GLU A 70 7.16 -9.37 -0.74
C GLU A 70 5.91 -9.41 0.13
N ARG A 71 5.98 -10.22 1.18
CA ARG A 71 4.87 -10.36 2.12
C ARG A 71 5.37 -10.24 3.56
N ILE A 72 4.75 -9.35 4.32
CA ILE A 72 5.14 -9.11 5.71
C ILE A 72 3.92 -9.19 6.64
N PRO A 73 4.09 -9.79 7.85
CA PRO A 73 2.98 -9.92 8.78
C PRO A 73 2.61 -8.59 9.42
N LEU A 74 1.33 -8.45 9.75
CA LEU A 74 0.81 -7.23 10.35
C LEU A 74 0.33 -7.51 11.78
N SER A 75 0.32 -8.79 12.14
CA SER A 75 -0.11 -9.20 13.47
C SER A 75 0.87 -8.74 14.54
N GLN A 76 2.06 -8.32 14.12
CA GLN A 76 3.08 -7.87 15.05
C GLN A 76 2.84 -6.41 15.44
N MET A 77 2.91 -5.52 14.46
CA MET A 77 2.71 -4.10 14.70
C MET A 77 1.24 -3.78 14.95
N THR A 78 0.97 -2.55 15.41
CA THR A 78 -0.39 -2.11 15.68
C THR A 78 -0.93 -1.29 14.51
N ARG A 79 -2.25 -1.13 14.46
CA ARG A 79 -2.90 -0.39 13.39
C ARG A 79 -2.12 0.87 13.00
N ASP A 80 -1.59 1.56 14.00
CA ASP A 80 -0.83 2.79 13.78
C ASP A 80 0.52 2.52 13.12
N GLU A 81 1.28 1.58 13.67
CA GLU A 81 2.59 1.25 13.14
C GLU A 81 2.48 0.67 11.73
N ILE A 82 1.46 -0.16 11.52
CA ILE A 82 1.24 -0.78 10.22
C ILE A 82 0.93 0.27 9.16
N ASN A 83 0.31 1.38 9.58
CA ASN A 83 -0.04 2.46 8.66
C ASN A 83 1.21 3.21 8.25
N ALA A 84 2.16 3.28 9.18
CA ALA A 84 3.42 3.96 8.94
C ALA A 84 4.11 3.36 7.71
N LEU A 85 4.20 2.04 7.68
CA LEU A 85 4.81 1.33 6.57
C LEU A 85 4.11 1.62 5.25
N VAL A 86 2.78 1.42 5.23
CA VAL A 86 2.01 1.66 4.01
C VAL A 86 2.27 3.04 3.44
N GLN A 87 2.26 4.04 4.31
CA GLN A 87 2.49 5.42 3.90
C GLN A 87 3.92 5.60 3.41
N GLU A 88 4.84 4.93 4.09
CA GLU A 88 6.26 4.99 3.74
C GLU A 88 6.46 4.63 2.26
N LEU A 89 5.69 3.66 1.78
CA LEU A 89 5.79 3.22 0.40
C LEU A 89 5.27 4.29 -0.55
N GLY A 90 4.05 4.77 -0.27
CA GLY A 90 3.45 5.79 -1.10
C GLY A 90 1.93 5.68 -1.16
N PHE A 91 1.40 4.63 -0.55
CA PHE A 91 -0.05 4.41 -0.54
C PHE A 91 -0.78 5.64 -0.03
N TYR A 92 -2.00 5.85 -0.53
CA TYR A 92 -2.80 7.00 -0.11
C TYR A 92 -3.86 6.58 0.90
N ARG A 93 -4.24 7.53 1.75
CA ARG A 93 -5.27 7.27 2.76
C ARG A 93 -6.31 8.38 2.77
N LYS A 94 -7.57 8.00 2.64
CA LYS A 94 -8.67 8.98 2.63
C LYS A 94 -9.53 8.83 3.88
N SER A 95 -10.36 9.84 4.13
CA SER A 95 -11.24 9.83 5.29
C SER A 95 -12.52 9.08 4.97
N ALA A 96 -12.77 8.94 3.67
CA ALA A 96 -13.96 8.25 3.19
C ALA A 96 -13.77 7.81 1.74
N PRO A 97 -14.56 6.82 1.28
CA PRO A 97 -14.46 6.31 -0.08
C PRO A 97 -14.75 7.38 -1.12
N GLU A 98 -15.58 8.35 -0.75
CA GLU A 98 -15.93 9.44 -1.64
C GLU A 98 -15.12 10.69 -1.32
N ALA A 99 -14.08 10.53 -0.50
CA ALA A 99 -13.24 11.66 -0.12
C ALA A 99 -12.25 12.03 -1.22
N GLN A 100 -12.41 11.39 -2.38
CA GLN A 100 -11.54 11.64 -3.53
C GLN A 100 -10.06 11.55 -3.17
N VAL A 101 -9.21 11.82 -4.15
CA VAL A 101 -7.76 11.78 -3.95
C VAL A 101 -7.07 12.88 -4.78
N PRO A 102 -6.16 13.65 -4.15
CA PRO A 102 -5.42 14.72 -4.84
C PRO A 102 -4.64 14.21 -6.05
N PRO A 103 -4.32 15.09 -7.01
CA PRO A 103 -3.57 14.72 -8.22
C PRO A 103 -2.21 14.12 -7.90
N GLU A 104 -1.63 14.56 -6.78
CA GLU A 104 -0.31 14.08 -6.36
C GLU A 104 -0.35 12.57 -6.10
N TYR A 105 -1.38 12.13 -5.39
CA TYR A 105 -1.53 10.71 -5.05
C TYR A 105 -2.57 10.04 -5.95
N LEU A 106 -3.00 10.75 -6.99
CA LEU A 106 -3.99 10.20 -7.92
C LEU A 106 -3.48 8.93 -8.59
N TRP A 107 -2.17 8.79 -8.67
CA TRP A 107 -1.54 7.63 -9.30
C TRP A 107 -0.75 6.83 -8.28
N ALA A 108 -0.76 7.30 -7.03
CA ALA A 108 -0.05 6.63 -5.94
C ALA A 108 -0.36 5.12 -5.94
N PRO A 109 0.57 4.29 -5.39
CA PRO A 109 1.84 4.73 -4.82
C PRO A 109 2.84 5.19 -5.89
N ALA A 110 2.40 5.22 -7.14
CA ALA A 110 3.24 5.65 -8.25
C ALA A 110 3.19 7.16 -8.43
N LYS A 111 4.20 7.70 -9.09
CA LYS A 111 4.26 9.15 -9.33
C LYS A 111 3.47 9.53 -10.58
N PRO A 112 2.93 10.76 -10.61
CA PRO A 112 2.14 11.24 -11.76
C PRO A 112 3.00 11.38 -13.02
N PRO A 113 2.37 11.33 -14.21
CA PRO A 113 3.07 11.46 -15.49
C PRO A 113 3.99 12.68 -15.55
N GLU A 114 3.38 13.85 -15.63
CA GLU A 114 4.12 15.10 -15.71
C GLU A 114 5.05 15.27 -14.51
N GLU A 115 4.46 15.48 -13.35
CA GLU A 115 5.22 15.67 -12.12
C GLU A 115 6.17 14.50 -11.88
N ALA A 116 7.43 14.70 -12.26
CA ALA A 116 8.45 13.67 -12.10
C ALA A 116 9.69 14.24 -11.40
N SER A 117 9.49 14.72 -10.18
CA SER A 117 10.58 15.30 -9.40
C SER A 117 11.69 14.28 -9.17
N GLU A 118 12.92 14.78 -9.03
CA GLU A 118 14.07 13.91 -8.80
C GLU A 118 14.46 13.90 -7.32
N HIS A 119 14.24 12.76 -6.68
CA HIS A 119 14.55 12.61 -5.26
C HIS A 119 16.05 12.81 -5.01
N ASP A 120 16.37 13.74 -4.11
CA ASP A 120 17.76 14.03 -3.77
C ASP A 120 17.87 14.47 -2.32
N ASP A 121 19.10 14.50 -1.81
CA ASP A 121 19.36 14.90 -0.42
C ASP A 121 18.71 13.92 0.55
N LEU A 122 19.54 13.13 1.22
CA LEU A 122 19.07 12.15 2.19
C LEU A 122 18.35 12.83 3.35
N GLU A 123 19.11 13.52 4.19
CA GLU A 123 18.55 14.23 5.34
C GLU A 123 19.58 15.14 5.98
N HIS A 124 20.86 14.79 5.83
CA HIS A 124 21.94 15.59 6.40
C HIS A 124 23.24 15.35 5.64
N HIS A 125 23.31 14.25 4.90
CA HIS A 125 24.49 13.92 4.11
C HIS A 125 25.73 13.85 4.99
N HIS A 126 25.95 12.68 5.60
CA HIS A 126 27.11 12.48 6.47
C HIS A 126 27.23 11.01 6.86
N HIS A 127 26.20 10.49 7.52
CA HIS A 127 26.19 9.09 7.95
C HIS A 127 25.35 8.24 7.01
N HIS A 128 25.98 7.24 6.41
CA HIS A 128 25.30 6.34 5.48
C HIS A 128 25.77 4.90 5.67
N HIS A 129 26.69 4.71 6.62
CA HIS A 129 27.23 3.39 6.90
C HIS A 129 26.23 2.55 7.71
N MET A 1 19.22 9.98 13.43
CA MET A 1 17.75 9.92 13.58
C MET A 1 17.19 8.63 12.96
N THR A 2 17.24 7.55 13.73
CA THR A 2 16.74 6.26 13.26
C THR A 2 15.24 6.30 13.03
N ASN A 3 14.78 5.57 12.00
CA ASN A 3 13.36 5.52 11.68
C ASN A 3 13.05 4.24 10.90
N TYR A 4 13.93 3.26 10.99
CA TYR A 4 13.76 1.98 10.31
C TYR A 4 13.78 2.16 8.79
N ARG A 5 14.22 1.11 8.09
CA ARG A 5 14.29 1.13 6.64
C ARG A 5 13.77 -0.18 6.06
N PRO A 6 12.90 -0.11 5.03
CA PRO A 6 12.32 -1.29 4.37
C PRO A 6 13.28 -1.92 3.38
N ASP A 7 12.81 -2.97 2.69
CA ASP A 7 13.61 -3.65 1.69
C ASP A 7 13.36 -3.06 0.32
N TRP A 8 13.82 -1.83 0.12
CA TRP A 8 13.64 -1.14 -1.16
C TRP A 8 14.27 -1.92 -2.31
N ASN A 9 15.30 -2.70 -2.01
CA ASN A 9 15.97 -3.50 -3.04
C ASN A 9 15.06 -4.67 -3.41
N ARG A 10 13.92 -4.74 -2.73
CA ARG A 10 12.92 -5.77 -2.94
C ARG A 10 11.55 -5.15 -3.17
N LEU A 11 11.44 -3.88 -2.79
CA LEU A 11 10.18 -3.14 -2.91
C LEU A 11 10.21 -2.15 -4.07
N ARG A 12 11.37 -1.99 -4.66
CA ARG A 12 11.55 -1.07 -5.79
C ARG A 12 10.53 -1.30 -6.91
N GLY A 13 9.89 -2.47 -6.90
CA GLY A 13 8.90 -2.78 -7.93
C GLY A 13 7.47 -2.74 -7.42
N LEU A 14 7.33 -2.58 -6.11
CA LEU A 14 6.02 -2.53 -5.47
C LEU A 14 5.15 -1.43 -6.09
N ALA A 15 4.05 -1.82 -6.72
CA ALA A 15 3.13 -0.86 -7.32
C ALA A 15 1.78 -0.89 -6.61
N ARG A 16 1.55 -1.94 -5.83
CA ARG A 16 0.30 -2.09 -5.08
C ARG A 16 0.45 -3.11 -3.96
N GLY A 17 -0.60 -3.23 -3.14
CA GLY A 17 -0.56 -4.18 -2.04
C GLY A 17 -1.91 -4.80 -1.73
N ARG A 18 -1.88 -6.05 -1.29
CA ARG A 18 -3.09 -6.77 -0.94
C ARG A 18 -2.88 -7.53 0.36
N VAL A 19 -3.86 -7.45 1.24
CA VAL A 19 -3.78 -8.12 2.54
C VAL A 19 -4.55 -9.42 2.57
N GLU A 20 -3.84 -10.51 2.86
CA GLU A 20 -4.46 -11.83 2.94
C GLU A 20 -4.79 -12.16 4.40
N THR A 21 -6.02 -12.59 4.64
CA THR A 21 -6.44 -12.93 6.00
C THR A 21 -7.80 -13.63 6.01
N CYS A 22 -8.08 -14.33 7.11
CA CYS A 22 -9.34 -15.03 7.25
C CYS A 22 -10.40 -14.14 7.89
N GLY A 23 -11.66 -14.50 7.72
CA GLY A 23 -12.75 -13.71 8.27
C GLY A 23 -13.33 -14.33 9.53
N GLY A 24 -13.88 -15.53 9.39
CA GLY A 24 -14.46 -16.21 10.53
C GLY A 24 -13.42 -16.93 11.38
N CYS A 25 -12.36 -16.22 11.73
CA CYS A 25 -11.29 -16.80 12.53
C CYS A 25 -11.00 -15.94 13.76
N GLN A 26 -9.98 -16.31 14.51
CA GLN A 26 -9.59 -15.58 15.71
C GLN A 26 -8.73 -14.36 15.35
N LEU A 27 -9.37 -13.20 15.27
CA LEU A 27 -8.68 -11.97 14.93
C LEU A 27 -8.94 -10.89 15.99
N ASN A 28 -9.94 -11.14 16.82
CA ASN A 28 -10.30 -10.20 17.89
C ASN A 28 -9.07 -9.83 18.71
N ARG A 29 -8.32 -10.85 19.10
CA ARG A 29 -7.10 -10.67 19.88
C ARG A 29 -6.19 -9.62 19.27
N LEU A 30 -6.19 -9.52 17.95
CA LEU A 30 -5.35 -8.56 17.25
C LEU A 30 -6.14 -7.31 16.88
N LYS A 31 -6.84 -6.75 17.87
CA LYS A 31 -7.66 -5.55 17.66
C LYS A 31 -7.06 -4.62 16.62
N GLU A 32 -5.75 -4.43 16.69
CA GLU A 32 -5.06 -3.58 15.73
C GLU A 32 -5.28 -4.11 14.32
N VAL A 33 -4.68 -5.27 14.03
CA VAL A 33 -4.81 -5.91 12.72
C VAL A 33 -6.22 -5.76 12.16
N LYS A 34 -7.22 -6.31 12.86
CA LYS A 34 -8.60 -6.23 12.40
C LYS A 34 -8.97 -4.82 11.97
N ALA A 35 -8.46 -3.82 12.70
CA ALA A 35 -8.74 -2.43 12.37
C ALA A 35 -8.25 -2.11 10.97
N PHE A 36 -6.93 -2.15 10.79
CA PHE A 36 -6.31 -1.88 9.48
C PHE A 36 -7.02 -2.63 8.36
N VAL A 37 -7.44 -3.85 8.64
CA VAL A 37 -8.10 -4.69 7.64
C VAL A 37 -9.52 -4.24 7.31
N THR A 38 -10.24 -3.66 8.26
CA THR A 38 -11.61 -3.23 8.00
C THR A 38 -11.70 -1.75 7.62
N GLU A 39 -11.09 -0.90 8.43
CA GLU A 39 -11.13 0.54 8.21
C GLU A 39 -10.08 1.04 7.22
N ASP A 40 -8.83 1.10 7.68
CA ASP A 40 -7.72 1.60 6.89
C ASP A 40 -7.62 0.97 5.49
N ILE A 41 -7.84 -0.33 5.40
CA ILE A 41 -7.71 -1.02 4.11
C ILE A 41 -8.67 -0.49 3.04
N GLN A 42 -9.80 0.08 3.47
CA GLN A 42 -10.78 0.60 2.52
C GLN A 42 -10.44 2.05 2.16
N LEU A 43 -9.62 2.66 3.01
CA LEU A 43 -9.21 4.05 2.82
C LEU A 43 -7.88 4.13 2.07
N TYR A 44 -7.12 3.05 2.11
CA TYR A 44 -5.83 3.00 1.44
C TYR A 44 -5.97 2.54 -0.01
N HIS A 45 -5.66 3.44 -0.94
CA HIS A 45 -5.74 3.13 -2.37
C HIS A 45 -4.77 2.01 -2.72
N ASN A 46 -5.09 1.28 -3.79
CA ASN A 46 -4.25 0.17 -4.25
C ASN A 46 -4.06 -0.85 -3.14
N LEU A 47 -4.93 -0.81 -2.14
CA LEU A 47 -4.86 -1.75 -1.01
C LEU A 47 -6.18 -2.47 -0.83
N VAL A 48 -6.27 -3.68 -1.34
CA VAL A 48 -7.49 -4.48 -1.24
C VAL A 48 -7.35 -5.60 -0.21
N MET A 49 -8.47 -5.94 0.42
CA MET A 49 -8.49 -7.01 1.41
C MET A 49 -8.84 -8.34 0.78
N LYS A 50 -8.28 -9.41 1.33
CA LYS A 50 -8.52 -10.76 0.82
C LYS A 50 -9.00 -11.69 1.93
N HIS A 51 -9.85 -12.64 1.56
CA HIS A 51 -10.39 -13.60 2.50
C HIS A 51 -9.96 -15.03 2.15
N LEU A 52 -8.94 -15.52 2.83
CA LEU A 52 -8.43 -16.86 2.59
C LEU A 52 -8.85 -17.82 3.70
N PRO A 53 -9.20 -19.06 3.35
CA PRO A 53 -9.62 -20.09 4.31
C PRO A 53 -8.60 -20.30 5.43
N GLY A 54 -8.86 -19.69 6.58
CA GLY A 54 -7.96 -19.83 7.72
C GLY A 54 -6.52 -19.47 7.37
N ALA A 55 -6.27 -18.19 7.11
CA ALA A 55 -4.93 -17.73 6.77
C ALA A 55 -4.45 -16.66 7.75
N ASP A 56 -3.19 -16.27 7.61
CA ASP A 56 -2.61 -15.27 8.49
C ASP A 56 -2.70 -13.88 7.86
N PRO A 57 -2.94 -12.84 8.69
CA PRO A 57 -3.07 -11.46 8.20
C PRO A 57 -1.72 -10.84 7.86
N GLU A 58 -1.33 -10.95 6.59
CA GLU A 58 -0.06 -10.40 6.14
C GLU A 58 -0.27 -9.56 4.87
N LEU A 59 0.50 -8.49 4.76
CA LEU A 59 0.40 -7.62 3.59
C LEU A 59 1.15 -8.24 2.41
N VAL A 60 0.68 -7.95 1.20
CA VAL A 60 1.32 -8.50 0.01
C VAL A 60 1.61 -7.40 -1.01
N LEU A 61 2.80 -6.80 -0.93
CA LEU A 61 3.19 -5.76 -1.85
C LEU A 61 3.49 -6.35 -3.22
N LEU A 62 2.49 -6.40 -4.08
CA LEU A 62 2.63 -6.97 -5.42
C LEU A 62 3.22 -5.97 -6.41
N SER A 63 3.38 -6.42 -7.65
CA SER A 63 3.92 -5.56 -8.71
C SER A 63 2.87 -5.37 -9.81
N ARG A 64 1.94 -4.45 -9.56
CA ARG A 64 0.87 -4.12 -10.50
C ARG A 64 0.08 -5.36 -10.95
N ASN A 65 0.67 -6.16 -11.84
CA ASN A 65 0.03 -7.36 -12.36
C ASN A 65 -0.14 -8.44 -11.31
N TYR A 66 -0.21 -8.04 -10.04
CA TYR A 66 -0.40 -8.98 -8.93
C TYR A 66 0.83 -9.87 -8.76
N GLN A 67 1.99 -9.37 -9.15
CA GLN A 67 3.22 -10.13 -9.00
C GLN A 67 3.80 -9.94 -7.61
N GLU A 68 3.17 -10.61 -6.63
CA GLU A 68 3.60 -10.55 -5.24
C GLU A 68 5.12 -10.48 -5.12
N LEU A 69 5.63 -9.33 -4.70
CA LEU A 69 7.07 -9.12 -4.56
C LEU A 69 7.55 -9.37 -3.14
N GLU A 70 6.75 -8.95 -2.16
CA GLU A 70 7.12 -9.11 -0.77
C GLU A 70 5.88 -9.16 0.13
N ARG A 71 5.98 -9.95 1.19
CA ARG A 71 4.89 -10.09 2.14
C ARG A 71 5.39 -9.90 3.56
N ILE A 72 4.76 -8.99 4.30
CA ILE A 72 5.17 -8.70 5.68
C ILE A 72 4.00 -8.88 6.64
N PRO A 73 4.24 -9.51 7.81
CA PRO A 73 3.20 -9.74 8.80
C PRO A 73 2.65 -8.43 9.38
N LEU A 74 1.40 -8.46 9.83
CA LEU A 74 0.76 -7.29 10.39
C LEU A 74 0.35 -7.56 11.84
N SER A 75 0.42 -8.82 12.24
CA SER A 75 0.05 -9.22 13.60
C SER A 75 1.23 -9.06 14.56
N GLN A 76 1.92 -7.93 14.45
CA GLN A 76 3.08 -7.66 15.30
C GLN A 76 2.98 -6.27 15.92
N MET A 77 2.93 -5.26 15.06
CA MET A 77 2.84 -3.88 15.52
C MET A 77 1.37 -3.48 15.72
N THR A 78 1.15 -2.19 15.98
CA THR A 78 -0.21 -1.69 16.17
C THR A 78 -0.75 -1.06 14.89
N ARG A 79 -2.07 -0.95 14.80
CA ARG A 79 -2.70 -0.38 13.60
C ARG A 79 -1.99 0.89 13.13
N ASP A 80 -1.65 1.76 14.08
CA ASP A 80 -0.98 3.01 13.76
C ASP A 80 0.39 2.77 13.13
N GLU A 81 1.15 1.85 13.71
CA GLU A 81 2.49 1.54 13.21
C GLU A 81 2.42 0.95 11.81
N ILE A 82 1.45 0.07 11.59
CA ILE A 82 1.28 -0.55 10.29
C ILE A 82 0.91 0.48 9.23
N ASN A 83 0.30 1.58 9.65
CA ASN A 83 -0.10 2.64 8.74
C ASN A 83 1.13 3.44 8.31
N ALA A 84 2.07 3.58 9.23
CA ALA A 84 3.30 4.30 8.97
C ALA A 84 4.02 3.70 7.77
N LEU A 85 4.15 2.38 7.79
CA LEU A 85 4.82 1.65 6.72
C LEU A 85 4.15 1.93 5.37
N VAL A 86 2.83 1.73 5.31
CA VAL A 86 2.08 1.95 4.08
C VAL A 86 2.35 3.34 3.52
N GLN A 87 2.33 4.34 4.40
CA GLN A 87 2.57 5.72 4.00
C GLN A 87 4.00 5.87 3.51
N GLU A 88 4.90 5.17 4.16
CA GLU A 88 6.32 5.19 3.81
C GLU A 88 6.51 4.73 2.37
N LEU A 89 5.71 3.74 1.96
CA LEU A 89 5.79 3.21 0.62
C LEU A 89 5.33 4.23 -0.41
N GLY A 90 4.12 4.74 -0.23
CA GLY A 90 3.57 5.72 -1.15
C GLY A 90 2.06 5.64 -1.27
N PHE A 91 1.47 4.65 -0.60
CA PHE A 91 0.02 4.48 -0.64
C PHE A 91 -0.70 5.76 -0.20
N TYR A 92 -1.93 5.93 -0.68
CA TYR A 92 -2.72 7.10 -0.34
C TYR A 92 -3.81 6.76 0.68
N ARG A 93 -4.08 7.71 1.57
CA ARG A 93 -5.10 7.51 2.60
C ARG A 93 -6.18 8.57 2.48
N LYS A 94 -7.44 8.13 2.45
CA LYS A 94 -8.57 9.05 2.34
C LYS A 94 -9.52 8.87 3.51
N SER A 95 -10.62 9.62 3.49
CA SER A 95 -11.62 9.55 4.55
C SER A 95 -12.72 8.56 4.18
N ALA A 96 -12.89 8.35 2.89
CA ALA A 96 -13.91 7.43 2.38
C ALA A 96 -13.43 6.72 1.12
N PRO A 97 -14.00 5.55 0.80
CA PRO A 97 -13.63 4.77 -0.38
C PRO A 97 -14.00 5.48 -1.67
N GLU A 98 -15.10 6.24 -1.63
CA GLU A 98 -15.57 6.97 -2.80
C GLU A 98 -14.75 8.23 -3.02
N ALA A 99 -13.86 8.54 -2.09
CA ALA A 99 -13.01 9.72 -2.18
C ALA A 99 -11.95 9.54 -3.25
N GLN A 100 -11.81 10.54 -4.12
CA GLN A 100 -10.82 10.50 -5.20
C GLN A 100 -9.42 10.73 -4.66
N VAL A 101 -8.45 10.83 -5.57
CA VAL A 101 -7.06 11.05 -5.19
C VAL A 101 -6.44 12.17 -6.02
N PRO A 102 -5.80 13.16 -5.37
CA PRO A 102 -5.16 14.29 -6.07
C PRO A 102 -4.10 13.81 -7.08
N PRO A 103 -3.72 14.69 -8.03
CA PRO A 103 -2.73 14.35 -9.06
C PRO A 103 -1.42 13.83 -8.48
N GLU A 104 -1.03 14.39 -7.34
CA GLU A 104 0.21 13.99 -6.67
C GLU A 104 0.26 12.49 -6.44
N TYR A 105 -0.81 11.95 -5.85
CA TYR A 105 -0.88 10.52 -5.56
C TYR A 105 -1.83 9.82 -6.52
N LEU A 106 -2.05 10.43 -7.69
CA LEU A 106 -2.94 9.87 -8.70
C LEU A 106 -2.46 8.48 -9.16
N TRP A 107 -1.15 8.28 -9.14
CA TRP A 107 -0.56 7.01 -9.57
C TRP A 107 0.03 6.27 -8.37
N ALA A 108 -0.02 6.90 -7.21
CA ALA A 108 0.51 6.30 -5.99
C ALA A 108 0.05 4.85 -5.81
N PRO A 109 0.86 4.00 -5.16
CA PRO A 109 2.17 4.38 -4.59
C PRO A 109 3.23 4.60 -5.67
N ALA A 110 2.86 4.34 -6.93
CA ALA A 110 3.78 4.52 -8.05
C ALA A 110 3.96 6.00 -8.38
N LYS A 111 5.20 6.46 -8.34
CA LYS A 111 5.51 7.86 -8.62
C LYS A 111 5.11 8.21 -10.06
N PRO A 112 4.61 9.45 -10.28
CA PRO A 112 4.20 9.91 -11.60
C PRO A 112 5.39 10.08 -12.54
N PRO A 113 5.17 9.93 -13.87
CA PRO A 113 6.22 10.06 -14.87
C PRO A 113 6.84 11.47 -14.88
N GLU A 114 8.02 11.58 -15.47
CA GLU A 114 8.72 12.86 -15.54
C GLU A 114 7.84 13.93 -16.16
N GLU A 115 7.67 13.84 -17.48
CA GLU A 115 6.85 14.81 -18.21
C GLU A 115 5.42 14.81 -17.69
N ALA A 116 5.11 15.78 -16.84
CA ALA A 116 3.77 15.90 -16.27
C ALA A 116 3.49 17.33 -15.80
N SER A 117 4.50 17.96 -15.24
CA SER A 117 4.36 19.33 -14.74
C SER A 117 5.73 19.98 -14.50
N GLU A 118 6.78 19.31 -14.96
CA GLU A 118 8.14 19.81 -14.80
C GLU A 118 8.53 20.72 -15.97
N HIS A 119 7.57 20.95 -16.87
CA HIS A 119 7.79 21.80 -18.03
C HIS A 119 8.95 21.27 -18.90
N ASP A 120 10.17 21.70 -18.59
CA ASP A 120 11.35 21.26 -19.33
C ASP A 120 11.20 21.54 -20.82
N ASP A 121 11.56 22.75 -21.23
CA ASP A 121 11.47 23.14 -22.64
C ASP A 121 12.83 23.48 -23.21
N LEU A 122 13.84 23.54 -22.35
CA LEU A 122 15.20 23.86 -22.77
C LEU A 122 16.22 23.16 -21.88
N GLU A 123 15.96 21.88 -21.57
CA GLU A 123 16.84 21.07 -20.73
C GLU A 123 17.35 21.86 -19.52
N HIS A 124 18.45 21.40 -18.94
CA HIS A 124 19.05 22.06 -17.79
C HIS A 124 20.05 23.13 -18.22
N HIS A 125 19.55 24.19 -18.84
CA HIS A 125 20.39 25.28 -19.30
C HIS A 125 20.95 26.09 -18.13
N HIS A 126 22.10 26.71 -18.35
CA HIS A 126 22.74 27.51 -17.32
C HIS A 126 22.19 28.94 -17.30
N HIS A 127 22.13 29.53 -16.12
CA HIS A 127 21.61 30.88 -15.97
C HIS A 127 22.74 31.91 -16.08
N HIS A 128 22.61 32.84 -17.01
CA HIS A 128 23.60 33.88 -17.21
C HIS A 128 22.95 35.26 -17.29
N HIS A 129 23.78 36.30 -17.37
CA HIS A 129 23.28 37.67 -17.45
C HIS A 129 24.22 38.54 -18.26
N MET A 1 19.10 5.96 15.76
CA MET A 1 19.17 7.13 14.86
C MET A 1 18.96 6.72 13.40
N THR A 2 18.13 5.70 13.19
CA THR A 2 17.85 5.21 11.86
C THR A 2 16.35 5.23 11.56
N ASN A 3 15.55 5.18 12.63
CA ASN A 3 14.09 5.20 12.50
C ASN A 3 13.59 4.03 11.67
N TYR A 4 14.33 2.92 11.70
CA TYR A 4 13.96 1.72 10.95
C TYR A 4 13.98 1.97 9.45
N ARG A 5 14.26 0.93 8.69
CA ARG A 5 14.30 1.02 7.23
C ARG A 5 13.84 -0.30 6.60
N PRO A 6 12.99 -0.23 5.57
CA PRO A 6 12.47 -1.40 4.87
C PRO A 6 13.50 -2.00 3.92
N ASP A 7 13.09 -3.05 3.19
CA ASP A 7 13.97 -3.69 2.24
C ASP A 7 13.64 -3.20 0.83
N TRP A 8 13.97 -1.94 0.57
CA TRP A 8 13.71 -1.34 -0.73
C TRP A 8 14.35 -2.13 -1.87
N ASN A 9 15.46 -2.81 -1.57
CA ASN A 9 16.13 -3.62 -2.58
C ASN A 9 15.33 -4.87 -2.87
N ARG A 10 14.41 -5.18 -1.96
CA ARG A 10 13.55 -6.35 -2.09
C ARG A 10 12.10 -5.92 -2.36
N LEU A 11 11.83 -4.63 -2.15
CA LEU A 11 10.51 -4.07 -2.35
C LEU A 11 10.40 -3.38 -3.71
N ARG A 12 11.55 -3.02 -4.27
CA ARG A 12 11.60 -2.34 -5.57
C ARG A 12 10.64 -2.98 -6.57
N GLY A 13 9.78 -2.14 -7.16
CA GLY A 13 8.82 -2.62 -8.12
C GLY A 13 7.41 -2.63 -7.59
N LEU A 14 7.29 -2.55 -6.26
CA LEU A 14 5.99 -2.55 -5.61
C LEU A 14 5.11 -1.43 -6.14
N ALA A 15 4.04 -1.80 -6.85
CA ALA A 15 3.10 -0.82 -7.40
C ALA A 15 1.74 -0.95 -6.74
N ARG A 16 1.54 -2.02 -5.98
CA ARG A 16 0.26 -2.26 -5.30
C ARG A 16 0.44 -3.20 -4.12
N GLY A 17 -0.55 -3.22 -3.22
CA GLY A 17 -0.48 -4.08 -2.06
C GLY A 17 -1.82 -4.70 -1.69
N ARG A 18 -1.79 -5.93 -1.19
CA ARG A 18 -3.00 -6.64 -0.80
C ARG A 18 -2.79 -7.37 0.52
N VAL A 19 -3.76 -7.26 1.41
CA VAL A 19 -3.67 -7.89 2.72
C VAL A 19 -4.43 -9.21 2.74
N GLU A 20 -3.69 -10.30 3.00
CA GLU A 20 -4.29 -11.62 3.04
C GLU A 20 -4.60 -12.02 4.48
N THR A 21 -5.86 -12.41 4.72
CA THR A 21 -6.29 -12.81 6.05
C THR A 21 -7.57 -13.62 6.01
N CYS A 22 -7.76 -14.48 7.01
CA CYS A 22 -8.96 -15.31 7.08
C CYS A 22 -10.19 -14.47 7.35
N GLY A 23 -10.05 -13.49 8.23
CA GLY A 23 -11.16 -12.61 8.55
C GLY A 23 -12.16 -13.24 9.50
N GLY A 24 -11.98 -14.54 9.78
CA GLY A 24 -12.89 -15.22 10.68
C GLY A 24 -12.22 -16.36 11.45
N CYS A 25 -10.92 -16.51 11.26
CA CYS A 25 -10.17 -17.55 11.94
C CYS A 25 -9.59 -17.05 13.26
N GLN A 26 -8.49 -16.30 13.18
CA GLN A 26 -7.84 -15.77 14.36
C GLN A 26 -7.48 -14.30 14.17
N LEU A 27 -8.46 -13.42 14.41
CA LEU A 27 -8.25 -11.99 14.27
C LEU A 27 -8.85 -11.24 15.46
N ASN A 28 -9.70 -11.94 16.21
CA ASN A 28 -10.34 -11.36 17.38
C ASN A 28 -9.31 -11.15 18.50
N ARG A 29 -8.08 -11.55 18.21
CA ARG A 29 -6.98 -11.43 19.15
C ARG A 29 -6.07 -10.27 18.77
N LEU A 30 -6.06 -9.95 17.48
CA LEU A 30 -5.24 -8.85 16.97
C LEU A 30 -6.11 -7.63 16.70
N LYS A 31 -6.90 -7.25 17.70
CA LYS A 31 -7.81 -6.10 17.61
C LYS A 31 -7.23 -4.99 16.76
N GLU A 32 -5.94 -4.71 16.94
CA GLU A 32 -5.29 -3.68 16.16
C GLU A 32 -5.38 -4.04 14.67
N VAL A 33 -4.68 -5.11 14.29
CA VAL A 33 -4.71 -5.58 12.91
C VAL A 33 -6.10 -5.49 12.29
N LYS A 34 -7.09 -6.14 12.92
CA LYS A 34 -8.46 -6.12 12.42
C LYS A 34 -8.90 -4.72 12.03
N ALA A 35 -8.52 -3.73 12.83
CA ALA A 35 -8.89 -2.34 12.54
C ALA A 35 -8.39 -1.95 11.16
N PHE A 36 -7.06 -1.94 11.00
CA PHE A 36 -6.44 -1.60 9.72
C PHE A 36 -7.13 -2.31 8.56
N VAL A 37 -7.51 -3.56 8.79
CA VAL A 37 -8.17 -4.36 7.77
C VAL A 37 -9.68 -4.27 7.88
N THR A 38 -10.19 -3.04 7.90
CA THR A 38 -11.62 -2.80 8.00
C THR A 38 -11.97 -1.39 7.56
N GLU A 39 -11.46 -0.40 8.29
CA GLU A 39 -11.72 1.00 7.98
C GLU A 39 -10.67 1.58 7.03
N ASP A 40 -9.41 1.51 7.44
CA ASP A 40 -8.31 2.07 6.64
C ASP A 40 -8.10 1.32 5.33
N ILE A 41 -8.14 -0.01 5.38
CA ILE A 41 -7.90 -0.83 4.20
C ILE A 41 -8.85 -0.48 3.03
N GLN A 42 -9.94 0.22 3.31
CA GLN A 42 -10.89 0.59 2.26
C GLN A 42 -10.58 1.97 1.71
N LEU A 43 -9.86 2.75 2.51
CA LEU A 43 -9.50 4.11 2.13
C LEU A 43 -8.15 4.15 1.43
N TYR A 44 -7.30 3.16 1.71
CA TYR A 44 -5.99 3.08 1.10
C TYR A 44 -6.06 2.57 -0.33
N HIS A 45 -5.65 3.41 -1.28
CA HIS A 45 -5.66 3.05 -2.69
C HIS A 45 -4.72 1.88 -2.98
N ASN A 46 -5.09 1.07 -3.97
CA ASN A 46 -4.31 -0.09 -4.35
C ASN A 46 -4.02 -1.00 -3.17
N LEU A 47 -4.85 -0.87 -2.14
CA LEU A 47 -4.71 -1.69 -0.94
C LEU A 47 -6.04 -2.37 -0.62
N VAL A 48 -6.19 -3.57 -1.12
CA VAL A 48 -7.43 -4.33 -0.94
C VAL A 48 -7.29 -5.43 0.10
N MET A 49 -8.42 -5.77 0.73
CA MET A 49 -8.44 -6.84 1.72
C MET A 49 -8.73 -8.17 1.06
N LYS A 50 -8.18 -9.24 1.63
CA LYS A 50 -8.37 -10.57 1.09
C LYS A 50 -8.91 -11.52 2.16
N HIS A 51 -9.85 -12.38 1.76
CA HIS A 51 -10.47 -13.33 2.69
C HIS A 51 -10.08 -14.77 2.34
N LEU A 52 -8.93 -15.21 2.87
CA LEU A 52 -8.45 -16.57 2.62
C LEU A 52 -9.16 -17.56 3.53
N PRO A 53 -9.17 -18.85 3.15
CA PRO A 53 -9.81 -19.89 3.96
C PRO A 53 -9.37 -19.84 5.41
N GLY A 54 -8.06 -19.80 5.62
CA GLY A 54 -7.50 -19.75 6.96
C GLY A 54 -6.02 -19.44 6.96
N ALA A 55 -5.69 -18.16 6.98
CA ALA A 55 -4.29 -17.72 6.97
C ALA A 55 -4.06 -16.58 7.95
N ASP A 56 -2.83 -16.08 8.00
CA ASP A 56 -2.47 -14.98 8.89
C ASP A 56 -2.56 -13.64 8.16
N PRO A 57 -2.88 -12.56 8.89
CA PRO A 57 -2.99 -11.21 8.30
C PRO A 57 -1.64 -10.63 7.90
N GLU A 58 -1.23 -10.90 6.66
CA GLU A 58 0.04 -10.40 6.15
C GLU A 58 -0.16 -9.59 4.87
N LEU A 59 0.54 -8.46 4.78
CA LEU A 59 0.46 -7.59 3.61
C LEU A 59 1.19 -8.22 2.43
N VAL A 60 0.73 -7.94 1.22
CA VAL A 60 1.35 -8.48 0.02
C VAL A 60 1.67 -7.39 -0.98
N LEU A 61 2.89 -6.85 -0.91
CA LEU A 61 3.31 -5.81 -1.82
C LEU A 61 3.62 -6.40 -3.19
N LEU A 62 2.63 -6.42 -4.07
CA LEU A 62 2.80 -6.97 -5.41
C LEU A 62 3.39 -5.92 -6.35
N SER A 63 3.56 -6.30 -7.62
CA SER A 63 4.10 -5.39 -8.63
C SER A 63 3.08 -5.25 -9.76
N ARG A 64 2.05 -4.45 -9.50
CA ARG A 64 0.98 -4.25 -10.47
C ARG A 64 0.29 -5.58 -10.77
N ASN A 65 -1.02 -5.53 -10.99
CA ASN A 65 -1.79 -6.73 -11.28
C ASN A 65 -1.77 -7.69 -10.09
N TYR A 66 -0.69 -8.46 -9.95
CA TYR A 66 -0.57 -9.41 -8.86
C TYR A 66 0.82 -10.07 -8.80
N GLN A 67 1.87 -9.35 -9.20
CA GLN A 67 3.23 -9.90 -9.15
C GLN A 67 3.80 -9.84 -7.74
N GLU A 68 3.17 -10.57 -6.83
CA GLU A 68 3.60 -10.63 -5.43
C GLU A 68 5.12 -10.56 -5.29
N LEU A 69 5.60 -9.45 -4.75
CA LEU A 69 7.04 -9.23 -4.56
C LEU A 69 7.50 -9.60 -3.16
N GLU A 70 6.68 -9.27 -2.16
CA GLU A 70 7.02 -9.52 -0.77
C GLU A 70 5.79 -9.54 0.12
N ARG A 71 5.88 -10.29 1.20
CA ARG A 71 4.80 -10.40 2.16
C ARG A 71 5.34 -10.23 3.58
N ILE A 72 4.75 -9.29 4.33
CA ILE A 72 5.20 -9.01 5.68
C ILE A 72 4.04 -9.15 6.68
N PRO A 73 4.30 -9.78 7.85
CA PRO A 73 3.27 -9.97 8.86
C PRO A 73 2.83 -8.65 9.49
N LEU A 74 1.52 -8.50 9.67
CA LEU A 74 0.96 -7.29 10.26
C LEU A 74 0.52 -7.54 11.69
N SER A 75 0.50 -8.82 12.07
CA SER A 75 0.10 -9.22 13.43
C SER A 75 1.10 -8.72 14.47
N GLN A 76 2.38 -8.78 14.11
CA GLN A 76 3.45 -8.35 15.02
C GLN A 76 3.36 -6.86 15.30
N MET A 77 2.91 -6.09 14.30
CA MET A 77 2.77 -4.65 14.43
C MET A 77 1.33 -4.26 14.74
N THR A 78 1.15 -3.03 15.23
CA THR A 78 -0.18 -2.52 15.57
C THR A 78 -0.69 -1.62 14.45
N ARG A 79 -2.00 -1.41 14.40
CA ARG A 79 -2.60 -0.58 13.35
C ARG A 79 -1.80 0.70 13.11
N ASP A 80 -1.42 1.38 14.19
CA ASP A 80 -0.66 2.61 14.11
C ASP A 80 0.68 2.39 13.38
N GLU A 81 1.37 1.31 13.74
CA GLU A 81 2.65 1.00 13.13
C GLU A 81 2.49 0.56 11.68
N ILE A 82 1.46 -0.23 11.42
CA ILE A 82 1.19 -0.72 10.08
C ILE A 82 0.85 0.42 9.12
N ASN A 83 0.23 1.47 9.66
CA ASN A 83 -0.15 2.63 8.84
C ASN A 83 1.08 3.42 8.45
N ALA A 84 2.06 3.44 9.36
CA ALA A 84 3.30 4.16 9.12
C ALA A 84 3.99 3.63 7.87
N LEU A 85 4.07 2.31 7.77
CA LEU A 85 4.69 1.66 6.63
C LEU A 85 4.00 2.01 5.32
N VAL A 86 2.69 1.76 5.25
CA VAL A 86 1.92 2.03 4.03
C VAL A 86 2.15 3.46 3.55
N GLN A 87 2.17 4.41 4.48
CA GLN A 87 2.39 5.80 4.14
C GLN A 87 3.83 6.02 3.68
N GLU A 88 4.74 5.32 4.35
CA GLU A 88 6.16 5.41 4.03
C GLU A 88 6.42 5.02 2.57
N LEU A 89 5.69 4.01 2.10
CA LEU A 89 5.84 3.54 0.72
C LEU A 89 5.33 4.59 -0.27
N GLY A 90 4.09 5.02 -0.08
CA GLY A 90 3.52 6.02 -0.97
C GLY A 90 2.03 5.81 -1.20
N PHE A 91 1.46 4.82 -0.53
CA PHE A 91 0.03 4.53 -0.68
C PHE A 91 -0.81 5.76 -0.33
N TYR A 92 -1.91 5.94 -1.06
CA TYR A 92 -2.80 7.07 -0.85
C TYR A 92 -3.88 6.73 0.17
N ARG A 93 -4.33 7.74 0.90
CA ARG A 93 -5.38 7.56 1.91
C ARG A 93 -6.44 8.65 1.78
N LYS A 94 -7.71 8.23 1.77
CA LYS A 94 -8.82 9.17 1.64
C LYS A 94 -9.70 9.13 2.87
N SER A 95 -10.75 9.95 2.86
CA SER A 95 -11.69 10.00 3.97
C SER A 95 -12.89 9.11 3.68
N ALA A 96 -13.16 8.93 2.39
CA ALA A 96 -14.26 8.09 1.95
C ALA A 96 -14.03 7.60 0.53
N PRO A 97 -14.68 6.48 0.14
CA PRO A 97 -14.53 5.89 -1.19
C PRO A 97 -15.02 6.84 -2.28
N GLU A 98 -16.01 7.65 -1.94
CA GLU A 98 -16.57 8.62 -2.89
C GLU A 98 -15.56 9.72 -3.18
N ALA A 99 -14.70 9.99 -2.21
CA ALA A 99 -13.68 11.03 -2.35
C ALA A 99 -12.79 10.76 -3.55
N GLN A 100 -12.81 11.68 -4.52
CA GLN A 100 -11.98 11.52 -5.72
C GLN A 100 -10.54 11.90 -5.43
N VAL A 101 -9.68 11.72 -6.44
CA VAL A 101 -8.25 12.01 -6.30
C VAL A 101 -7.64 12.39 -7.66
N PRO A 102 -6.85 13.48 -7.68
CA PRO A 102 -6.20 13.95 -8.92
C PRO A 102 -5.16 12.93 -9.43
N PRO A 103 -4.50 13.21 -10.58
CA PRO A 103 -3.49 12.30 -11.15
C PRO A 103 -2.51 11.80 -10.11
N GLU A 104 -2.33 12.58 -9.06
CA GLU A 104 -1.42 12.24 -7.97
C GLU A 104 -1.50 10.75 -7.62
N TYR A 105 -2.72 10.22 -7.56
CA TYR A 105 -2.91 8.80 -7.23
C TYR A 105 -3.10 7.94 -8.46
N LEU A 106 -3.36 8.58 -9.60
CA LEU A 106 -3.56 7.87 -10.86
C LEU A 106 -2.53 6.76 -11.03
N TRP A 107 -1.36 6.92 -10.39
CA TRP A 107 -0.31 5.92 -10.48
C TRP A 107 0.15 5.49 -9.09
N ALA A 108 -0.34 6.19 -8.06
CA ALA A 108 0.04 5.86 -6.68
C ALA A 108 -0.14 4.37 -6.41
N PRO A 109 0.66 3.79 -5.48
CA PRO A 109 1.69 4.52 -4.71
C PRO A 109 2.91 4.90 -5.56
N ALA A 110 2.82 4.64 -6.86
CA ALA A 110 3.90 4.95 -7.78
C ALA A 110 3.74 6.34 -8.37
N LYS A 111 4.85 7.01 -8.66
CA LYS A 111 4.83 8.35 -9.23
C LYS A 111 4.70 8.28 -10.75
N PRO A 112 4.08 9.30 -11.38
CA PRO A 112 3.91 9.32 -12.83
C PRO A 112 5.23 9.12 -13.58
N PRO A 113 5.16 8.67 -14.84
CA PRO A 113 6.36 8.42 -15.66
C PRO A 113 7.23 9.66 -15.80
N GLU A 114 8.53 9.45 -15.98
CA GLU A 114 9.48 10.55 -16.12
C GLU A 114 9.05 11.50 -17.24
N GLU A 115 9.33 11.08 -18.47
CA GLU A 115 8.98 11.89 -19.64
C GLU A 115 7.61 11.49 -20.19
N ALA A 116 6.55 11.87 -19.49
CA ALA A 116 5.19 11.54 -19.91
C ALA A 116 4.70 12.53 -20.95
N SER A 117 5.16 12.38 -22.18
CA SER A 117 4.76 13.26 -23.27
C SER A 117 3.95 12.49 -24.33
N GLU A 118 4.61 11.55 -25.00
CA GLU A 118 3.96 10.74 -26.02
C GLU A 118 4.34 9.27 -25.88
N HIS A 119 3.55 8.55 -25.08
CA HIS A 119 3.80 7.12 -24.86
C HIS A 119 2.49 6.35 -24.77
N ASP A 120 2.54 5.18 -24.14
CA ASP A 120 1.37 4.33 -23.99
C ASP A 120 0.88 3.79 -25.33
N ASP A 121 0.21 2.65 -25.31
CA ASP A 121 -0.30 2.02 -26.52
C ASP A 121 -1.75 2.41 -26.76
N LEU A 122 -2.01 2.94 -27.96
CA LEU A 122 -3.36 3.36 -28.32
C LEU A 122 -4.35 2.21 -28.18
N GLU A 123 -5.34 2.40 -27.31
CA GLU A 123 -6.36 1.38 -27.08
C GLU A 123 -7.23 1.17 -28.31
N HIS A 124 -7.60 -0.08 -28.56
CA HIS A 124 -8.44 -0.43 -29.70
C HIS A 124 -7.77 -0.06 -31.02
N HIS A 125 -6.51 0.37 -30.95
CA HIS A 125 -5.77 0.73 -32.15
C HIS A 125 -4.40 0.07 -32.18
N HIS A 126 -4.23 -0.88 -33.09
CA HIS A 126 -2.98 -1.61 -33.24
C HIS A 126 -2.57 -2.27 -31.93
N HIS A 127 -3.07 -3.49 -31.71
CA HIS A 127 -2.75 -4.22 -30.49
C HIS A 127 -2.85 -5.73 -30.73
N HIS A 128 -3.97 -6.15 -31.31
CA HIS A 128 -4.20 -7.57 -31.59
C HIS A 128 -5.38 -7.75 -32.55
N HIS A 129 -5.11 -8.35 -33.71
CA HIS A 129 -6.15 -8.58 -34.70
C HIS A 129 -6.42 -10.08 -34.87
N MET A 1 12.53 5.44 19.70
CA MET A 1 11.99 5.31 18.32
C MET A 1 12.75 4.26 17.53
N THR A 2 12.08 3.16 17.22
CA THR A 2 12.70 2.08 16.46
C THR A 2 13.06 2.52 15.05
N ASN A 3 14.35 2.46 14.73
CA ASN A 3 14.82 2.86 13.41
C ASN A 3 14.70 1.69 12.42
N TYR A 4 13.47 1.43 11.98
CA TYR A 4 13.21 0.35 11.04
C TYR A 4 13.28 0.84 9.60
N ARG A 5 13.65 -0.06 8.71
CA ARG A 5 13.74 0.24 7.28
C ARG A 5 13.32 -0.96 6.45
N PRO A 6 12.52 -0.75 5.40
CA PRO A 6 12.05 -1.83 4.53
C PRO A 6 13.16 -2.35 3.62
N ASP A 7 12.80 -3.31 2.77
CA ASP A 7 13.75 -3.89 1.82
C ASP A 7 13.49 -3.30 0.44
N TRP A 8 13.73 -2.00 0.31
CA TRP A 8 13.51 -1.29 -0.94
C TRP A 8 14.10 -2.03 -2.13
N ASN A 9 15.17 -2.79 -1.91
CA ASN A 9 15.79 -3.56 -2.97
C ASN A 9 14.89 -4.73 -3.36
N ARG A 10 14.32 -5.36 -2.35
CA ARG A 10 13.42 -6.48 -2.53
C ARG A 10 12.01 -6.00 -2.87
N LEU A 11 11.74 -4.73 -2.59
CA LEU A 11 10.44 -4.13 -2.84
C LEU A 11 10.34 -3.54 -4.24
N ARG A 12 11.50 -3.28 -4.84
CA ARG A 12 11.57 -2.71 -6.19
C ARG A 12 10.45 -3.23 -7.09
N GLY A 13 9.61 -2.32 -7.56
CA GLY A 13 8.52 -2.69 -8.44
C GLY A 13 7.16 -2.60 -7.76
N LEU A 14 7.17 -2.47 -6.44
CA LEU A 14 5.95 -2.37 -5.66
C LEU A 14 5.06 -1.24 -6.18
N ALA A 15 3.93 -1.63 -6.76
CA ALA A 15 2.97 -0.66 -7.29
C ALA A 15 1.64 -0.76 -6.56
N ARG A 16 1.46 -1.83 -5.80
CA ARG A 16 0.22 -2.04 -5.06
C ARG A 16 0.41 -3.08 -3.95
N GLY A 17 -0.59 -3.21 -3.09
CA GLY A 17 -0.52 -4.16 -2.00
C GLY A 17 -1.87 -4.80 -1.68
N ARG A 18 -1.82 -6.06 -1.27
CA ARG A 18 -3.03 -6.79 -0.91
C ARG A 18 -2.82 -7.52 0.41
N VAL A 19 -3.81 -7.41 1.29
CA VAL A 19 -3.72 -8.05 2.59
C VAL A 19 -4.46 -9.38 2.61
N GLU A 20 -3.71 -10.45 2.83
CA GLU A 20 -4.28 -11.79 2.87
C GLU A 20 -4.60 -12.17 4.32
N THR A 21 -5.83 -12.63 4.54
CA THR A 21 -6.26 -13.01 5.89
C THR A 21 -7.50 -13.89 5.85
N CYS A 22 -7.67 -14.69 6.89
CA CYS A 22 -8.82 -15.59 7.00
C CYS A 22 -9.98 -14.89 7.69
N GLY A 23 -11.07 -15.63 7.91
CA GLY A 23 -12.22 -15.05 8.57
C GLY A 23 -11.91 -14.63 10.01
N GLY A 24 -11.13 -15.46 10.69
CA GLY A 24 -10.77 -15.16 12.06
C GLY A 24 -10.03 -16.31 12.72
N CYS A 25 -8.73 -16.40 12.46
CA CYS A 25 -7.91 -17.47 13.03
C CYS A 25 -7.06 -16.96 14.18
N GLN A 26 -6.52 -15.76 14.02
CA GLN A 26 -5.68 -15.17 15.06
C GLN A 26 -6.10 -13.73 15.34
N LEU A 27 -7.34 -13.40 15.03
CA LEU A 27 -7.86 -12.05 15.27
C LEU A 27 -8.59 -11.99 16.61
N ASN A 28 -9.27 -10.88 16.87
CA ASN A 28 -10.02 -10.67 18.11
C ASN A 28 -9.05 -10.47 19.28
N ARG A 29 -7.80 -10.84 19.07
CA ARG A 29 -6.76 -10.70 20.09
C ARG A 29 -5.85 -9.53 19.74
N LEU A 30 -5.85 -9.17 18.47
CA LEU A 30 -5.04 -8.06 17.98
C LEU A 30 -5.96 -7.01 17.36
N LYS A 31 -6.89 -6.51 18.17
CA LYS A 31 -7.87 -5.51 17.74
C LYS A 31 -7.25 -4.50 16.78
N GLU A 32 -5.98 -4.17 17.01
CA GLU A 32 -5.29 -3.24 16.14
C GLU A 32 -5.26 -3.77 14.73
N VAL A 33 -4.49 -4.84 14.52
CA VAL A 33 -4.39 -5.48 13.20
C VAL A 33 -5.73 -5.54 12.49
N LYS A 34 -6.70 -6.22 13.11
CA LYS A 34 -8.03 -6.34 12.54
C LYS A 34 -8.58 -5.00 12.06
N ALA A 35 -8.31 -3.95 12.85
CA ALA A 35 -8.78 -2.62 12.50
C ALA A 35 -8.31 -2.20 11.11
N PHE A 36 -6.99 -2.15 10.94
CA PHE A 36 -6.37 -1.79 9.66
C PHE A 36 -7.07 -2.50 8.50
N VAL A 37 -7.43 -3.75 8.72
CA VAL A 37 -8.09 -4.55 7.69
C VAL A 37 -9.60 -4.53 7.88
N THR A 38 -10.16 -3.32 7.95
CA THR A 38 -11.60 -3.16 8.12
C THR A 38 -12.05 -1.76 7.70
N GLU A 39 -11.23 -0.76 8.03
CA GLU A 39 -11.54 0.62 7.70
C GLU A 39 -10.45 1.24 6.82
N ASP A 40 -9.25 1.38 7.37
CA ASP A 40 -8.14 1.97 6.64
C ASP A 40 -7.86 1.25 5.33
N ILE A 41 -7.90 -0.08 5.35
CA ILE A 41 -7.62 -0.88 4.17
C ILE A 41 -8.52 -0.51 2.98
N GLN A 42 -9.66 0.12 3.25
CA GLN A 42 -10.58 0.49 2.19
C GLN A 42 -10.34 1.94 1.78
N LEU A 43 -9.67 2.67 2.66
CA LEU A 43 -9.35 4.06 2.43
C LEU A 43 -7.99 4.20 1.75
N TYR A 44 -7.20 3.15 1.82
CA TYR A 44 -5.88 3.14 1.21
C TYR A 44 -5.96 2.60 -0.21
N HIS A 45 -5.76 3.49 -1.18
CA HIS A 45 -5.81 3.10 -2.59
C HIS A 45 -4.79 2.02 -2.88
N ASN A 46 -5.07 1.22 -3.91
CA ASN A 46 -4.18 0.13 -4.31
C ASN A 46 -3.98 -0.87 -3.18
N LEU A 47 -4.85 -0.81 -2.18
CA LEU A 47 -4.77 -1.71 -1.04
C LEU A 47 -6.10 -2.39 -0.80
N VAL A 48 -6.22 -3.64 -1.25
CA VAL A 48 -7.45 -4.39 -1.09
C VAL A 48 -7.31 -5.53 -0.09
N MET A 49 -8.41 -5.89 0.55
CA MET A 49 -8.42 -6.97 1.54
C MET A 49 -8.75 -8.30 0.86
N LYS A 50 -8.19 -9.37 1.41
CA LYS A 50 -8.41 -10.71 0.85
C LYS A 50 -8.89 -11.68 1.92
N HIS A 51 -9.74 -12.61 1.51
CA HIS A 51 -10.29 -13.61 2.43
C HIS A 51 -9.88 -15.02 1.99
N LEU A 52 -8.78 -15.51 2.55
CA LEU A 52 -8.27 -16.83 2.22
C LEU A 52 -8.83 -17.89 3.17
N PRO A 53 -8.94 -19.15 2.69
CA PRO A 53 -9.45 -20.27 3.50
C PRO A 53 -8.94 -20.25 4.93
N GLY A 54 -7.63 -20.37 5.10
CA GLY A 54 -7.04 -20.36 6.42
C GLY A 54 -5.63 -19.80 6.43
N ALA A 55 -5.52 -18.49 6.28
CA ALA A 55 -4.21 -17.83 6.26
C ALA A 55 -4.11 -16.78 7.37
N ASP A 56 -2.91 -16.23 7.52
CA ASP A 56 -2.66 -15.20 8.53
C ASP A 56 -2.71 -13.80 7.90
N PRO A 57 -3.01 -12.76 8.70
CA PRO A 57 -3.10 -11.39 8.22
C PRO A 57 -1.74 -10.80 7.86
N GLU A 58 -1.34 -10.97 6.60
CA GLU A 58 -0.05 -10.46 6.13
C GLU A 58 -0.24 -9.60 4.88
N LEU A 59 0.53 -8.52 4.80
CA LEU A 59 0.46 -7.62 3.65
C LEU A 59 1.20 -8.23 2.46
N VAL A 60 0.73 -7.92 1.25
CA VAL A 60 1.36 -8.46 0.04
C VAL A 60 1.66 -7.35 -0.96
N LEU A 61 2.86 -6.79 -0.88
CA LEU A 61 3.26 -5.73 -1.79
C LEU A 61 3.55 -6.30 -3.17
N LEU A 62 2.54 -6.31 -4.04
CA LEU A 62 2.68 -6.85 -5.38
C LEU A 62 3.23 -5.80 -6.34
N SER A 63 3.38 -6.19 -7.61
CA SER A 63 3.88 -5.27 -8.63
C SER A 63 2.83 -5.10 -9.74
N ARG A 64 1.87 -4.21 -9.48
CA ARG A 64 0.79 -3.90 -10.42
C ARG A 64 0.06 -5.15 -10.93
N ASN A 65 0.71 -5.90 -11.83
CA ASN A 65 0.13 -7.11 -12.41
C ASN A 65 -0.11 -8.20 -11.36
N TYR A 66 -0.13 -7.81 -10.08
CA TYR A 66 -0.38 -8.74 -8.98
C TYR A 66 0.77 -9.71 -8.80
N GLN A 67 1.98 -9.26 -9.14
CA GLN A 67 3.17 -10.09 -8.98
C GLN A 67 3.76 -9.89 -7.59
N GLU A 68 3.14 -10.55 -6.61
CA GLU A 68 3.58 -10.48 -5.21
C GLU A 68 5.11 -10.41 -5.11
N LEU A 69 5.60 -9.26 -4.67
CA LEU A 69 7.03 -9.04 -4.53
C LEU A 69 7.52 -9.37 -3.13
N GLU A 70 6.72 -9.02 -2.12
CA GLU A 70 7.09 -9.25 -0.73
C GLU A 70 5.85 -9.34 0.15
N ARG A 71 5.95 -10.17 1.18
CA ARG A 71 4.85 -10.35 2.12
C ARG A 71 5.36 -10.28 3.56
N ILE A 72 4.72 -9.43 4.36
CA ILE A 72 5.11 -9.24 5.76
C ILE A 72 3.90 -9.34 6.68
N PRO A 73 4.05 -9.97 7.86
CA PRO A 73 2.94 -10.10 8.81
C PRO A 73 2.59 -8.79 9.49
N LEU A 74 1.32 -8.64 9.82
CA LEU A 74 0.83 -7.44 10.47
C LEU A 74 0.45 -7.73 11.91
N SER A 75 0.37 -9.02 12.24
CA SER A 75 0.00 -9.46 13.58
C SER A 75 1.00 -8.94 14.62
N GLN A 76 2.13 -8.42 14.16
CA GLN A 76 3.15 -7.90 15.07
C GLN A 76 2.92 -6.42 15.36
N MET A 77 3.02 -5.59 14.32
CA MET A 77 2.82 -4.16 14.46
C MET A 77 1.36 -3.83 14.76
N THR A 78 1.12 -2.65 15.33
CA THR A 78 -0.23 -2.22 15.65
C THR A 78 -0.80 -1.37 14.52
N ARG A 79 -2.14 -1.29 14.45
CA ARG A 79 -2.82 -0.52 13.39
C ARG A 79 -2.08 0.77 13.06
N ASP A 80 -1.65 1.48 14.10
CA ASP A 80 -0.94 2.76 13.91
C ASP A 80 0.40 2.55 13.21
N GLU A 81 1.19 1.60 13.72
CA GLU A 81 2.50 1.31 13.15
C GLU A 81 2.39 0.77 11.73
N ILE A 82 1.38 -0.07 11.50
CA ILE A 82 1.16 -0.66 10.19
C ILE A 82 0.79 0.42 9.17
N ASN A 83 0.17 1.50 9.65
CA ASN A 83 -0.23 2.60 8.77
C ASN A 83 0.99 3.41 8.36
N ALA A 84 1.94 3.51 9.28
CA ALA A 84 3.18 4.24 9.03
C ALA A 84 3.89 3.65 7.82
N LEU A 85 4.00 2.33 7.80
CA LEU A 85 4.66 1.63 6.70
C LEU A 85 3.98 1.94 5.36
N VAL A 86 2.67 1.75 5.30
CA VAL A 86 1.91 2.01 4.07
C VAL A 86 2.22 3.40 3.54
N GLN A 87 2.26 4.38 4.44
CA GLN A 87 2.54 5.76 4.07
C GLN A 87 3.99 5.88 3.60
N GLU A 88 4.87 5.15 4.26
CA GLU A 88 6.28 5.14 3.92
C GLU A 88 6.49 4.71 2.48
N LEU A 89 5.70 3.72 2.05
CA LEU A 89 5.78 3.21 0.70
C LEU A 89 5.34 4.25 -0.31
N GLY A 90 4.14 4.78 -0.11
CA GLY A 90 3.61 5.80 -1.01
C GLY A 90 2.12 5.64 -1.25
N PHE A 91 1.51 4.66 -0.60
CA PHE A 91 0.07 4.41 -0.75
C PHE A 91 -0.72 5.67 -0.43
N TYR A 92 -1.80 5.88 -1.18
CA TYR A 92 -2.65 7.05 -1.00
C TYR A 92 -3.79 6.75 -0.03
N ARG A 93 -4.13 7.74 0.79
CA ARG A 93 -5.21 7.60 1.76
C ARG A 93 -6.33 8.59 1.46
N LYS A 94 -7.57 8.11 1.46
CA LYS A 94 -8.72 8.97 1.19
C LYS A 94 -9.71 8.93 2.34
N SER A 95 -10.72 9.79 2.28
CA SER A 95 -11.74 9.85 3.31
C SER A 95 -12.84 8.85 3.00
N ALA A 96 -12.93 8.46 1.74
CA ALA A 96 -13.93 7.49 1.30
C ALA A 96 -13.41 6.66 0.14
N PRO A 97 -14.00 5.48 -0.08
CA PRO A 97 -13.60 4.57 -1.17
C PRO A 97 -13.91 5.15 -2.54
N GLU A 98 -14.95 5.99 -2.60
CA GLU A 98 -15.35 6.62 -3.84
C GLU A 98 -14.48 7.84 -4.14
N ALA A 99 -13.60 8.17 -3.22
CA ALA A 99 -12.71 9.32 -3.40
C ALA A 99 -11.63 9.02 -4.45
N GLN A 100 -11.32 10.03 -5.26
CA GLN A 100 -10.31 9.89 -6.30
C GLN A 100 -8.91 10.19 -5.77
N VAL A 101 -7.95 10.23 -6.67
CA VAL A 101 -6.55 10.50 -6.31
C VAL A 101 -5.97 11.63 -7.17
N PRO A 102 -5.46 12.70 -6.52
CA PRO A 102 -4.87 13.83 -7.25
C PRO A 102 -3.67 13.41 -8.10
N PRO A 103 -3.26 14.26 -9.06
CA PRO A 103 -2.13 13.96 -9.95
C PRO A 103 -0.84 13.73 -9.18
N GLU A 104 -0.74 14.36 -8.01
CA GLU A 104 0.44 14.22 -7.16
C GLU A 104 0.70 12.76 -6.83
N TYR A 105 -0.37 12.03 -6.54
CA TYR A 105 -0.26 10.62 -6.19
C TYR A 105 -0.84 9.72 -7.28
N LEU A 106 -0.96 10.25 -8.49
CA LEU A 106 -1.49 9.47 -9.61
C LEU A 106 -0.67 8.23 -9.85
N TRP A 107 0.63 8.31 -9.57
CA TRP A 107 1.54 7.18 -9.77
C TRP A 107 1.65 6.37 -8.50
N ALA A 108 1.87 7.06 -7.40
CA ALA A 108 2.02 6.43 -6.08
C ALA A 108 1.16 5.17 -5.94
N PRO A 109 1.74 4.06 -5.42
CA PRO A 109 3.14 3.99 -5.00
C PRO A 109 4.10 3.71 -6.16
N ALA A 110 3.57 3.71 -7.38
CA ALA A 110 4.37 3.45 -8.58
C ALA A 110 5.38 4.56 -8.81
N LYS A 111 5.93 4.60 -10.03
CA LYS A 111 6.92 5.62 -10.40
C LYS A 111 6.32 6.64 -11.36
N PRO A 112 6.70 7.92 -11.22
CA PRO A 112 6.21 9.00 -12.09
C PRO A 112 6.69 8.86 -13.53
N PRO A 113 6.05 9.57 -14.47
CA PRO A 113 6.42 9.52 -15.90
C PRO A 113 7.91 9.77 -16.13
N GLU A 114 8.35 9.62 -17.38
CA GLU A 114 9.75 9.83 -17.74
C GLU A 114 10.18 11.26 -17.43
N GLU A 115 10.01 12.14 -18.41
CA GLU A 115 10.39 13.54 -18.26
C GLU A 115 9.22 14.38 -17.76
N ALA A 116 8.98 14.34 -16.46
CA ALA A 116 7.89 15.10 -15.86
C ALA A 116 8.24 16.58 -15.78
N SER A 117 8.12 17.28 -16.90
CA SER A 117 8.41 18.72 -16.96
C SER A 117 9.87 18.99 -16.59
N GLU A 118 10.27 20.25 -16.69
CA GLU A 118 11.64 20.66 -16.37
C GLU A 118 12.66 19.83 -17.16
N HIS A 119 13.02 20.33 -18.34
CA HIS A 119 13.98 19.64 -19.20
C HIS A 119 15.33 19.49 -18.51
N ASP A 120 15.97 18.34 -18.74
CA ASP A 120 17.28 18.06 -18.15
C ASP A 120 18.08 17.13 -19.05
N ASP A 121 19.37 17.40 -19.17
CA ASP A 121 20.24 16.58 -20.01
C ASP A 121 21.36 15.94 -19.19
N LEU A 122 21.64 14.68 -19.49
CA LEU A 122 22.69 13.94 -18.79
C LEU A 122 23.91 13.75 -19.68
N GLU A 123 25.09 13.93 -19.11
CA GLU A 123 26.33 13.76 -19.85
C GLU A 123 27.25 12.75 -19.17
N HIS A 124 27.18 12.67 -17.85
CA HIS A 124 28.00 11.74 -17.09
C HIS A 124 27.22 10.46 -16.80
N HIS A 125 25.92 10.49 -17.09
CA HIS A 125 25.03 9.34 -16.88
C HIS A 125 24.72 9.15 -15.38
N HIS A 126 25.68 9.49 -14.53
CA HIS A 126 25.51 9.37 -13.09
C HIS A 126 25.24 7.93 -12.67
N HIS A 127 23.96 7.54 -12.73
CA HIS A 127 23.56 6.18 -12.35
C HIS A 127 23.94 5.86 -10.91
N HIS A 128 22.99 6.08 -10.00
CA HIS A 128 23.21 5.81 -8.58
C HIS A 128 24.39 6.62 -8.04
N HIS A 129 24.08 7.74 -7.40
CA HIS A 129 25.10 8.61 -6.83
C HIS A 129 25.92 7.88 -5.77
N MET A 1 10.61 10.57 10.78
CA MET A 1 11.33 10.99 12.01
C MET A 1 12.09 9.82 12.62
N THR A 2 11.81 8.61 12.13
CA THR A 2 12.47 7.41 12.63
C THR A 2 13.71 7.08 11.81
N ASN A 3 14.68 6.45 12.45
CA ASN A 3 15.93 6.08 11.79
C ASN A 3 15.81 4.67 11.19
N TYR A 4 14.64 4.35 10.66
CA TYR A 4 14.40 3.04 10.06
C TYR A 4 14.42 3.11 8.54
N ARG A 5 14.87 2.03 7.91
CA ARG A 5 14.94 1.95 6.47
C ARG A 5 14.55 0.53 6.01
N PRO A 6 13.61 0.42 5.06
CA PRO A 6 13.12 -0.86 4.55
C PRO A 6 14.04 -1.50 3.54
N ASP A 7 13.65 -2.67 3.06
CA ASP A 7 14.42 -3.40 2.06
C ASP A 7 13.95 -3.03 0.67
N TRP A 8 14.25 -1.80 0.26
CA TRP A 8 13.85 -1.31 -1.05
C TRP A 8 14.39 -2.20 -2.17
N ASN A 9 15.43 -2.96 -1.87
CA ASN A 9 16.01 -3.88 -2.85
C ASN A 9 15.10 -5.10 -2.99
N ARG A 10 14.37 -5.38 -1.92
CA ARG A 10 13.44 -6.49 -1.87
C ARG A 10 12.01 -6.01 -2.10
N LEU A 11 11.82 -4.70 -1.99
CA LEU A 11 10.51 -4.08 -2.16
C LEU A 11 10.34 -3.46 -3.54
N ARG A 12 11.48 -3.17 -4.18
CA ARG A 12 11.49 -2.57 -5.51
C ARG A 12 10.43 -3.18 -6.41
N GLY A 13 9.77 -2.33 -7.20
CA GLY A 13 8.73 -2.80 -8.10
C GLY A 13 7.36 -2.71 -7.48
N LEU A 14 7.31 -2.57 -6.16
CA LEU A 14 6.04 -2.47 -5.44
C LEU A 14 5.17 -1.36 -6.01
N ALA A 15 4.07 -1.75 -6.65
CA ALA A 15 3.15 -0.79 -7.24
C ALA A 15 1.79 -0.86 -6.55
N ARG A 16 1.57 -1.94 -5.79
CA ARG A 16 0.30 -2.11 -5.08
C ARG A 16 0.47 -3.10 -3.93
N GLY A 17 -0.56 -3.19 -3.08
CA GLY A 17 -0.51 -4.10 -1.95
C GLY A 17 -1.85 -4.73 -1.65
N ARG A 18 -1.82 -5.99 -1.22
CA ARG A 18 -3.04 -6.72 -0.87
C ARG A 18 -2.83 -7.48 0.43
N VAL A 19 -3.80 -7.41 1.31
CA VAL A 19 -3.71 -8.07 2.60
C VAL A 19 -4.49 -9.37 2.62
N GLU A 20 -3.78 -10.46 2.88
CA GLU A 20 -4.39 -11.79 2.95
C GLU A 20 -4.72 -12.15 4.40
N THR A 21 -5.91 -12.69 4.62
CA THR A 21 -6.33 -13.07 5.97
C THR A 21 -7.49 -14.06 5.94
N CYS A 22 -7.61 -14.84 7.01
CA CYS A 22 -8.67 -15.83 7.15
C CYS A 22 -9.93 -15.22 7.72
N GLY A 23 -11.04 -15.95 7.63
CA GLY A 23 -12.31 -15.47 8.15
C GLY A 23 -12.74 -16.22 9.39
N GLY A 24 -12.55 -17.54 9.38
CA GLY A 24 -12.91 -18.35 10.53
C GLY A 24 -12.15 -17.96 11.76
N CYS A 25 -10.97 -17.38 11.56
CA CYS A 25 -10.12 -16.93 12.65
C CYS A 25 -10.07 -15.41 12.71
N GLN A 26 -11.13 -14.80 13.23
CA GLN A 26 -11.22 -13.35 13.34
C GLN A 26 -10.00 -12.78 14.06
N LEU A 27 -9.56 -11.60 13.64
CA LEU A 27 -8.41 -10.95 14.25
C LEU A 27 -8.80 -10.19 15.51
N ASN A 28 -9.81 -10.71 16.22
CA ASN A 28 -10.28 -10.09 17.45
C ASN A 28 -9.13 -9.89 18.42
N ARG A 29 -8.33 -10.93 18.59
CA ARG A 29 -7.18 -10.89 19.48
C ARG A 29 -6.22 -9.77 19.10
N LEU A 30 -6.20 -9.43 17.82
CA LEU A 30 -5.33 -8.36 17.32
C LEU A 30 -6.14 -7.15 16.90
N LYS A 31 -6.90 -6.59 17.86
CA LYS A 31 -7.74 -5.42 17.61
C LYS A 31 -7.11 -4.48 16.59
N GLU A 32 -5.81 -4.26 16.72
CA GLU A 32 -5.10 -3.40 15.78
C GLU A 32 -5.25 -3.93 14.37
N VAL A 33 -4.60 -5.07 14.10
CA VAL A 33 -4.65 -5.70 12.78
C VAL A 33 -6.06 -5.63 12.17
N LYS A 34 -7.04 -6.24 12.84
CA LYS A 34 -8.41 -6.24 12.35
C LYS A 34 -8.83 -4.86 11.88
N ALA A 35 -8.42 -3.83 12.61
CA ALA A 35 -8.76 -2.46 12.24
C ALA A 35 -8.23 -2.13 10.85
N PHE A 36 -6.90 -2.09 10.72
CA PHE A 36 -6.25 -1.81 9.45
C PHE A 36 -6.88 -2.59 8.29
N VAL A 37 -7.22 -3.84 8.55
CA VAL A 37 -7.79 -4.71 7.51
C VAL A 37 -9.25 -4.38 7.19
N THR A 38 -10.01 -3.87 8.15
CA THR A 38 -11.41 -3.54 7.89
C THR A 38 -11.60 -2.08 7.51
N GLU A 39 -11.15 -1.18 8.37
CA GLU A 39 -11.31 0.24 8.15
C GLU A 39 -10.27 0.83 7.18
N ASP A 40 -9.06 0.99 7.67
CA ASP A 40 -7.97 1.57 6.90
C ASP A 40 -7.82 0.98 5.50
N ILE A 41 -7.94 -0.35 5.38
CA ILE A 41 -7.76 -1.00 4.09
C ILE A 41 -8.73 -0.51 3.01
N GLN A 42 -9.88 0.03 3.42
CA GLN A 42 -10.87 0.53 2.47
C GLN A 42 -10.59 1.98 2.12
N LEU A 43 -9.76 2.60 2.94
CA LEU A 43 -9.40 4.00 2.74
C LEU A 43 -8.06 4.12 2.03
N TYR A 44 -7.27 3.07 2.12
CA TYR A 44 -5.95 3.04 1.48
C TYR A 44 -6.07 2.59 0.03
N HIS A 45 -5.76 3.49 -0.89
CA HIS A 45 -5.83 3.21 -2.32
C HIS A 45 -4.85 2.10 -2.70
N ASN A 46 -5.22 1.32 -3.72
CA ASN A 46 -4.39 0.22 -4.20
C ASN A 46 -4.12 -0.79 -3.08
N LEU A 47 -4.97 -0.77 -2.06
CA LEU A 47 -4.85 -1.69 -0.93
C LEU A 47 -6.17 -2.40 -0.70
N VAL A 48 -6.25 -3.62 -1.21
CA VAL A 48 -7.48 -4.41 -1.09
C VAL A 48 -7.34 -5.53 -0.06
N MET A 49 -8.47 -5.88 0.56
CA MET A 49 -8.49 -6.96 1.54
C MET A 49 -8.80 -8.28 0.85
N LYS A 50 -8.21 -9.34 1.36
CA LYS A 50 -8.41 -10.68 0.80
C LYS A 50 -8.86 -11.68 1.85
N HIS A 51 -9.66 -12.65 1.41
CA HIS A 51 -10.18 -13.68 2.30
C HIS A 51 -9.75 -15.07 1.84
N LEU A 52 -8.75 -15.63 2.52
CA LEU A 52 -8.23 -16.95 2.18
C LEU A 52 -8.82 -18.01 3.11
N PRO A 53 -8.88 -19.28 2.66
CA PRO A 53 -9.41 -20.38 3.46
C PRO A 53 -8.89 -20.37 4.90
N GLY A 54 -7.57 -20.46 5.04
CA GLY A 54 -6.96 -20.45 6.35
C GLY A 54 -5.57 -19.84 6.33
N ALA A 55 -5.51 -18.52 6.23
CA ALA A 55 -4.23 -17.81 6.21
C ALA A 55 -4.14 -16.77 7.32
N ASP A 56 -2.97 -16.16 7.45
CA ASP A 56 -2.73 -15.16 8.49
C ASP A 56 -2.77 -13.75 7.88
N PRO A 57 -3.13 -12.73 8.68
CA PRO A 57 -3.20 -11.34 8.21
C PRO A 57 -1.82 -10.77 7.87
N GLU A 58 -1.42 -10.91 6.62
CA GLU A 58 -0.13 -10.41 6.17
C GLU A 58 -0.29 -9.54 4.93
N LEU A 59 0.53 -8.51 4.82
CA LEU A 59 0.48 -7.61 3.68
C LEU A 59 1.21 -8.22 2.49
N VAL A 60 0.75 -7.94 1.28
CA VAL A 60 1.37 -8.49 0.08
C VAL A 60 1.67 -7.38 -0.92
N LEU A 61 2.87 -6.82 -0.84
CA LEU A 61 3.28 -5.77 -1.76
C LEU A 61 3.57 -6.35 -3.14
N LEU A 62 2.56 -6.38 -3.99
CA LEU A 62 2.69 -6.93 -5.34
C LEU A 62 3.26 -5.92 -6.31
N SER A 63 3.39 -6.33 -7.57
CA SER A 63 3.89 -5.45 -8.62
C SER A 63 2.84 -5.27 -9.71
N ARG A 64 1.88 -4.38 -9.43
CA ARG A 64 0.78 -4.08 -10.34
C ARG A 64 0.01 -5.33 -10.81
N ASN A 65 0.62 -6.12 -11.69
CA ASN A 65 -0.02 -7.32 -12.23
C ASN A 65 -0.13 -8.44 -11.18
N TYR A 66 -0.28 -8.05 -9.92
CA TYR A 66 -0.42 -9.03 -8.83
C TYR A 66 0.84 -9.86 -8.68
N GLN A 67 1.96 -9.31 -9.12
CA GLN A 67 3.24 -10.00 -9.02
C GLN A 67 3.81 -9.87 -7.61
N GLU A 68 3.19 -10.57 -6.66
CA GLU A 68 3.62 -10.56 -5.26
C GLU A 68 5.14 -10.49 -5.15
N LEU A 69 5.64 -9.35 -4.68
CA LEU A 69 7.07 -9.12 -4.54
C LEU A 69 7.56 -9.46 -3.13
N GLU A 70 6.74 -9.12 -2.13
CA GLU A 70 7.11 -9.37 -0.74
C GLU A 70 5.88 -9.42 0.15
N ARG A 71 5.97 -10.22 1.21
CA ARG A 71 4.88 -10.37 2.16
C ARG A 71 5.40 -10.29 3.59
N ILE A 72 4.75 -9.45 4.40
CA ILE A 72 5.14 -9.27 5.79
C ILE A 72 3.92 -9.38 6.71
N PRO A 73 4.06 -10.02 7.89
CA PRO A 73 2.94 -10.18 8.80
C PRO A 73 2.57 -8.88 9.50
N LEU A 74 1.28 -8.68 9.72
CA LEU A 74 0.77 -7.48 10.36
C LEU A 74 0.36 -7.78 11.80
N SER A 75 0.37 -9.06 12.14
CA SER A 75 0.00 -9.51 13.48
C SER A 75 1.07 -9.16 14.51
N GLN A 76 2.07 -8.38 14.09
CA GLN A 76 3.14 -7.99 15.00
C GLN A 76 3.01 -6.51 15.39
N MET A 77 2.84 -5.65 14.40
CA MET A 77 2.71 -4.22 14.64
C MET A 77 1.25 -3.84 14.91
N THR A 78 1.04 -2.60 15.33
CA THR A 78 -0.30 -2.09 15.60
C THR A 78 -0.81 -1.25 14.43
N ARG A 79 -2.12 -1.04 14.37
CA ARG A 79 -2.73 -0.25 13.29
C ARG A 79 -1.94 1.02 13.02
N ASP A 80 -1.53 1.70 14.07
CA ASP A 80 -0.78 2.94 13.94
C ASP A 80 0.57 2.73 13.26
N GLU A 81 1.27 1.67 13.67
CA GLU A 81 2.59 1.37 13.11
C GLU A 81 2.47 0.83 11.68
N ILE A 82 1.50 -0.05 11.46
CA ILE A 82 1.28 -0.64 10.16
C ILE A 82 0.91 0.43 9.13
N ASN A 83 0.28 1.51 9.59
CA ASN A 83 -0.13 2.59 8.70
C ASN A 83 1.07 3.43 8.29
N ALA A 84 2.02 3.55 9.22
CA ALA A 84 3.24 4.32 8.98
C ALA A 84 3.97 3.77 7.77
N LEU A 85 4.12 2.45 7.73
CA LEU A 85 4.80 1.79 6.63
C LEU A 85 4.11 2.04 5.29
N VAL A 86 2.80 1.77 5.24
CA VAL A 86 2.04 1.97 4.00
C VAL A 86 2.27 3.36 3.43
N GLN A 87 2.26 4.36 4.31
CA GLN A 87 2.49 5.73 3.89
C GLN A 87 3.93 5.91 3.44
N GLU A 88 4.83 5.26 4.16
CA GLU A 88 6.25 5.31 3.87
C GLU A 88 6.51 4.90 2.42
N LEU A 89 5.76 3.90 1.96
CA LEU A 89 5.88 3.41 0.59
C LEU A 89 5.41 4.47 -0.40
N GLY A 90 4.21 4.98 -0.20
CA GLY A 90 3.65 5.99 -1.09
C GLY A 90 2.17 5.81 -1.34
N PHE A 91 1.52 4.97 -0.54
CA PHE A 91 0.09 4.72 -0.68
C PHE A 91 -0.72 6.00 -0.46
N TYR A 92 -2.03 5.91 -0.70
CA TYR A 92 -2.92 7.05 -0.53
C TYR A 92 -4.00 6.73 0.49
N ARG A 93 -4.47 7.74 1.21
CA ARG A 93 -5.51 7.57 2.21
C ARG A 93 -6.62 8.60 2.03
N LYS A 94 -7.86 8.13 1.94
CA LYS A 94 -9.00 9.02 1.77
C LYS A 94 -9.80 9.14 3.07
N SER A 95 -10.91 9.87 3.01
CA SER A 95 -11.75 10.06 4.18
C SER A 95 -12.93 9.11 4.17
N ALA A 96 -13.27 8.62 2.97
CA ALA A 96 -14.38 7.69 2.81
C ALA A 96 -14.30 6.97 1.48
N PRO A 97 -14.94 5.80 1.37
CA PRO A 97 -14.94 5.00 0.14
C PRO A 97 -15.52 5.78 -1.05
N GLU A 98 -16.46 6.67 -0.75
CA GLU A 98 -17.08 7.49 -1.78
C GLU A 98 -16.14 8.59 -2.22
N ALA A 99 -15.16 8.90 -1.38
CA ALA A 99 -14.19 9.94 -1.67
C ALA A 99 -13.23 9.49 -2.78
N GLN A 100 -13.23 10.24 -3.88
CA GLN A 100 -12.36 9.92 -5.01
C GLN A 100 -10.90 10.23 -4.69
N VAL A 101 -10.04 9.95 -5.66
CA VAL A 101 -8.61 10.19 -5.50
C VAL A 101 -8.08 11.05 -6.66
N PRO A 102 -7.30 12.11 -6.35
CA PRO A 102 -6.73 13.00 -7.37
C PRO A 102 -6.01 12.22 -8.47
N PRO A 103 -5.90 12.83 -9.67
CA PRO A 103 -5.23 12.20 -10.81
C PRO A 103 -3.80 11.77 -10.48
N GLU A 104 -3.16 12.54 -9.61
CA GLU A 104 -1.78 12.24 -9.21
C GLU A 104 -1.69 10.90 -8.51
N TYR A 105 -2.58 10.67 -7.55
CA TYR A 105 -2.60 9.43 -6.78
C TYR A 105 -3.72 8.50 -7.25
N LEU A 106 -4.25 8.76 -8.44
CA LEU A 106 -5.33 7.94 -8.99
C LEU A 106 -4.89 6.49 -9.14
N TRP A 107 -3.60 6.27 -9.41
CA TRP A 107 -3.07 4.94 -9.59
C TRP A 107 -2.02 4.63 -8.52
N ALA A 108 -1.74 5.61 -7.68
CA ALA A 108 -0.75 5.46 -6.61
C ALA A 108 -0.97 4.14 -5.85
N PRO A 109 0.12 3.53 -5.33
CA PRO A 109 1.49 4.06 -5.42
C PRO A 109 2.10 3.82 -6.80
N ALA A 110 1.28 3.39 -7.74
CA ALA A 110 1.75 3.13 -9.10
C ALA A 110 1.58 4.35 -9.99
N LYS A 111 2.59 4.66 -10.79
CA LYS A 111 2.55 5.80 -11.68
C LYS A 111 1.57 5.57 -12.83
N PRO A 112 0.92 6.64 -13.32
CA PRO A 112 -0.06 6.53 -14.42
C PRO A 112 0.52 5.81 -15.64
N PRO A 113 -0.34 5.25 -16.50
CA PRO A 113 0.09 4.53 -17.70
C PRO A 113 1.00 5.38 -18.59
N GLU A 114 1.87 4.73 -19.34
CA GLU A 114 2.80 5.42 -20.23
C GLU A 114 2.05 6.34 -21.19
N GLU A 115 1.27 5.73 -22.07
CA GLU A 115 0.48 6.47 -23.05
C GLU A 115 -0.45 7.47 -22.38
N ALA A 116 -0.02 8.73 -22.34
CA ALA A 116 -0.82 9.79 -21.72
C ALA A 116 -0.89 11.01 -22.63
N SER A 117 -1.88 11.88 -22.37
CA SER A 117 -2.07 13.10 -23.16
C SER A 117 -2.32 12.76 -24.62
N GLU A 118 -2.62 13.79 -25.41
CA GLU A 118 -2.89 13.61 -26.83
C GLU A 118 -1.82 14.29 -27.69
N HIS A 119 -1.12 15.25 -27.09
CA HIS A 119 -0.07 15.98 -27.79
C HIS A 119 1.14 15.07 -28.04
N ASP A 120 1.37 14.73 -29.30
CA ASP A 120 2.48 13.87 -29.67
C ASP A 120 3.45 14.59 -30.60
N ASP A 121 2.94 15.02 -31.75
CA ASP A 121 3.77 15.73 -32.73
C ASP A 121 3.48 17.22 -32.72
N LEU A 122 2.52 17.63 -31.89
CA LEU A 122 2.14 19.03 -31.79
C LEU A 122 2.83 19.68 -30.60
N GLU A 123 4.11 19.37 -30.42
CA GLU A 123 4.90 19.91 -29.31
C GLU A 123 4.92 21.44 -29.37
N HIS A 124 5.24 21.98 -30.53
CA HIS A 124 5.30 23.43 -30.71
C HIS A 124 4.05 23.93 -31.44
N HIS A 125 3.25 22.99 -31.92
CA HIS A 125 2.02 23.32 -32.64
C HIS A 125 2.29 24.25 -33.82
N HIS A 126 2.04 25.55 -33.64
CA HIS A 126 2.25 26.53 -34.68
C HIS A 126 1.57 26.11 -35.99
N HIS A 127 0.27 26.37 -36.08
CA HIS A 127 -0.50 26.02 -37.27
C HIS A 127 -1.43 27.16 -37.66
N HIS A 128 -1.85 27.15 -38.92
CA HIS A 128 -2.74 28.18 -39.44
C HIS A 128 -3.71 27.59 -40.46
N HIS A 129 -3.18 26.78 -41.37
CA HIS A 129 -3.99 26.14 -42.40
C HIS A 129 -4.80 24.98 -41.82
N MET A 1 17.47 4.42 18.05
CA MET A 1 16.51 5.40 17.47
C MET A 1 16.05 4.94 16.08
N THR A 2 16.42 3.73 15.71
CA THR A 2 16.04 3.18 14.41
C THR A 2 14.57 2.81 14.39
N ASN A 3 13.81 3.49 13.53
CA ASN A 3 12.37 3.23 13.39
C ASN A 3 12.10 2.20 12.30
N TYR A 4 12.98 1.21 12.20
CA TYR A 4 12.84 0.15 11.20
C TYR A 4 12.98 0.70 9.78
N ARG A 5 13.50 -0.14 8.90
CA ARG A 5 13.69 0.23 7.50
C ARG A 5 13.46 -0.98 6.60
N PRO A 6 12.70 -0.82 5.50
CA PRO A 6 12.41 -1.89 4.56
C PRO A 6 13.58 -2.18 3.63
N ASP A 7 13.40 -3.14 2.75
CA ASP A 7 14.43 -3.51 1.78
C ASP A 7 14.06 -2.91 0.43
N TRP A 8 14.12 -1.57 0.37
CA TRP A 8 13.78 -0.82 -0.83
C TRP A 8 14.39 -1.42 -2.09
N ASN A 9 15.64 -1.85 -2.01
CA ASN A 9 16.31 -2.44 -3.16
C ASN A 9 15.58 -3.69 -3.61
N ARG A 10 15.12 -4.44 -2.62
CA ARG A 10 14.39 -5.68 -2.84
C ARG A 10 12.93 -5.40 -3.15
N LEU A 11 12.45 -4.24 -2.71
CA LEU A 11 11.06 -3.84 -2.90
C LEU A 11 10.84 -3.19 -4.26
N ARG A 12 11.92 -2.73 -4.88
CA ARG A 12 11.85 -2.08 -6.18
C ARG A 12 10.88 -2.78 -7.12
N GLY A 13 9.74 -2.14 -7.39
CA GLY A 13 8.74 -2.72 -8.26
C GLY A 13 7.34 -2.68 -7.67
N LEU A 14 7.26 -2.58 -6.35
CA LEU A 14 5.99 -2.54 -5.65
C LEU A 14 5.11 -1.43 -6.19
N ALA A 15 4.02 -1.80 -6.86
CA ALA A 15 3.09 -0.83 -7.42
C ALA A 15 1.75 -0.88 -6.70
N ARG A 16 1.54 -1.95 -5.94
CA ARG A 16 0.29 -2.12 -5.19
C ARG A 16 0.45 -3.15 -4.07
N GLY A 17 -0.55 -3.22 -3.19
CA GLY A 17 -0.48 -4.16 -2.08
C GLY A 17 -1.84 -4.76 -1.73
N ARG A 18 -1.81 -6.00 -1.26
CA ARG A 18 -3.02 -6.71 -0.87
C ARG A 18 -2.79 -7.44 0.44
N VAL A 19 -3.74 -7.32 1.35
CA VAL A 19 -3.64 -7.97 2.65
C VAL A 19 -4.39 -9.30 2.69
N GLU A 20 -3.66 -10.38 2.96
CA GLU A 20 -4.25 -11.70 3.04
C GLU A 20 -4.55 -12.07 4.49
N THR A 21 -5.78 -12.46 4.76
CA THR A 21 -6.20 -12.84 6.10
C THR A 21 -7.45 -13.71 6.07
N CYS A 22 -7.68 -14.45 7.16
CA CYS A 22 -8.84 -15.31 7.27
C CYS A 22 -10.13 -14.58 6.89
N GLY A 23 -10.52 -13.62 7.73
CA GLY A 23 -11.73 -12.85 7.46
C GLY A 23 -12.50 -12.54 8.73
N GLY A 24 -13.82 -12.77 8.68
CA GLY A 24 -14.65 -12.50 9.84
C GLY A 24 -14.77 -13.70 10.77
N CYS A 25 -13.65 -14.37 11.01
CA CYS A 25 -13.62 -15.53 11.89
C CYS A 25 -13.41 -15.10 13.35
N GLN A 26 -12.52 -14.14 13.55
CA GLN A 26 -12.23 -13.64 14.89
C GLN A 26 -11.34 -12.39 14.82
N LEU A 27 -10.03 -12.60 14.79
CA LEU A 27 -9.07 -11.50 14.73
C LEU A 27 -9.30 -10.50 15.87
N ASN A 28 -9.98 -10.96 16.92
CA ASN A 28 -10.26 -10.12 18.08
C ASN A 28 -8.99 -9.92 18.90
N ARG A 29 -8.24 -11.00 19.06
CA ARG A 29 -6.99 -10.99 19.82
C ARG A 29 -6.08 -9.84 19.38
N LEU A 30 -6.11 -9.53 18.08
CA LEU A 30 -5.29 -8.46 17.54
C LEU A 30 -6.14 -7.29 17.08
N LYS A 31 -6.96 -6.76 18.01
CA LYS A 31 -7.84 -5.64 17.72
C LYS A 31 -7.20 -4.63 16.79
N GLU A 32 -5.90 -4.39 16.97
CA GLU A 32 -5.18 -3.47 16.11
C GLU A 32 -5.34 -3.90 14.66
N VAL A 33 -4.73 -5.03 14.30
CA VAL A 33 -4.83 -5.58 12.96
C VAL A 33 -6.24 -5.43 12.39
N LYS A 34 -7.24 -5.98 13.09
CA LYS A 34 -8.63 -5.90 12.66
C LYS A 34 -8.98 -4.51 12.18
N ALA A 35 -8.52 -3.50 12.91
CA ALA A 35 -8.81 -2.11 12.55
C ALA A 35 -8.28 -1.80 11.16
N PHE A 36 -6.96 -1.86 11.00
CA PHE A 36 -6.33 -1.60 9.71
C PHE A 36 -7.03 -2.33 8.57
N VAL A 37 -7.40 -3.57 8.81
CA VAL A 37 -8.06 -4.38 7.79
C VAL A 37 -9.57 -4.32 7.93
N THR A 38 -10.12 -3.11 7.92
CA THR A 38 -11.56 -2.91 8.02
C THR A 38 -11.95 -1.50 7.58
N GLU A 39 -11.42 -0.51 8.30
CA GLU A 39 -11.71 0.88 7.99
C GLU A 39 -10.66 1.49 7.06
N ASP A 40 -9.40 1.45 7.48
CA ASP A 40 -8.31 2.04 6.71
C ASP A 40 -8.05 1.29 5.40
N ILE A 41 -8.08 -0.03 5.43
CA ILE A 41 -7.81 -0.83 4.23
C ILE A 41 -8.74 -0.48 3.07
N GLN A 42 -9.88 0.13 3.36
CA GLN A 42 -10.83 0.49 2.32
C GLN A 42 -10.54 1.89 1.80
N LEU A 43 -9.81 2.66 2.61
CA LEU A 43 -9.44 4.03 2.26
C LEU A 43 -8.10 4.07 1.55
N TYR A 44 -7.25 3.09 1.85
CA TYR A 44 -5.93 3.02 1.25
C TYR A 44 -6.02 2.55 -0.20
N HIS A 45 -5.71 3.45 -1.13
CA HIS A 45 -5.75 3.13 -2.55
C HIS A 45 -4.75 2.02 -2.89
N ASN A 46 -5.11 1.20 -3.89
CA ASN A 46 -4.25 0.10 -4.31
C ASN A 46 -4.03 -0.90 -3.17
N LEU A 47 -4.87 -0.82 -2.14
CA LEU A 47 -4.77 -1.71 -1.01
C LEU A 47 -6.10 -2.42 -0.77
N VAL A 48 -6.19 -3.66 -1.23
CA VAL A 48 -7.41 -4.44 -1.07
C VAL A 48 -7.24 -5.56 -0.06
N MET A 49 -8.34 -5.89 0.64
CA MET A 49 -8.32 -6.95 1.62
C MET A 49 -8.66 -8.29 0.96
N LYS A 50 -8.10 -9.36 1.49
CA LYS A 50 -8.33 -10.69 0.97
C LYS A 50 -8.85 -11.63 2.05
N HIS A 51 -9.89 -12.38 1.70
CA HIS A 51 -10.51 -13.31 2.64
C HIS A 51 -10.12 -14.77 2.36
N LEU A 52 -8.95 -15.17 2.84
CA LEU A 52 -8.49 -16.54 2.67
C LEU A 52 -9.21 -17.48 3.64
N PRO A 53 -9.28 -18.79 3.32
CA PRO A 53 -9.95 -19.77 4.18
C PRO A 53 -9.57 -19.62 5.64
N GLY A 54 -8.27 -19.54 5.91
CA GLY A 54 -7.79 -19.40 7.27
C GLY A 54 -6.29 -19.19 7.33
N ALA A 55 -5.88 -17.94 7.25
CA ALA A 55 -4.45 -17.61 7.28
C ALA A 55 -4.17 -16.42 8.20
N ASP A 56 -2.91 -15.99 8.23
CA ASP A 56 -2.50 -14.88 9.06
C ASP A 56 -2.56 -13.56 8.29
N PRO A 57 -2.90 -12.45 8.97
CA PRO A 57 -3.00 -11.12 8.33
C PRO A 57 -1.64 -10.58 7.89
N GLU A 58 -1.26 -10.85 6.65
CA GLU A 58 0.01 -10.38 6.12
C GLU A 58 -0.19 -9.56 4.84
N LEU A 59 0.56 -8.48 4.72
CA LEU A 59 0.48 -7.60 3.55
C LEU A 59 1.21 -8.25 2.37
N VAL A 60 0.76 -7.93 1.15
CA VAL A 60 1.37 -8.48 -0.05
C VAL A 60 1.69 -7.39 -1.07
N LEU A 61 2.90 -6.85 -1.00
CA LEU A 61 3.31 -5.80 -1.92
C LEU A 61 3.59 -6.39 -3.31
N LEU A 62 2.57 -6.43 -4.15
CA LEU A 62 2.70 -6.98 -5.49
C LEU A 62 3.28 -5.97 -6.48
N SER A 63 3.44 -6.39 -7.73
CA SER A 63 3.95 -5.51 -8.78
C SER A 63 2.92 -5.34 -9.89
N ARG A 64 1.98 -4.44 -9.66
CA ARG A 64 0.90 -4.13 -10.62
C ARG A 64 0.16 -5.39 -11.09
N ASN A 65 0.79 -6.16 -11.98
CA ASN A 65 0.18 -7.37 -12.52
C ASN A 65 0.00 -8.47 -11.47
N TYR A 66 -0.10 -8.07 -10.20
CA TYR A 66 -0.29 -9.01 -9.11
C TYR A 66 0.95 -9.89 -8.92
N GLN A 67 2.10 -9.36 -9.32
CA GLN A 67 3.35 -10.10 -9.17
C GLN A 67 3.89 -9.94 -7.75
N GLU A 68 3.26 -10.64 -6.82
CA GLU A 68 3.66 -10.61 -5.41
C GLU A 68 5.19 -10.55 -5.28
N LEU A 69 5.67 -9.39 -4.81
CA LEU A 69 7.10 -9.17 -4.65
C LEU A 69 7.59 -9.48 -3.24
N GLU A 70 6.79 -9.08 -2.25
CA GLU A 70 7.16 -9.29 -0.86
C GLU A 70 5.92 -9.30 0.03
N ARG A 71 5.98 -10.08 1.10
CA ARG A 71 4.88 -10.17 2.05
C ARG A 71 5.40 -10.03 3.48
N ILE A 72 4.80 -9.12 4.23
CA ILE A 72 5.22 -8.87 5.60
C ILE A 72 4.04 -9.01 6.56
N PRO A 73 4.23 -9.69 7.70
CA PRO A 73 3.18 -9.89 8.69
C PRO A 73 2.70 -8.57 9.29
N LEU A 74 1.47 -8.57 9.78
CA LEU A 74 0.87 -7.39 10.39
C LEU A 74 0.23 -7.78 11.70
N SER A 75 0.11 -9.09 11.90
CA SER A 75 -0.48 -9.65 13.10
C SER A 75 0.26 -9.19 14.36
N GLN A 76 1.53 -8.85 14.20
CA GLN A 76 2.34 -8.42 15.33
C GLN A 76 2.25 -6.91 15.55
N MET A 77 2.53 -6.13 14.51
CA MET A 77 2.47 -4.68 14.60
C MET A 77 1.04 -4.21 14.89
N THR A 78 0.91 -2.96 15.33
CA THR A 78 -0.40 -2.40 15.64
C THR A 78 -0.88 -1.52 14.50
N ARG A 79 -2.18 -1.22 14.49
CA ARG A 79 -2.77 -0.38 13.44
C ARG A 79 -1.93 0.86 13.16
N ASP A 80 -1.45 1.51 14.22
CA ASP A 80 -0.64 2.71 14.08
C ASP A 80 0.68 2.44 13.37
N GLU A 81 1.30 1.31 13.71
CA GLU A 81 2.59 0.94 13.10
C GLU A 81 2.41 0.47 11.67
N ILE A 82 1.45 -0.41 11.45
CA ILE A 82 1.18 -0.95 10.12
C ILE A 82 0.81 0.17 9.14
N ASN A 83 0.23 1.25 9.66
CA ASN A 83 -0.17 2.38 8.82
C ASN A 83 1.04 3.20 8.42
N ALA A 84 1.98 3.32 9.35
CA ALA A 84 3.20 4.07 9.11
C ALA A 84 3.90 3.55 7.86
N LEU A 85 4.01 2.22 7.77
CA LEU A 85 4.65 1.57 6.64
C LEU A 85 3.94 1.90 5.32
N VAL A 86 2.62 1.67 5.28
CA VAL A 86 1.86 1.94 4.07
C VAL A 86 2.09 3.36 3.57
N GLN A 87 2.18 4.31 4.50
CA GLN A 87 2.42 5.71 4.15
C GLN A 87 3.86 5.88 3.71
N GLU A 88 4.74 5.15 4.37
CA GLU A 88 6.17 5.18 4.08
C GLU A 88 6.42 4.80 2.62
N LEU A 89 5.66 3.82 2.13
CA LEU A 89 5.79 3.36 0.76
C LEU A 89 5.31 4.42 -0.22
N GLY A 90 4.08 4.89 -0.03
CA GLY A 90 3.51 5.90 -0.91
C GLY A 90 2.02 5.73 -1.12
N PHE A 91 1.43 4.73 -0.48
CA PHE A 91 0.01 4.47 -0.60
C PHE A 91 -0.81 5.71 -0.25
N TYR A 92 -1.96 5.85 -0.90
CA TYR A 92 -2.85 6.99 -0.66
C TYR A 92 -3.87 6.65 0.43
N ARG A 93 -4.32 7.67 1.15
CA ARG A 93 -5.30 7.48 2.21
C ARG A 93 -6.36 8.57 2.15
N LYS A 94 -7.63 8.17 2.10
CA LYS A 94 -8.73 9.12 2.04
C LYS A 94 -9.49 9.16 3.37
N SER A 95 -10.54 9.98 3.40
CA SER A 95 -11.36 10.11 4.60
C SER A 95 -12.59 9.23 4.50
N ALA A 96 -12.98 8.92 3.27
CA ALA A 96 -14.13 8.06 3.02
C ALA A 96 -13.99 7.35 1.68
N PRO A 97 -14.69 6.21 1.51
CA PRO A 97 -14.63 5.41 0.27
C PRO A 97 -15.12 6.21 -0.94
N GLU A 98 -16.07 7.09 -0.70
CA GLU A 98 -16.63 7.93 -1.77
C GLU A 98 -15.61 8.99 -2.19
N ALA A 99 -14.77 9.39 -1.24
CA ALA A 99 -13.76 10.41 -1.49
C ALA A 99 -12.84 9.99 -2.62
N GLN A 100 -12.93 10.70 -3.75
CA GLN A 100 -12.10 10.41 -4.91
C GLN A 100 -10.63 10.67 -4.62
N VAL A 101 -9.78 10.30 -5.56
CA VAL A 101 -8.34 10.50 -5.41
C VAL A 101 -7.78 11.28 -6.60
N PRO A 102 -6.96 12.32 -6.35
CA PRO A 102 -6.37 13.13 -7.42
C PRO A 102 -5.71 12.27 -8.49
N PRO A 103 -5.74 12.73 -9.76
CA PRO A 103 -5.16 11.99 -10.88
C PRO A 103 -3.66 11.77 -10.72
N GLU A 104 -3.02 12.68 -9.99
CA GLU A 104 -1.58 12.59 -9.75
C GLU A 104 -1.26 11.49 -8.75
N TYR A 105 -2.09 11.38 -7.72
CA TYR A 105 -1.90 10.37 -6.69
C TYR A 105 -2.72 9.11 -6.93
N LEU A 106 -3.29 8.99 -8.13
CA LEU A 106 -4.09 7.82 -8.47
C LEU A 106 -3.18 6.63 -8.78
N TRP A 107 -1.98 6.90 -9.29
CA TRP A 107 -1.04 5.84 -9.62
C TRP A 107 -0.38 5.31 -8.36
N ALA A 108 -0.42 6.11 -7.29
CA ALA A 108 0.18 5.73 -6.02
C ALA A 108 -0.12 4.27 -5.67
N PRO A 109 0.83 3.56 -5.01
CA PRO A 109 2.14 4.13 -4.60
C PRO A 109 3.06 4.40 -5.79
N ALA A 110 2.67 3.94 -6.96
CA ALA A 110 3.45 4.14 -8.18
C ALA A 110 3.46 5.61 -8.58
N LYS A 111 4.65 6.13 -8.89
CA LYS A 111 4.78 7.53 -9.29
C LYS A 111 4.43 7.70 -10.77
N PRO A 112 3.81 8.84 -11.13
CA PRO A 112 3.42 9.13 -12.51
C PRO A 112 4.63 9.44 -13.40
N PRO A 113 4.55 9.10 -14.70
CA PRO A 113 5.65 9.34 -15.64
C PRO A 113 5.81 10.82 -15.95
N GLU A 114 6.49 11.11 -17.06
CA GLU A 114 6.71 12.48 -17.49
C GLU A 114 5.41 13.09 -18.00
N GLU A 115 5.52 13.94 -19.02
CA GLU A 115 4.35 14.60 -19.59
C GLU A 115 3.81 13.82 -20.78
N ALA A 116 3.09 12.74 -20.50
CA ALA A 116 2.51 11.91 -21.55
C ALA A 116 1.17 12.46 -22.02
N SER A 117 0.88 13.70 -21.65
CA SER A 117 -0.37 14.34 -22.05
C SER A 117 -0.15 15.27 -23.24
N GLU A 118 1.01 15.14 -23.88
CA GLU A 118 1.34 15.96 -25.03
C GLU A 118 1.48 15.11 -26.29
N HIS A 119 0.65 15.39 -27.28
CA HIS A 119 0.68 14.65 -28.54
C HIS A 119 1.34 15.47 -29.64
N ASP A 120 1.15 16.79 -29.58
CA ASP A 120 1.73 17.69 -30.57
C ASP A 120 2.97 18.38 -30.02
N ASP A 121 4.13 18.00 -30.54
CA ASP A 121 5.40 18.58 -30.10
C ASP A 121 5.91 19.60 -31.12
N LEU A 122 5.42 20.84 -31.00
CA LEU A 122 5.82 21.90 -31.92
C LEU A 122 6.96 22.73 -31.32
N GLU A 123 8.07 22.07 -31.02
CA GLU A 123 9.24 22.72 -30.45
C GLU A 123 8.87 23.48 -29.17
N HIS A 124 8.61 24.78 -29.31
CA HIS A 124 8.25 25.63 -28.18
C HIS A 124 7.28 26.72 -28.61
N HIS A 125 7.03 26.79 -29.92
CA HIS A 125 6.13 27.79 -30.47
C HIS A 125 4.68 27.31 -30.42
N HIS A 126 4.40 26.37 -29.53
CA HIS A 126 3.06 25.82 -29.39
C HIS A 126 2.22 26.68 -28.44
N HIS A 127 0.92 26.78 -28.74
CA HIS A 127 0.01 27.57 -27.93
C HIS A 127 -0.07 27.04 -26.50
N HIS A 128 0.69 27.66 -25.61
CA HIS A 128 0.71 27.25 -24.20
C HIS A 128 1.49 28.26 -23.36
N HIS A 129 2.57 28.79 -23.93
CA HIS A 129 3.41 29.76 -23.23
C HIS A 129 3.92 29.21 -21.91
N MET A 1 9.11 12.07 11.42
CA MET A 1 10.27 11.85 12.33
C MET A 1 10.50 10.35 12.56
N THR A 2 10.65 9.62 11.46
CA THR A 2 10.88 8.18 11.53
C THR A 2 12.36 7.84 11.39
N ASN A 3 12.76 6.72 11.96
CA ASN A 3 14.15 6.28 11.90
C ASN A 3 14.24 4.85 11.37
N TYR A 4 13.08 4.28 11.04
CA TYR A 4 13.02 2.92 10.51
C TYR A 4 13.12 2.92 8.99
N ARG A 5 13.64 1.83 8.44
CA ARG A 5 13.79 1.70 6.99
C ARG A 5 13.42 0.29 6.54
N PRO A 6 12.60 0.17 5.47
CA PRO A 6 12.17 -1.12 4.93
C PRO A 6 13.24 -1.75 4.05
N ASP A 7 12.90 -2.89 3.45
CA ASP A 7 13.83 -3.59 2.57
C ASP A 7 13.58 -3.17 1.13
N TRP A 8 13.92 -1.92 0.81
CA TRP A 8 13.72 -1.39 -0.52
C TRP A 8 14.40 -2.26 -1.59
N ASN A 9 15.56 -2.82 -1.24
CA ASN A 9 16.29 -3.67 -2.18
C ASN A 9 15.48 -4.93 -2.46
N ARG A 10 14.43 -5.11 -1.69
CA ARG A 10 13.54 -6.25 -1.80
C ARG A 10 12.11 -5.80 -2.11
N LEU A 11 11.87 -4.50 -1.98
CA LEU A 11 10.55 -3.94 -2.24
C LEU A 11 10.44 -3.30 -3.61
N ARG A 12 11.59 -2.95 -4.18
CA ARG A 12 11.66 -2.33 -5.51
C ARG A 12 10.67 -2.98 -6.47
N GLY A 13 9.83 -2.15 -7.09
CA GLY A 13 8.85 -2.65 -8.04
C GLY A 13 7.43 -2.63 -7.50
N LEU A 14 7.31 -2.47 -6.19
CA LEU A 14 6.00 -2.43 -5.53
C LEU A 14 5.13 -1.32 -6.12
N ALA A 15 4.05 -1.72 -6.79
CA ALA A 15 3.12 -0.77 -7.37
C ALA A 15 1.76 -0.87 -6.69
N ARG A 16 1.54 -1.97 -5.97
CA ARG A 16 0.28 -2.17 -5.26
C ARG A 16 0.44 -3.16 -4.11
N GLY A 17 -0.56 -3.23 -3.25
CA GLY A 17 -0.50 -4.13 -2.10
C GLY A 17 -1.84 -4.77 -1.78
N ARG A 18 -1.81 -6.01 -1.33
CA ARG A 18 -3.01 -6.74 -0.96
C ARG A 18 -2.79 -7.49 0.35
N VAL A 19 -3.75 -7.40 1.25
CA VAL A 19 -3.65 -8.04 2.54
C VAL A 19 -4.44 -9.36 2.58
N GLU A 20 -3.73 -10.44 2.86
CA GLU A 20 -4.34 -11.76 2.95
C GLU A 20 -4.59 -12.14 4.41
N THR A 21 -5.84 -12.48 4.72
CA THR A 21 -6.19 -12.85 6.09
C THR A 21 -7.37 -13.81 6.13
N CYS A 22 -7.42 -14.62 7.18
CA CYS A 22 -8.48 -15.59 7.37
C CYS A 22 -9.84 -14.90 7.57
N GLY A 23 -9.78 -13.61 7.89
CA GLY A 23 -11.00 -12.84 8.10
C GLY A 23 -11.66 -13.13 9.44
N GLY A 24 -12.84 -13.76 9.40
CA GLY A 24 -13.54 -14.08 10.63
C GLY A 24 -13.28 -15.48 11.11
N CYS A 25 -12.41 -15.60 12.12
CA CYS A 25 -12.07 -16.90 12.69
C CYS A 25 -11.26 -16.73 13.97
N GLN A 26 -10.24 -15.88 13.92
CA GLN A 26 -9.40 -15.62 15.08
C GLN A 26 -8.52 -14.39 14.85
N LEU A 27 -9.09 -13.22 15.09
CA LEU A 27 -8.36 -11.96 14.93
C LEU A 27 -8.80 -10.96 15.99
N ASN A 28 -9.78 -11.35 16.79
CA ASN A 28 -10.30 -10.50 17.85
C ASN A 28 -9.17 -10.09 18.80
N ARG A 29 -8.26 -11.01 19.03
CA ARG A 29 -7.12 -10.79 19.91
C ARG A 29 -6.20 -9.68 19.38
N LEU A 30 -6.23 -9.46 18.07
CA LEU A 30 -5.39 -8.44 17.45
C LEU A 30 -6.24 -7.25 16.98
N LYS A 31 -7.02 -6.69 17.92
CA LYS A 31 -7.90 -5.56 17.63
C LYS A 31 -7.28 -4.63 16.59
N GLU A 32 -5.99 -4.35 16.76
CA GLU A 32 -5.27 -3.50 15.83
C GLU A 32 -5.45 -4.01 14.40
N VAL A 33 -4.78 -5.12 14.11
CA VAL A 33 -4.85 -5.74 12.78
C VAL A 33 -6.25 -5.64 12.19
N LYS A 34 -7.24 -6.24 12.85
CA LYS A 34 -8.62 -6.21 12.39
C LYS A 34 -9.02 -4.84 11.88
N ALA A 35 -8.58 -3.80 12.58
CA ALA A 35 -8.91 -2.44 12.18
C ALA A 35 -8.33 -2.14 10.80
N PHE A 36 -7.00 -2.07 10.71
CA PHE A 36 -6.31 -1.81 9.44
C PHE A 36 -6.93 -2.59 8.28
N VAL A 37 -7.24 -3.86 8.52
CA VAL A 37 -7.81 -4.72 7.48
C VAL A 37 -9.25 -4.37 7.12
N THR A 38 -10.02 -3.81 8.05
CA THR A 38 -11.40 -3.46 7.75
C THR A 38 -11.56 -2.00 7.37
N GLU A 39 -11.16 -1.12 8.28
CA GLU A 39 -11.29 0.32 8.07
C GLU A 39 -10.24 0.90 7.13
N ASP A 40 -9.02 1.05 7.66
CA ASP A 40 -7.91 1.63 6.90
C ASP A 40 -7.72 1.01 5.51
N ILE A 41 -7.90 -0.30 5.40
CA ILE A 41 -7.69 -0.97 4.12
C ILE A 41 -8.63 -0.46 3.03
N GLN A 42 -9.79 0.06 3.42
CA GLN A 42 -10.76 0.57 2.47
C GLN A 42 -10.47 2.02 2.15
N LEU A 43 -9.63 2.62 2.98
CA LEU A 43 -9.24 4.02 2.82
C LEU A 43 -7.90 4.13 2.11
N TYR A 44 -7.16 3.04 2.13
CA TYR A 44 -5.85 3.00 1.48
C TYR A 44 -5.97 2.54 0.03
N HIS A 45 -5.66 3.45 -0.89
CA HIS A 45 -5.72 3.15 -2.32
C HIS A 45 -4.71 2.08 -2.67
N ASN A 46 -5.03 1.27 -3.68
CA ASN A 46 -4.14 0.20 -4.13
C ASN A 46 -3.94 -0.83 -3.02
N LEU A 47 -4.83 -0.81 -2.03
CA LEU A 47 -4.74 -1.75 -0.92
C LEU A 47 -6.08 -2.45 -0.70
N VAL A 48 -6.20 -3.66 -1.23
CA VAL A 48 -7.43 -4.43 -1.11
C VAL A 48 -7.30 -5.56 -0.09
N MET A 49 -8.44 -5.92 0.52
CA MET A 49 -8.47 -6.99 1.50
C MET A 49 -8.86 -8.31 0.85
N LYS A 50 -8.33 -9.40 1.38
CA LYS A 50 -8.62 -10.73 0.86
C LYS A 50 -9.00 -11.68 1.97
N HIS A 51 -9.78 -12.70 1.63
CA HIS A 51 -10.24 -13.69 2.60
C HIS A 51 -9.74 -15.09 2.25
N LEU A 52 -8.65 -15.50 2.88
CA LEU A 52 -8.09 -16.82 2.65
C LEU A 52 -8.78 -17.86 3.52
N PRO A 53 -8.73 -19.15 3.13
CA PRO A 53 -9.37 -20.23 3.89
C PRO A 53 -9.01 -20.15 5.38
N GLY A 54 -7.72 -20.12 5.68
CA GLY A 54 -7.27 -20.05 7.05
C GLY A 54 -5.80 -19.70 7.15
N ALA A 55 -5.47 -18.43 6.97
CA ALA A 55 -4.09 -17.96 7.05
C ALA A 55 -3.97 -16.76 7.97
N ASP A 56 -2.74 -16.24 8.09
CA ASP A 56 -2.48 -15.10 8.94
C ASP A 56 -2.57 -13.79 8.15
N PRO A 57 -2.94 -12.67 8.82
CA PRO A 57 -3.07 -11.36 8.17
C PRO A 57 -1.72 -10.77 7.78
N GLU A 58 -1.32 -10.99 6.53
CA GLU A 58 -0.04 -10.48 6.04
C GLU A 58 -0.24 -9.62 4.80
N LEU A 59 0.55 -8.57 4.69
CA LEU A 59 0.47 -7.67 3.54
C LEU A 59 1.20 -8.28 2.35
N VAL A 60 0.75 -7.97 1.14
CA VAL A 60 1.37 -8.51 -0.07
C VAL A 60 1.66 -7.40 -1.07
N LEU A 61 2.84 -6.80 -0.99
CA LEU A 61 3.21 -5.74 -1.90
C LEU A 61 3.51 -6.32 -3.27
N LEU A 62 2.49 -6.39 -4.11
CA LEU A 62 2.63 -6.96 -5.45
C LEU A 62 3.24 -5.97 -6.43
N SER A 63 3.38 -6.43 -7.67
CA SER A 63 3.92 -5.61 -8.74
C SER A 63 2.90 -5.40 -9.85
N ARG A 64 1.97 -4.47 -9.62
CA ARG A 64 0.91 -4.15 -10.58
C ARG A 64 0.15 -5.39 -11.08
N ASN A 65 0.80 -6.18 -11.94
CA ASN A 65 0.19 -7.38 -12.50
C ASN A 65 -0.06 -8.46 -11.44
N TYR A 66 -0.13 -8.05 -10.18
CA TYR A 66 -0.40 -8.97 -9.07
C TYR A 66 0.78 -9.91 -8.82
N GLN A 67 1.99 -9.42 -9.10
CA GLN A 67 3.19 -10.20 -8.88
C GLN A 67 3.73 -9.99 -7.47
N GLU A 68 3.09 -10.63 -6.48
CA GLU A 68 3.49 -10.53 -5.09
C GLU A 68 5.01 -10.44 -4.97
N LEU A 69 5.48 -9.26 -4.57
CA LEU A 69 6.92 -9.03 -4.44
C LEU A 69 7.43 -9.32 -3.03
N GLU A 70 6.63 -8.95 -2.04
CA GLU A 70 7.01 -9.15 -0.65
C GLU A 70 5.78 -9.29 0.24
N ARG A 71 5.89 -10.17 1.22
CA ARG A 71 4.80 -10.40 2.16
C ARG A 71 5.32 -10.29 3.60
N ILE A 72 4.70 -9.43 4.39
CA ILE A 72 5.12 -9.21 5.77
C ILE A 72 3.94 -9.32 6.73
N PRO A 73 4.12 -10.00 7.88
CA PRO A 73 3.05 -10.15 8.87
C PRO A 73 2.65 -8.82 9.48
N LEU A 74 1.34 -8.63 9.68
CA LEU A 74 0.82 -7.41 10.26
C LEU A 74 0.39 -7.63 11.71
N SER A 75 0.37 -8.90 12.11
CA SER A 75 0.00 -9.26 13.47
C SER A 75 1.07 -8.85 14.48
N GLN A 76 2.20 -8.40 13.97
CA GLN A 76 3.31 -7.99 14.83
C GLN A 76 3.16 -6.53 15.28
N MET A 77 3.17 -5.61 14.32
CA MET A 77 3.05 -4.19 14.63
C MET A 77 1.60 -3.82 14.91
N THR A 78 1.40 -2.63 15.49
CA THR A 78 0.07 -2.14 15.80
C THR A 78 -0.49 -1.32 14.64
N ARG A 79 -1.80 -1.11 14.63
CA ARG A 79 -2.46 -0.35 13.56
C ARG A 79 -1.64 0.88 13.19
N ASP A 80 -1.51 1.80 14.14
CA ASP A 80 -0.77 3.03 13.93
C ASP A 80 0.59 2.77 13.28
N GLU A 81 1.24 1.68 13.67
CA GLU A 81 2.56 1.35 13.12
C GLU A 81 2.44 0.84 11.68
N ILE A 82 1.50 -0.07 11.46
CA ILE A 82 1.30 -0.63 10.13
C ILE A 82 0.92 0.45 9.12
N ASN A 83 0.32 1.53 9.61
CA ASN A 83 -0.10 2.63 8.74
C ASN A 83 1.10 3.47 8.33
N ALA A 84 2.03 3.63 9.27
CA ALA A 84 3.24 4.40 9.02
C ALA A 84 3.97 3.88 7.80
N LEU A 85 4.13 2.56 7.74
CA LEU A 85 4.81 1.90 6.63
C LEU A 85 4.10 2.17 5.31
N VAL A 86 2.81 1.85 5.25
CA VAL A 86 2.03 2.04 4.02
C VAL A 86 2.23 3.45 3.47
N GLN A 87 2.22 4.43 4.36
CA GLN A 87 2.41 5.82 3.96
C GLN A 87 3.85 6.04 3.51
N GLU A 88 4.76 5.38 4.20
CA GLU A 88 6.17 5.45 3.89
C GLU A 88 6.44 4.99 2.45
N LEU A 89 5.70 3.96 2.04
CA LEU A 89 5.85 3.41 0.69
C LEU A 89 5.35 4.40 -0.36
N GLY A 90 4.10 4.83 -0.23
CA GLY A 90 3.54 5.77 -1.18
C GLY A 90 2.03 5.66 -1.31
N PHE A 91 1.45 4.67 -0.64
CA PHE A 91 0.00 4.46 -0.67
C PHE A 91 -0.74 5.72 -0.23
N TYR A 92 -1.98 5.87 -0.71
CA TYR A 92 -2.81 7.02 -0.36
C TYR A 92 -3.81 6.66 0.73
N ARG A 93 -4.20 7.66 1.53
CA ARG A 93 -5.17 7.45 2.59
C ARG A 93 -6.23 8.55 2.59
N LYS A 94 -7.49 8.16 2.55
CA LYS A 94 -8.59 9.11 2.54
C LYS A 94 -9.35 9.08 3.87
N SER A 95 -10.37 9.93 3.98
CA SER A 95 -11.18 10.02 5.18
C SER A 95 -12.40 9.12 5.07
N ALA A 96 -12.81 8.85 3.84
CA ALA A 96 -13.96 8.00 3.58
C ALA A 96 -13.83 7.32 2.22
N PRO A 97 -14.50 6.16 2.04
CA PRO A 97 -14.44 5.40 0.79
C PRO A 97 -14.97 6.19 -0.40
N GLU A 98 -15.92 7.09 -0.12
CA GLU A 98 -16.51 7.92 -1.15
C GLU A 98 -15.52 8.98 -1.61
N ALA A 99 -14.57 9.30 -0.75
CA ALA A 99 -13.56 10.31 -1.06
C ALA A 99 -12.73 9.91 -2.28
N GLN A 100 -12.40 10.91 -3.10
CA GLN A 100 -11.60 10.68 -4.30
C GLN A 100 -10.12 10.88 -4.02
N VAL A 101 -9.32 10.80 -5.08
CA VAL A 101 -7.87 10.98 -4.97
C VAL A 101 -7.34 11.92 -6.05
N PRO A 102 -6.50 12.89 -5.68
CA PRO A 102 -5.92 13.86 -6.64
C PRO A 102 -5.05 13.18 -7.69
N PRO A 103 -4.81 13.84 -8.84
CA PRO A 103 -3.99 13.28 -9.92
C PRO A 103 -2.61 12.86 -9.44
N GLU A 104 -2.09 13.58 -8.46
CA GLU A 104 -0.77 13.28 -7.90
C GLU A 104 -0.72 11.85 -7.38
N TYR A 105 -1.67 11.51 -6.52
CA TYR A 105 -1.72 10.17 -5.93
C TYR A 105 -2.77 9.29 -6.63
N LEU A 106 -3.18 9.71 -7.82
CA LEU A 106 -4.16 8.97 -8.59
C LEU A 106 -3.63 7.59 -8.99
N TRP A 107 -2.32 7.47 -9.09
CA TRP A 107 -1.68 6.22 -9.47
C TRP A 107 -0.88 5.65 -8.31
N ALA A 108 -0.87 6.40 -7.20
CA ALA A 108 -0.14 5.98 -6.00
C ALA A 108 -0.44 4.52 -5.67
N PRO A 109 0.54 3.79 -5.08
CA PRO A 109 1.87 4.31 -4.74
C PRO A 109 2.74 4.56 -5.97
N ALA A 110 2.28 4.08 -7.12
CA ALA A 110 3.01 4.25 -8.37
C ALA A 110 2.98 5.71 -8.83
N LYS A 111 4.16 6.30 -9.01
CA LYS A 111 4.25 7.69 -9.44
C LYS A 111 3.81 7.83 -10.90
N PRO A 112 3.14 8.95 -11.25
CA PRO A 112 2.68 9.19 -12.61
C PRO A 112 3.83 9.46 -13.58
N PRO A 113 3.69 9.06 -14.86
CA PRO A 113 4.73 9.25 -15.87
C PRO A 113 5.01 10.73 -16.12
N GLU A 114 6.24 11.04 -16.53
CA GLU A 114 6.64 12.40 -16.80
C GLU A 114 5.84 12.98 -17.97
N GLU A 115 5.67 12.17 -19.01
CA GLU A 115 4.94 12.59 -20.20
C GLU A 115 3.49 12.95 -19.87
N ALA A 116 3.07 12.67 -18.64
CA ALA A 116 1.72 12.98 -18.20
C ALA A 116 1.59 14.43 -17.77
N SER A 117 2.68 15.18 -17.90
CA SER A 117 2.69 16.59 -17.52
C SER A 117 3.80 17.33 -18.27
N GLU A 118 4.19 16.80 -19.42
CA GLU A 118 5.23 17.42 -20.24
C GLU A 118 4.63 18.22 -21.38
N HIS A 119 3.59 17.68 -21.98
CA HIS A 119 2.91 18.36 -23.10
C HIS A 119 1.74 19.20 -22.60
N ASP A 120 2.06 20.24 -21.84
CA ASP A 120 1.03 21.13 -21.30
C ASP A 120 0.55 22.12 -22.36
N ASP A 121 -0.74 22.44 -22.32
CA ASP A 121 -1.32 23.37 -23.28
C ASP A 121 -1.12 24.81 -22.83
N LEU A 122 0.12 25.29 -22.95
CA LEU A 122 0.46 26.66 -22.56
C LEU A 122 1.18 27.38 -23.69
N GLU A 123 0.94 28.68 -23.81
CA GLU A 123 1.57 29.49 -24.84
C GLU A 123 3.08 29.56 -24.64
N HIS A 124 3.82 29.05 -25.62
CA HIS A 124 5.28 29.04 -25.57
C HIS A 124 5.80 28.22 -24.38
N HIS A 125 4.87 27.53 -23.72
CA HIS A 125 5.22 26.70 -22.56
C HIS A 125 5.96 27.51 -21.50
N HIS A 126 7.28 27.57 -21.62
CA HIS A 126 8.10 28.32 -20.67
C HIS A 126 9.07 29.24 -21.40
N HIS A 127 9.99 28.64 -22.16
CA HIS A 127 10.98 29.41 -22.91
C HIS A 127 11.73 28.51 -23.89
N HIS A 128 11.22 28.43 -25.11
CA HIS A 128 11.85 27.60 -26.14
C HIS A 128 12.47 28.47 -27.22
N HIS A 129 13.57 27.98 -27.81
CA HIS A 129 14.27 28.73 -28.86
C HIS A 129 14.70 30.10 -28.37
N MET A 1 14.21 9.39 8.66
CA MET A 1 14.66 9.93 9.97
C MET A 1 13.97 9.20 11.12
N THR A 2 13.24 8.14 10.79
CA THR A 2 12.52 7.35 11.79
C THR A 2 13.39 6.19 12.28
N ASN A 3 14.70 6.29 12.02
CA ASN A 3 15.63 5.25 12.43
C ASN A 3 15.26 3.89 11.84
N TYR A 4 14.51 3.93 10.74
CA TYR A 4 14.07 2.71 10.07
C TYR A 4 14.03 2.89 8.56
N ARG A 5 14.31 1.81 7.84
CA ARG A 5 14.31 1.83 6.39
C ARG A 5 13.96 0.43 5.86
N PRO A 6 13.03 0.35 4.89
CA PRO A 6 12.57 -0.92 4.32
C PRO A 6 13.60 -1.60 3.44
N ASP A 7 13.21 -2.71 2.84
CA ASP A 7 14.10 -3.45 1.95
C ASP A 7 13.81 -3.08 0.50
N TRP A 8 14.11 -1.84 0.15
CA TRP A 8 13.87 -1.33 -1.19
C TRP A 8 14.50 -2.23 -2.26
N ASN A 9 15.68 -2.76 -1.98
CA ASN A 9 16.37 -3.63 -2.93
C ASN A 9 15.56 -4.91 -3.13
N ARG A 10 14.66 -5.16 -2.19
CA ARG A 10 13.80 -6.33 -2.23
C ARG A 10 12.35 -5.94 -2.55
N LEU A 11 12.08 -4.64 -2.48
CA LEU A 11 10.75 -4.12 -2.75
C LEU A 11 10.61 -3.56 -4.16
N ARG A 12 11.75 -3.30 -4.79
CA ARG A 12 11.79 -2.75 -6.15
C ARG A 12 10.66 -3.32 -7.02
N GLY A 13 9.82 -2.42 -7.53
CA GLY A 13 8.72 -2.84 -8.38
C GLY A 13 7.37 -2.72 -7.69
N LEU A 14 7.38 -2.59 -6.37
CA LEU A 14 6.16 -2.47 -5.59
C LEU A 14 5.30 -1.32 -6.10
N ALA A 15 4.15 -1.66 -6.68
CA ALA A 15 3.22 -0.66 -7.18
C ALA A 15 1.89 -0.73 -6.46
N ARG A 16 1.67 -1.83 -5.73
CA ARG A 16 0.42 -1.99 -4.98
C ARG A 16 0.58 -3.04 -3.89
N GLY A 17 -0.44 -3.17 -3.04
CA GLY A 17 -0.39 -4.13 -1.96
C GLY A 17 -1.74 -4.74 -1.63
N ARG A 18 -1.72 -5.99 -1.19
CA ARG A 18 -2.93 -6.71 -0.82
C ARG A 18 -2.72 -7.40 0.51
N VAL A 19 -3.69 -7.25 1.40
CA VAL A 19 -3.60 -7.86 2.71
C VAL A 19 -4.40 -9.16 2.78
N GLU A 20 -3.70 -10.25 3.04
CA GLU A 20 -4.33 -11.56 3.14
C GLU A 20 -4.68 -11.88 4.59
N THR A 21 -5.88 -12.38 4.81
CA THR A 21 -6.34 -12.73 6.15
C THR A 21 -7.64 -13.51 6.12
N CYS A 22 -7.95 -14.17 7.23
CA CYS A 22 -9.17 -14.97 7.32
C CYS A 22 -10.39 -14.07 7.58
N GLY A 23 -10.29 -13.21 8.58
CA GLY A 23 -11.38 -12.31 8.91
C GLY A 23 -12.37 -12.92 9.88
N GLY A 24 -12.92 -14.07 9.51
CA GLY A 24 -13.89 -14.74 10.37
C GLY A 24 -13.22 -15.61 11.42
N CYS A 25 -11.89 -15.63 11.42
CA CYS A 25 -11.12 -16.43 12.37
C CYS A 25 -10.81 -15.62 13.62
N GLN A 26 -11.87 -15.16 14.30
CA GLN A 26 -11.73 -14.37 15.52
C GLN A 26 -11.00 -13.05 15.24
N LEU A 27 -9.66 -13.10 15.24
CA LEU A 27 -8.85 -11.91 14.99
C LEU A 27 -9.13 -10.84 16.05
N ASN A 28 -9.79 -11.24 17.12
CA ASN A 28 -10.12 -10.34 18.21
C ASN A 28 -8.87 -10.03 19.03
N ARG A 29 -8.07 -11.07 19.24
CA ARG A 29 -6.83 -10.95 20.00
C ARG A 29 -5.95 -9.82 19.47
N LEU A 30 -6.06 -9.53 18.18
CA LEU A 30 -5.27 -8.48 17.56
C LEU A 30 -6.17 -7.35 17.08
N LYS A 31 -7.01 -6.82 17.99
CA LYS A 31 -7.93 -5.74 17.68
C LYS A 31 -7.31 -4.73 16.72
N GLU A 32 -6.02 -4.46 16.89
CA GLU A 32 -5.32 -3.53 16.02
C GLU A 32 -5.47 -4.00 14.57
N VAL A 33 -4.79 -5.10 14.25
CA VAL A 33 -4.86 -5.68 12.91
C VAL A 33 -6.25 -5.60 12.32
N LYS A 34 -7.24 -6.18 13.02
CA LYS A 34 -8.62 -6.17 12.55
C LYS A 34 -9.04 -4.77 12.10
N ALA A 35 -8.62 -3.75 12.84
CA ALA A 35 -8.95 -2.38 12.50
C ALA A 35 -8.42 -2.02 11.12
N PHE A 36 -7.09 -1.98 10.97
CA PHE A 36 -6.45 -1.67 9.70
C PHE A 36 -7.12 -2.41 8.55
N VAL A 37 -7.45 -3.67 8.79
CA VAL A 37 -8.08 -4.51 7.78
C VAL A 37 -9.61 -4.52 7.92
N THR A 38 -10.21 -3.34 7.95
CA THR A 38 -11.66 -3.22 8.06
C THR A 38 -12.13 -1.82 7.66
N GLU A 39 -11.45 -0.81 8.17
CA GLU A 39 -11.81 0.58 7.87
C GLU A 39 -10.79 1.25 6.95
N ASP A 40 -9.55 1.35 7.41
CA ASP A 40 -8.49 2.00 6.65
C ASP A 40 -8.19 1.26 5.35
N ILE A 41 -8.19 -0.07 5.40
CA ILE A 41 -7.89 -0.88 4.22
C ILE A 41 -8.78 -0.55 3.03
N GLN A 42 -9.90 0.14 3.26
CA GLN A 42 -10.81 0.48 2.17
C GLN A 42 -10.50 1.87 1.64
N LEU A 43 -9.88 2.68 2.48
CA LEU A 43 -9.51 4.04 2.14
C LEU A 43 -8.15 4.07 1.45
N TYR A 44 -7.33 3.07 1.74
CA TYR A 44 -6.00 3.00 1.15
C TYR A 44 -6.07 2.48 -0.29
N HIS A 45 -5.69 3.34 -1.23
CA HIS A 45 -5.71 3.01 -2.64
C HIS A 45 -4.73 1.89 -2.94
N ASN A 46 -5.07 1.06 -3.92
CA ASN A 46 -4.21 -0.07 -4.31
C ASN A 46 -3.96 -1.02 -3.14
N LEU A 47 -4.77 -0.90 -2.10
CA LEU A 47 -4.64 -1.75 -0.93
C LEU A 47 -5.99 -2.41 -0.61
N VAL A 48 -6.15 -3.64 -1.06
CA VAL A 48 -7.40 -4.37 -0.85
C VAL A 48 -7.28 -5.48 0.19
N MET A 49 -8.42 -5.82 0.80
CA MET A 49 -8.48 -6.86 1.81
C MET A 49 -8.89 -8.20 1.19
N LYS A 50 -8.40 -9.28 1.79
CA LYS A 50 -8.72 -10.63 1.32
C LYS A 50 -9.18 -11.51 2.48
N HIS A 51 -10.17 -12.36 2.21
CA HIS A 51 -10.71 -13.24 3.22
C HIS A 51 -10.35 -14.71 2.96
N LEU A 52 -9.08 -15.05 3.08
CA LEU A 52 -8.62 -16.42 2.86
C LEU A 52 -8.73 -17.23 4.15
N PRO A 53 -9.51 -18.34 4.14
CA PRO A 53 -9.70 -19.20 5.30
C PRO A 53 -8.40 -19.54 6.03
N GLY A 54 -8.23 -18.96 7.22
CA GLY A 54 -7.03 -19.21 8.01
C GLY A 54 -5.75 -18.99 7.21
N ALA A 55 -5.49 -17.73 6.86
CA ALA A 55 -4.29 -17.39 6.10
C ALA A 55 -3.46 -16.36 6.83
N ASP A 56 -3.94 -16.00 7.99
CA ASP A 56 -3.30 -15.02 8.85
C ASP A 56 -3.18 -13.66 8.15
N PRO A 57 -3.14 -12.56 8.93
CA PRO A 57 -3.04 -11.21 8.38
C PRO A 57 -1.60 -10.84 8.00
N GLU A 58 -1.38 -10.68 6.69
CA GLU A 58 -0.06 -10.31 6.18
C GLU A 58 -0.18 -9.45 4.93
N LEU A 59 0.68 -8.45 4.80
CA LEU A 59 0.66 -7.57 3.64
C LEU A 59 1.37 -8.21 2.46
N VAL A 60 0.89 -7.93 1.25
CA VAL A 60 1.49 -8.49 0.05
C VAL A 60 1.81 -7.39 -0.96
N LEU A 61 3.01 -6.84 -0.90
CA LEU A 61 3.42 -5.79 -1.82
C LEU A 61 3.68 -6.36 -3.21
N LEU A 62 2.66 -6.35 -4.04
CA LEU A 62 2.77 -6.88 -5.40
C LEU A 62 3.31 -5.84 -6.37
N SER A 63 3.43 -6.22 -7.64
CA SER A 63 3.91 -5.32 -8.67
C SER A 63 2.82 -5.11 -9.72
N ARG A 64 1.88 -4.23 -9.39
CA ARG A 64 0.75 -3.90 -10.28
C ARG A 64 -0.03 -5.13 -10.75
N ASN A 65 0.56 -5.88 -11.69
CA ASN A 65 -0.08 -7.07 -12.25
C ASN A 65 -0.17 -8.23 -11.25
N TYR A 66 -0.31 -7.91 -9.96
CA TYR A 66 -0.44 -8.91 -8.92
C TYR A 66 0.83 -9.75 -8.81
N GLN A 67 1.94 -9.18 -9.26
CA GLN A 67 3.22 -9.88 -9.19
C GLN A 67 3.80 -9.78 -7.79
N GLU A 68 3.20 -10.51 -6.85
CA GLU A 68 3.65 -10.54 -5.46
C GLU A 68 5.18 -10.48 -5.37
N LEU A 69 5.68 -9.36 -4.86
CA LEU A 69 7.12 -9.15 -4.73
C LEU A 69 7.63 -9.52 -3.34
N GLU A 70 6.85 -9.18 -2.32
CA GLU A 70 7.23 -9.46 -0.94
C GLU A 70 6.02 -9.46 -0.02
N ARG A 71 6.11 -10.23 1.05
CA ARG A 71 5.03 -10.32 2.02
C ARG A 71 5.57 -10.19 3.44
N ILE A 72 4.94 -9.31 4.21
CA ILE A 72 5.35 -9.07 5.59
C ILE A 72 4.15 -9.17 6.53
N PRO A 73 4.33 -9.77 7.72
CA PRO A 73 3.22 -9.93 8.66
C PRO A 73 2.79 -8.61 9.29
N LEU A 74 1.55 -8.59 9.78
CA LEU A 74 0.97 -7.40 10.40
C LEU A 74 0.35 -7.79 11.74
N SER A 75 0.30 -9.10 11.96
CA SER A 75 -0.28 -9.67 13.16
C SER A 75 0.51 -9.25 14.40
N GLN A 76 1.71 -8.70 14.17
CA GLN A 76 2.56 -8.27 15.28
C GLN A 76 2.49 -6.76 15.47
N MET A 77 2.63 -6.01 14.37
CA MET A 77 2.58 -4.56 14.42
C MET A 77 1.18 -4.07 14.74
N THR A 78 1.09 -2.90 15.35
CA THR A 78 -0.19 -2.31 15.70
C THR A 78 -0.69 -1.42 14.56
N ARG A 79 -1.97 -1.06 14.60
CA ARG A 79 -2.57 -0.22 13.57
C ARG A 79 -1.65 0.93 13.19
N ASP A 80 -1.34 1.77 14.18
CA ASP A 80 -0.49 2.93 13.98
C ASP A 80 0.83 2.56 13.28
N GLU A 81 1.35 1.38 13.60
CA GLU A 81 2.61 0.92 13.01
C GLU A 81 2.41 0.45 11.57
N ILE A 82 1.38 -0.37 11.35
CA ILE A 82 1.09 -0.88 10.04
C ILE A 82 0.74 0.23 9.07
N ASN A 83 0.18 1.32 9.59
CA ASN A 83 -0.21 2.46 8.76
C ASN A 83 1.03 3.23 8.32
N ALA A 84 2.02 3.27 9.20
CA ALA A 84 3.27 3.96 8.93
C ALA A 84 3.93 3.38 7.68
N LEU A 85 3.99 2.05 7.63
CA LEU A 85 4.60 1.36 6.49
C LEU A 85 3.90 1.71 5.18
N VAL A 86 2.58 1.58 5.15
CA VAL A 86 1.81 1.87 3.94
C VAL A 86 2.11 3.29 3.43
N GLN A 87 2.10 4.25 4.35
CA GLN A 87 2.37 5.64 3.98
C GLN A 87 3.82 5.80 3.55
N GLU A 88 4.70 5.09 4.23
CA GLU A 88 6.13 5.11 3.93
C GLU A 88 6.37 4.85 2.45
N LEU A 89 5.72 3.82 1.93
CA LEU A 89 5.87 3.44 0.53
C LEU A 89 5.35 4.54 -0.39
N GLY A 90 4.13 5.00 -0.13
CA GLY A 90 3.54 6.04 -0.95
C GLY A 90 2.05 5.86 -1.18
N PHE A 91 1.45 4.87 -0.49
CA PHE A 91 0.03 4.61 -0.63
C PHE A 91 -0.79 5.85 -0.29
N TYR A 92 -1.99 5.93 -0.87
CA TYR A 92 -2.87 7.06 -0.65
C TYR A 92 -3.96 6.71 0.36
N ARG A 93 -4.33 7.67 1.19
CA ARG A 93 -5.37 7.48 2.19
C ARG A 93 -6.43 8.57 2.09
N LYS A 94 -7.69 8.17 1.96
CA LYS A 94 -8.79 9.13 1.85
C LYS A 94 -9.62 9.17 3.13
N SER A 95 -10.69 9.96 3.11
CA SER A 95 -11.57 10.08 4.27
C SER A 95 -12.77 9.15 4.11
N ALA A 96 -13.13 8.87 2.86
CA ALA A 96 -14.26 7.99 2.57
C ALA A 96 -14.02 7.23 1.27
N PRO A 97 -14.70 6.08 1.10
CA PRO A 97 -14.57 5.25 -0.10
C PRO A 97 -15.02 5.97 -1.36
N GLU A 98 -16.04 6.82 -1.22
CA GLU A 98 -16.56 7.57 -2.36
C GLU A 98 -15.57 8.64 -2.79
N ALA A 99 -14.67 9.02 -1.87
CA ALA A 99 -13.67 10.04 -2.16
C ALA A 99 -12.75 9.60 -3.29
N GLN A 100 -12.37 10.55 -4.14
CA GLN A 100 -11.49 10.26 -5.27
C GLN A 100 -10.04 10.49 -4.89
N VAL A 101 -9.15 10.35 -5.87
CA VAL A 101 -7.72 10.53 -5.64
C VAL A 101 -7.12 11.49 -6.67
N PRO A 102 -6.38 12.53 -6.20
CA PRO A 102 -5.76 13.51 -7.10
C PRO A 102 -4.76 12.87 -8.07
N PRO A 103 -4.43 13.56 -9.18
CA PRO A 103 -3.49 13.05 -10.17
C PRO A 103 -2.14 12.72 -9.56
N GLU A 104 -1.80 13.42 -8.49
CA GLU A 104 -0.53 13.20 -7.81
C GLU A 104 -0.39 11.74 -7.38
N TYR A 105 -1.41 11.24 -6.70
CA TYR A 105 -1.40 9.85 -6.23
C TYR A 105 -2.29 8.97 -7.10
N LEU A 106 -2.58 9.44 -8.31
CA LEU A 106 -3.42 8.71 -9.24
C LEU A 106 -2.90 7.29 -9.48
N TRP A 107 -1.57 7.15 -9.55
CA TRP A 107 -0.94 5.85 -9.78
C TRP A 107 -0.21 5.38 -8.54
N ALA A 108 -0.14 6.24 -7.53
CA ALA A 108 0.53 5.91 -6.27
C ALA A 108 0.10 4.52 -5.77
N PRO A 109 0.99 3.79 -5.06
CA PRO A 109 2.35 4.23 -4.73
C PRO A 109 3.26 4.33 -5.95
N ALA A 110 2.82 3.76 -7.07
CA ALA A 110 3.59 3.79 -8.30
C ALA A 110 3.62 5.19 -8.89
N LYS A 111 4.81 5.76 -9.00
CA LYS A 111 4.97 7.11 -9.55
C LYS A 111 4.43 7.19 -10.98
N PRO A 112 3.97 8.39 -11.40
CA PRO A 112 3.42 8.60 -12.74
C PRO A 112 4.35 8.10 -13.84
N PRO A 113 3.85 7.98 -15.09
CA PRO A 113 4.64 7.51 -16.23
C PRO A 113 6.03 8.11 -16.28
N GLU A 114 6.08 9.44 -16.46
CA GLU A 114 7.30 10.22 -16.54
C GLU A 114 8.57 9.43 -16.16
N GLU A 115 8.63 9.03 -14.89
CA GLU A 115 9.77 8.28 -14.35
C GLU A 115 10.45 7.37 -15.38
N ALA A 116 9.65 6.77 -16.26
CA ALA A 116 10.18 5.86 -17.29
C ALA A 116 11.27 6.53 -18.12
N SER A 117 11.94 5.73 -18.95
CA SER A 117 13.00 6.23 -19.81
C SER A 117 14.13 6.85 -18.99
N GLU A 118 15.02 6.00 -18.49
CA GLU A 118 16.15 6.45 -17.69
C GLU A 118 17.30 6.91 -18.58
N HIS A 119 18.42 7.25 -17.95
CA HIS A 119 19.60 7.71 -18.69
C HIS A 119 20.58 6.56 -18.91
N ASP A 120 20.61 6.05 -20.14
CA ASP A 120 21.50 4.95 -20.51
C ASP A 120 21.22 3.69 -19.69
N ASP A 121 21.76 3.64 -18.48
CA ASP A 121 21.57 2.49 -17.58
C ASP A 121 21.65 1.17 -18.35
N LEU A 122 22.87 0.80 -18.74
CA LEU A 122 23.10 -0.43 -19.47
C LEU A 122 22.71 -1.64 -18.64
N GLU A 123 22.18 -2.67 -19.31
CA GLU A 123 21.76 -3.89 -18.63
C GLU A 123 22.85 -4.96 -18.68
N HIS A 124 23.65 -4.93 -19.74
CA HIS A 124 24.73 -5.90 -19.91
C HIS A 124 25.91 -5.56 -19.00
N HIS A 125 25.99 -4.29 -18.59
CA HIS A 125 27.07 -3.83 -17.73
C HIS A 125 26.50 -3.28 -16.43
N HIS A 126 27.02 -3.76 -15.30
CA HIS A 126 26.56 -3.30 -13.99
C HIS A 126 27.73 -3.03 -13.06
N HIS A 127 27.57 -2.05 -12.19
CA HIS A 127 28.63 -1.69 -11.24
C HIS A 127 28.06 -1.54 -9.83
N HIS A 128 26.82 -1.96 -9.65
CA HIS A 128 26.15 -1.88 -8.35
C HIS A 128 24.98 -2.85 -8.28
N HIS A 129 24.46 -3.06 -7.07
CA HIS A 129 23.33 -3.96 -6.87
C HIS A 129 22.09 -3.44 -7.58
N MET A 1 19.55 2.62 16.42
CA MET A 1 18.76 2.05 15.29
C MET A 1 17.38 2.69 15.21
N THR A 2 17.26 3.75 14.41
CA THR A 2 16.00 4.45 14.24
C THR A 2 15.67 4.66 12.77
N ASN A 3 16.58 5.32 12.06
CA ASN A 3 16.38 5.59 10.63
C ASN A 3 16.41 4.30 9.83
N TYR A 4 15.25 3.63 9.75
CA TYR A 4 15.15 2.37 9.01
C TYR A 4 14.72 2.60 7.57
N ARG A 5 15.14 1.71 6.70
CA ARG A 5 14.80 1.77 5.29
C ARG A 5 14.43 0.37 4.78
N PRO A 6 13.40 0.28 3.91
CA PRO A 6 12.95 -0.99 3.36
C PRO A 6 13.94 -1.57 2.37
N ASP A 7 13.58 -2.73 1.81
CA ASP A 7 14.41 -3.41 0.84
C ASP A 7 14.01 -2.97 -0.56
N TRP A 8 14.24 -1.70 -0.87
CA TRP A 8 13.89 -1.15 -2.17
C TRP A 8 14.47 -1.97 -3.31
N ASN A 9 15.68 -2.51 -3.11
CA ASN A 9 16.32 -3.32 -4.14
C ASN A 9 15.54 -4.61 -4.37
N ARG A 10 14.72 -4.95 -3.39
CA ARG A 10 13.91 -6.15 -3.42
C ARG A 10 12.44 -5.79 -3.64
N LEU A 11 12.10 -4.53 -3.38
CA LEU A 11 10.73 -4.04 -3.53
C LEU A 11 10.48 -3.50 -4.93
N ARG A 12 11.56 -3.18 -5.64
CA ARG A 12 11.47 -2.64 -7.00
C ARG A 12 10.33 -3.28 -7.78
N GLY A 13 9.42 -2.43 -8.26
CA GLY A 13 8.28 -2.92 -9.03
C GLY A 13 6.97 -2.80 -8.27
N LEU A 14 7.07 -2.62 -6.95
CA LEU A 14 5.90 -2.47 -6.11
C LEU A 14 4.98 -1.37 -6.62
N ALA A 15 3.83 -1.76 -7.14
CA ALA A 15 2.86 -0.80 -7.66
C ALA A 15 1.54 -0.90 -6.91
N ARG A 16 1.37 -1.98 -6.13
CA ARG A 16 0.15 -2.18 -5.37
C ARG A 16 0.36 -3.15 -4.21
N GLY A 17 -0.66 -3.26 -3.36
CA GLY A 17 -0.58 -4.15 -2.21
C GLY A 17 -1.90 -4.79 -1.87
N ARG A 18 -1.84 -6.03 -1.38
CA ARG A 18 -3.04 -6.76 -1.00
C ARG A 18 -2.80 -7.48 0.33
N VAL A 19 -3.78 -7.38 1.23
CA VAL A 19 -3.66 -8.00 2.53
C VAL A 19 -4.44 -9.30 2.61
N GLU A 20 -3.73 -10.38 2.96
CA GLU A 20 -4.34 -11.69 3.09
C GLU A 20 -4.54 -12.04 4.55
N THR A 21 -5.78 -12.34 4.93
CA THR A 21 -6.08 -12.69 6.31
C THR A 21 -7.33 -13.55 6.42
N CYS A 22 -7.56 -14.10 7.61
CA CYS A 22 -8.72 -14.94 7.87
C CYS A 22 -9.68 -14.23 8.82
N GLY A 23 -10.43 -13.27 8.29
CA GLY A 23 -11.38 -12.53 9.10
C GLY A 23 -12.61 -13.35 9.44
N GLY A 24 -12.56 -14.06 10.56
CA GLY A 24 -13.68 -14.87 10.98
C GLY A 24 -13.26 -16.06 11.82
N CYS A 25 -11.95 -16.28 11.92
CA CYS A 25 -11.43 -17.40 12.70
C CYS A 25 -10.59 -16.91 13.87
N GLN A 26 -9.57 -16.10 13.57
CA GLN A 26 -8.69 -15.57 14.62
C GLN A 26 -8.12 -14.21 14.20
N LEU A 27 -8.51 -13.17 14.93
CA LEU A 27 -8.04 -11.81 14.66
C LEU A 27 -8.44 -10.87 15.78
N ASN A 28 -9.44 -11.28 16.56
CA ASN A 28 -9.94 -10.49 17.68
C ASN A 28 -8.78 -10.10 18.60
N ARG A 29 -7.91 -11.05 18.84
CA ARG A 29 -6.75 -10.87 19.71
C ARG A 29 -5.93 -9.63 19.32
N LEU A 30 -6.01 -9.24 18.05
CA LEU A 30 -5.26 -8.08 17.57
C LEU A 30 -6.19 -6.99 17.07
N LYS A 31 -7.04 -6.47 17.96
CA LYS A 31 -7.99 -5.41 17.63
C LYS A 31 -7.40 -4.42 16.64
N GLU A 32 -6.11 -4.13 16.81
CA GLU A 32 -5.43 -3.22 15.91
C GLU A 32 -5.49 -3.75 14.48
N VAL A 33 -4.77 -4.84 14.23
CA VAL A 33 -4.76 -5.47 12.91
C VAL A 33 -6.14 -5.47 12.27
N LYS A 34 -7.14 -6.03 12.95
CA LYS A 34 -8.51 -6.08 12.42
C LYS A 34 -8.96 -4.71 11.93
N ALA A 35 -8.59 -3.66 12.66
CA ALA A 35 -8.96 -2.31 12.27
C ALA A 35 -8.44 -2.00 10.87
N PHE A 36 -7.12 -1.97 10.73
CA PHE A 36 -6.47 -1.73 9.45
C PHE A 36 -7.10 -2.55 8.32
N VAL A 37 -7.46 -3.78 8.63
CA VAL A 37 -8.05 -4.69 7.64
C VAL A 37 -9.48 -4.33 7.25
N THR A 38 -10.26 -3.77 8.16
CA THR A 38 -11.64 -3.41 7.85
C THR A 38 -11.79 -1.96 7.41
N GLU A 39 -11.32 -1.05 8.25
CA GLU A 39 -11.43 0.38 7.99
C GLU A 39 -10.35 0.90 7.05
N ASP A 40 -9.14 1.03 7.58
CA ASP A 40 -8.00 1.57 6.83
C ASP A 40 -7.82 0.93 5.44
N ILE A 41 -8.03 -0.38 5.35
CA ILE A 41 -7.84 -1.06 4.08
C ILE A 41 -8.76 -0.53 2.97
N GLN A 42 -9.89 0.06 3.36
CA GLN A 42 -10.82 0.61 2.38
C GLN A 42 -10.45 2.05 2.05
N LEU A 43 -9.66 2.63 2.93
CA LEU A 43 -9.22 4.01 2.77
C LEU A 43 -7.85 4.07 2.11
N TYR A 44 -7.13 2.95 2.15
CA TYR A 44 -5.81 2.87 1.55
C TYR A 44 -5.91 2.47 0.09
N HIS A 45 -5.65 3.42 -0.80
CA HIS A 45 -5.70 3.16 -2.23
C HIS A 45 -4.74 2.06 -2.63
N ASN A 46 -5.08 1.32 -3.68
CA ASN A 46 -4.26 0.21 -4.16
C ASN A 46 -4.06 -0.83 -3.07
N LEU A 47 -4.99 -0.88 -2.12
CA LEU A 47 -4.91 -1.84 -1.03
C LEU A 47 -6.24 -2.56 -0.84
N VAL A 48 -6.31 -3.80 -1.29
CA VAL A 48 -7.53 -4.59 -1.17
C VAL A 48 -7.41 -5.69 -0.12
N MET A 49 -8.53 -6.04 0.50
CA MET A 49 -8.57 -7.07 1.53
C MET A 49 -8.98 -8.42 0.95
N LYS A 50 -8.50 -9.48 1.57
CA LYS A 50 -8.83 -10.84 1.14
C LYS A 50 -9.11 -11.75 2.33
N HIS A 51 -9.71 -12.90 2.04
CA HIS A 51 -10.05 -13.86 3.09
C HIS A 51 -9.51 -15.25 2.75
N LEU A 52 -8.33 -15.57 3.26
CA LEU A 52 -7.72 -16.87 3.02
C LEU A 52 -8.03 -17.85 4.15
N PRO A 53 -8.72 -18.96 3.83
CA PRO A 53 -9.07 -19.99 4.82
C PRO A 53 -7.89 -20.39 5.70
N GLY A 54 -7.95 -19.99 6.97
CA GLY A 54 -6.89 -20.33 7.91
C GLY A 54 -5.53 -19.78 7.49
N ALA A 55 -5.44 -18.46 7.41
CA ALA A 55 -4.19 -17.81 7.02
C ALA A 55 -3.81 -16.72 8.02
N ASP A 56 -2.65 -16.10 7.79
CA ASP A 56 -2.17 -15.04 8.67
C ASP A 56 -2.28 -13.68 7.99
N PRO A 57 -2.62 -12.62 8.76
CA PRO A 57 -2.77 -11.27 8.20
C PRO A 57 -1.44 -10.65 7.79
N GLU A 58 -1.05 -10.86 6.53
CA GLU A 58 0.19 -10.33 6.00
C GLU A 58 -0.05 -9.51 4.74
N LEU A 59 0.66 -8.38 4.62
CA LEU A 59 0.53 -7.52 3.45
C LEU A 59 1.24 -8.14 2.26
N VAL A 60 0.75 -7.87 1.06
CA VAL A 60 1.37 -8.42 -0.15
C VAL A 60 1.64 -7.33 -1.17
N LEU A 61 2.84 -6.74 -1.12
CA LEU A 61 3.22 -5.70 -2.05
C LEU A 61 3.54 -6.31 -3.41
N LEU A 62 2.54 -6.39 -4.28
CA LEU A 62 2.71 -6.97 -5.60
C LEU A 62 3.25 -5.97 -6.61
N SER A 63 3.43 -6.42 -7.85
CA SER A 63 3.92 -5.57 -8.91
C SER A 63 2.88 -5.45 -10.02
N ARG A 64 1.91 -4.56 -9.79
CA ARG A 64 0.82 -4.33 -10.75
C ARG A 64 0.09 -5.61 -11.18
N ASN A 65 0.73 -6.39 -12.03
CA ASN A 65 0.14 -7.63 -12.55
C ASN A 65 0.03 -8.71 -11.48
N TYR A 66 -0.13 -8.31 -10.22
CA TYR A 66 -0.28 -9.25 -9.12
C TYR A 66 0.99 -10.06 -8.92
N GLN A 67 2.12 -9.50 -9.35
CA GLN A 67 3.40 -10.17 -9.19
C GLN A 67 3.95 -9.98 -7.77
N GLU A 68 3.33 -10.69 -6.83
CA GLU A 68 3.74 -10.63 -5.41
C GLU A 68 5.25 -10.50 -5.28
N LEU A 69 5.70 -9.33 -4.84
CA LEU A 69 7.12 -9.05 -4.68
C LEU A 69 7.59 -9.31 -3.25
N GLU A 70 6.78 -8.93 -2.27
CA GLU A 70 7.14 -9.09 -0.88
C GLU A 70 5.91 -9.17 0.02
N ARG A 71 6.02 -9.95 1.08
CA ARG A 71 4.92 -10.10 2.04
C ARG A 71 5.45 -9.97 3.46
N ILE A 72 4.82 -9.11 4.26
CA ILE A 72 5.24 -8.88 5.63
C ILE A 72 4.07 -8.97 6.59
N PRO A 73 4.25 -9.63 7.76
CA PRO A 73 3.19 -9.78 8.75
C PRO A 73 2.79 -8.44 9.36
N LEU A 74 1.49 -8.24 9.48
CA LEU A 74 0.95 -6.99 10.04
C LEU A 74 0.76 -7.13 11.54
N SER A 75 0.71 -8.37 12.02
CA SER A 75 0.54 -8.64 13.44
C SER A 75 1.76 -8.17 14.23
N GLN A 76 1.70 -8.33 15.55
CA GLN A 76 2.80 -7.93 16.44
C GLN A 76 2.86 -6.41 16.57
N MET A 77 2.19 -5.70 15.67
CA MET A 77 2.17 -4.25 15.68
C MET A 77 0.75 -3.73 15.83
N THR A 78 0.60 -2.42 16.02
CA THR A 78 -0.71 -1.82 16.17
C THR A 78 -1.13 -1.15 14.86
N ARG A 79 -2.41 -0.81 14.77
CA ARG A 79 -2.93 -0.17 13.56
C ARG A 79 -2.10 1.06 13.20
N ASP A 80 -1.83 1.90 14.19
CA ASP A 80 -1.05 3.11 13.97
C ASP A 80 0.32 2.79 13.37
N GLU A 81 0.93 1.69 13.83
CA GLU A 81 2.25 1.29 13.35
C GLU A 81 2.16 0.74 11.93
N ILE A 82 1.21 -0.15 11.70
CA ILE A 82 1.04 -0.74 10.38
C ILE A 82 0.72 0.31 9.33
N ASN A 83 0.12 1.42 9.77
CA ASN A 83 -0.24 2.49 8.85
C ASN A 83 1.00 3.26 8.44
N ALA A 84 1.93 3.39 9.37
CA ALA A 84 3.18 4.08 9.12
C ALA A 84 3.91 3.47 7.93
N LEU A 85 4.05 2.15 7.95
CA LEU A 85 4.72 1.43 6.89
C LEU A 85 4.06 1.68 5.53
N VAL A 86 2.74 1.52 5.47
CA VAL A 86 2.02 1.74 4.21
C VAL A 86 2.30 3.11 3.64
N GLN A 87 2.37 4.11 4.53
CA GLN A 87 2.63 5.48 4.12
C GLN A 87 4.10 5.62 3.70
N GLU A 88 4.95 4.93 4.42
CA GLU A 88 6.38 4.93 4.15
C GLU A 88 6.66 4.58 2.69
N LEU A 89 5.96 3.56 2.20
CA LEU A 89 6.11 3.12 0.81
C LEU A 89 5.59 4.19 -0.15
N GLY A 90 4.35 4.64 0.08
CA GLY A 90 3.77 5.65 -0.78
C GLY A 90 2.26 5.55 -0.89
N PHE A 91 1.69 4.53 -0.26
CA PHE A 91 0.24 4.33 -0.29
C PHE A 91 -0.50 5.55 0.24
N TYR A 92 -1.67 5.81 -0.33
CA TYR A 92 -2.48 6.96 0.06
C TYR A 92 -3.60 6.54 1.03
N ARG A 93 -3.94 7.43 1.95
CA ARG A 93 -5.00 7.17 2.92
C ARG A 93 -6.03 8.30 2.90
N LYS A 94 -7.29 7.94 2.72
CA LYS A 94 -8.36 8.93 2.69
C LYS A 94 -9.27 8.80 3.91
N SER A 95 -10.25 9.69 4.02
CA SER A 95 -11.18 9.67 5.15
C SER A 95 -12.43 8.87 4.81
N ALA A 96 -12.70 8.73 3.52
CA ALA A 96 -13.86 7.99 3.05
C ALA A 96 -13.66 7.48 1.63
N PRO A 97 -14.38 6.42 1.25
CA PRO A 97 -14.27 5.82 -0.08
C PRO A 97 -14.60 6.80 -1.19
N GLU A 98 -15.48 7.75 -0.89
CA GLU A 98 -15.87 8.77 -1.86
C GLU A 98 -14.78 9.83 -2.00
N ALA A 99 -13.88 9.88 -1.03
CA ALA A 99 -12.79 10.85 -1.05
C ALA A 99 -11.80 10.55 -2.17
N GLN A 100 -11.46 11.57 -2.96
CA GLN A 100 -10.52 11.40 -4.07
C GLN A 100 -9.09 11.48 -3.57
N VAL A 101 -8.16 11.54 -4.52
CA VAL A 101 -6.74 11.62 -4.20
C VAL A 101 -6.06 12.77 -4.95
N PRO A 102 -5.31 13.62 -4.24
CA PRO A 102 -4.61 14.77 -4.86
C PRO A 102 -3.59 14.32 -5.90
N PRO A 103 -3.17 15.23 -6.80
CA PRO A 103 -2.19 14.92 -7.84
C PRO A 103 -0.91 14.34 -7.25
N GLU A 104 -0.60 14.75 -6.03
CA GLU A 104 0.60 14.26 -5.34
C GLU A 104 0.65 12.74 -5.32
N TYR A 105 -0.41 12.13 -4.79
CA TYR A 105 -0.49 10.68 -4.68
C TYR A 105 -1.39 10.10 -5.77
N LEU A 106 -1.56 10.85 -6.86
CA LEU A 106 -2.38 10.41 -7.97
C LEU A 106 -1.87 9.10 -8.57
N TRP A 107 -0.57 8.89 -8.48
CA TRP A 107 0.05 7.68 -9.01
C TRP A 107 0.52 6.76 -7.90
N ALA A 108 0.39 7.24 -6.66
CA ALA A 108 0.80 6.46 -5.49
C ALA A 108 0.31 5.01 -5.57
N PRO A 109 1.07 4.05 -5.01
CA PRO A 109 2.34 4.32 -4.31
C PRO A 109 3.46 4.74 -5.25
N ALA A 110 3.19 4.68 -6.56
CA ALA A 110 4.18 5.08 -7.55
C ALA A 110 4.38 6.59 -7.55
N LYS A 111 5.62 7.03 -7.68
CA LYS A 111 5.95 8.44 -7.67
C LYS A 111 5.62 9.10 -9.02
N PRO A 112 5.10 10.35 -8.99
CA PRO A 112 4.75 11.09 -10.22
C PRO A 112 5.95 11.28 -11.13
N PRO A 113 5.72 11.70 -12.39
CA PRO A 113 6.79 11.96 -13.37
C PRO A 113 7.83 12.97 -12.87
N GLU A 114 8.41 13.69 -13.82
CA GLU A 114 9.41 14.69 -13.50
C GLU A 114 8.79 15.85 -12.72
N GLU A 115 9.26 17.07 -13.00
CA GLU A 115 8.75 18.26 -12.32
C GLU A 115 7.26 18.41 -12.53
N ALA A 116 6.70 17.65 -13.47
CA ALA A 116 5.28 17.71 -13.77
C ALA A 116 4.80 19.15 -13.90
N SER A 117 5.28 19.84 -14.92
CA SER A 117 4.91 21.23 -15.16
C SER A 117 4.00 21.35 -16.38
N GLU A 118 3.10 22.32 -16.34
CA GLU A 118 2.16 22.55 -17.44
C GLU A 118 1.66 23.98 -17.45
N HIS A 119 2.40 24.86 -18.12
CA HIS A 119 2.02 26.26 -18.21
C HIS A 119 2.04 26.74 -19.66
N ASP A 120 3.20 26.63 -20.30
CA ASP A 120 3.35 27.03 -21.69
C ASP A 120 2.98 28.50 -21.89
N ASP A 121 3.97 29.38 -21.75
CA ASP A 121 3.75 30.81 -21.91
C ASP A 121 4.65 31.38 -22.99
N LEU A 122 4.08 32.25 -23.83
CA LEU A 122 4.82 32.86 -24.92
C LEU A 122 6.01 33.67 -24.39
N GLU A 123 7.17 33.45 -24.98
CA GLU A 123 8.38 34.16 -24.57
C GLU A 123 8.48 35.52 -25.24
N HIS A 124 7.32 36.19 -25.38
CA HIS A 124 7.26 37.50 -26.00
C HIS A 124 7.83 37.46 -27.42
N HIS A 125 7.19 36.67 -28.28
CA HIS A 125 7.63 36.54 -29.67
C HIS A 125 7.42 37.85 -30.42
N HIS A 126 8.51 38.46 -30.86
CA HIS A 126 8.44 39.72 -31.59
C HIS A 126 9.14 39.60 -32.94
N HIS A 127 10.02 38.62 -33.06
CA HIS A 127 10.75 38.39 -34.31
C HIS A 127 9.92 37.55 -35.28
N HIS A 128 9.81 38.03 -36.52
CA HIS A 128 9.04 37.34 -37.54
C HIS A 128 9.97 36.52 -38.44
N HIS A 129 11.27 36.55 -38.14
CA HIS A 129 12.26 35.82 -38.92
C HIS A 129 12.71 34.57 -38.19
#